data_1B5K
# 
_entry.id   1B5K 
# 
_audit_conform.dict_name       mmcif_pdbx.dic 
_audit_conform.dict_version    5.383 
_audit_conform.dict_location   http://mmcif.pdb.org/dictionaries/ascii/mmcif_pdbx.dic 
# 
loop_
_database_2.database_id 
_database_2.database_code 
_database_2.pdbx_database_accession 
_database_2.pdbx_DOI 
PDB   1B5K         pdb_00001b5k 10.2210/pdb1b5k/pdb 
RCSB  RCSB008011   ?            ?                   
WWPDB D_1000008011 ?            ?                   
# 
loop_
_pdbx_audit_revision_history.ordinal 
_pdbx_audit_revision_history.data_content_type 
_pdbx_audit_revision_history.major_revision 
_pdbx_audit_revision_history.minor_revision 
_pdbx_audit_revision_history.revision_date 
1 'Structure model' 1 0 1999-01-13 
2 'Structure model' 1 1 2008-04-27 
3 'Structure model' 1 2 2011-07-13 
4 'Structure model' 1 3 2012-01-18 
5 'Structure model' 1 4 2017-02-01 
6 'Structure model' 1 5 2023-12-27 
# 
_pdbx_audit_revision_details.ordinal             1 
_pdbx_audit_revision_details.revision_ordinal    1 
_pdbx_audit_revision_details.data_content_type   'Structure model' 
_pdbx_audit_revision_details.provider            repository 
_pdbx_audit_revision_details.type                'Initial release' 
_pdbx_audit_revision_details.description         ? 
_pdbx_audit_revision_details.details             ? 
# 
loop_
_pdbx_audit_revision_group.ordinal 
_pdbx_audit_revision_group.revision_ordinal 
_pdbx_audit_revision_group.data_content_type 
_pdbx_audit_revision_group.group 
1 2 'Structure model' 'Version format compliance' 
2 3 'Structure model' 'Version format compliance' 
3 4 'Structure model' 'Atomic model'              
4 5 'Structure model' 'Structure summary'         
5 6 'Structure model' 'Data collection'           
6 6 'Structure model' 'Database references'       
7 6 'Structure model' 'Derived calculations'      
# 
loop_
_pdbx_audit_revision_category.ordinal 
_pdbx_audit_revision_category.revision_ordinal 
_pdbx_audit_revision_category.data_content_type 
_pdbx_audit_revision_category.category 
1 6 'Structure model' chem_comp_atom    
2 6 'Structure model' chem_comp_bond    
3 6 'Structure model' database_2        
4 6 'Structure model' pdbx_nmr_software 
5 6 'Structure model' struct_conn       
# 
loop_
_pdbx_audit_revision_item.ordinal 
_pdbx_audit_revision_item.revision_ordinal 
_pdbx_audit_revision_item.data_content_type 
_pdbx_audit_revision_item.item 
1 6 'Structure model' '_database_2.pdbx_DOI'                
2 6 'Structure model' '_database_2.pdbx_database_accession' 
3 6 'Structure model' '_pdbx_nmr_software.name'             
4 6 'Structure model' '_struct_conn.pdbx_leaving_atom_flag' 
# 
_pdbx_database_status.status_code                     REL 
_pdbx_database_status.entry_id                        1B5K 
_pdbx_database_status.recvd_initial_deposition_date   1999-01-07 
_pdbx_database_status.deposit_site                    BNL 
_pdbx_database_status.process_site                    RCSB 
_pdbx_database_status.status_code_mr                  REL 
_pdbx_database_status.SG_entry                        . 
_pdbx_database_status.status_code_sf                  ? 
_pdbx_database_status.status_code_cs                  ? 
_pdbx_database_status.methods_development_category    ? 
_pdbx_database_status.pdb_format_compatible           Y 
_pdbx_database_status.status_code_nmr_data            ? 
# 
loop_
_audit_author.name 
_audit_author.pdbx_ordinal 
'Cullinan, D.'    1 
'Korobka, A.'     2 
'Grollman, A.P.'  3 
'Patel, D.J.'     4 
'Eisenberg, M.'   5 
'De Santos, C.L.' 6 
# 
_citation.id                        primary 
_citation.title                     
;NMR solution structure of an oligodeoxynucleotide duplex containing the exocyclic lesion 3,N4-etheno-2'-deoxycytidine opposite thymidine: comparison with the duplex containing deoxyadenosine opposite the adduct.
;
_citation.journal_abbrev            Biochemistry 
_citation.journal_volume            35 
_citation.page_first                13319 
_citation.page_last                 13327 
_citation.year                      1996 
_citation.journal_id_ASTM           BICHAW 
_citation.country                   US 
_citation.journal_id_ISSN           0006-2960 
_citation.journal_id_CSD            0033 
_citation.book_publisher            ? 
_citation.pdbx_database_id_PubMed   8873598 
_citation.pdbx_database_id_DOI      10.1021/bi9605705 
# 
loop_
_citation_author.citation_id 
_citation_author.name 
_citation_author.ordinal 
_citation_author.identifier_ORCID 
primary 'Cullinan, D.'      1 ? 
primary 'Korobka, A.'       2 ? 
primary 'Grollman, A.P.'    3 ? 
primary 'Patel, D.J.'       4 ? 
primary 'Eisenberg, M.'     5 ? 
primary 'De Los Santos, C.' 6 ? 
# 
loop_
_entity.id 
_entity.type 
_entity.src_method 
_entity.pdbx_description 
_entity.formula_weight 
_entity.pdbx_number_of_molecules 
_entity.pdbx_ec 
_entity.pdbx_mutation 
_entity.pdbx_fragment 
_entity.details 
1 polymer syn 
;DNA (5'-D(*CP*GP*TP*AP*CP*EDCP*CP*AP*TP*GP*C)-3')
;
3318.184 1 ? ? ? ? 
2 polymer syn 
;DNA (5'-D(*GP*CP*AP*TP*GP*TP*GP*TP*AP*CP*G)-3')
;
3389.221 1 ? ? ? ? 
# 
loop_
_entity_name_com.entity_id 
_entity_name_com.name 
1 'ETHENODC, EDC, EPSILON-DC' 
2 'ETHENODC, EDC, EPSILON-DC' 
# 
loop_
_entity_poly.entity_id 
_entity_poly.type 
_entity_poly.nstd_linkage 
_entity_poly.nstd_monomer 
_entity_poly.pdbx_seq_one_letter_code 
_entity_poly.pdbx_seq_one_letter_code_can 
_entity_poly.pdbx_strand_id 
_entity_poly.pdbx_target_identifier 
1 polydeoxyribonucleotide no yes '(DC)(DG)(DT)(DA)(DC)(EDC)(DC)(DA)(DT)(DG)(DC)' CGTACXCATGC A ? 
2 polydeoxyribonucleotide no no  '(DG)(DC)(DA)(DT)(DG)(DT)(DG)(DT)(DA)(DC)(DG)'  GCATGTGTACG B ? 
# 
loop_
_entity_poly_seq.entity_id 
_entity_poly_seq.num 
_entity_poly_seq.mon_id 
_entity_poly_seq.hetero 
1 1  DC  n 
1 2  DG  n 
1 3  DT  n 
1 4  DA  n 
1 5  DC  n 
1 6  EDC n 
1 7  DC  n 
1 8  DA  n 
1 9  DT  n 
1 10 DG  n 
1 11 DC  n 
2 1  DG  n 
2 2  DC  n 
2 3  DA  n 
2 4  DT  n 
2 5  DG  n 
2 6  DT  n 
2 7  DG  n 
2 8  DT  n 
2 9  DA  n 
2 10 DC  n 
2 11 DG  n 
# 
loop_
_chem_comp.id 
_chem_comp.type 
_chem_comp.mon_nstd_flag 
_chem_comp.name 
_chem_comp.pdbx_synonyms 
_chem_comp.formula 
_chem_comp.formula_weight 
DA  'DNA linking' y "2'-DEOXYADENOSINE-5'-MONOPHOSPHATE"             ? 'C10 H14 N5 O6 P' 331.222 
DC  'DNA linking' y "2'-DEOXYCYTIDINE-5'-MONOPHOSPHATE"              ? 'C9 H14 N3 O7 P'  307.197 
DG  'DNA linking' y "2'-DEOXYGUANOSINE-5'-MONOPHOSPHATE"             ? 'C10 H14 N5 O7 P' 347.221 
DT  'DNA linking' y "THYMIDINE-5'-MONOPHOSPHATE"                     ? 'C10 H15 N2 O8 P' 322.208 
EDC 'DNA linking' . "N3,N4-ETHENO-2'-DEOXYCYTIDINE-5'-MONOPHOSPHATE" 
'6-(2-deoxy-5-O-phosphono-beta-D-erythro-pentofuranosyl)imidazo[1,2-c]pyrimidin-5(6H)-one' 'C11 H14 N3 O7 P' 331.219 
# 
loop_
_pdbx_poly_seq_scheme.asym_id 
_pdbx_poly_seq_scheme.entity_id 
_pdbx_poly_seq_scheme.seq_id 
_pdbx_poly_seq_scheme.mon_id 
_pdbx_poly_seq_scheme.ndb_seq_num 
_pdbx_poly_seq_scheme.pdb_seq_num 
_pdbx_poly_seq_scheme.auth_seq_num 
_pdbx_poly_seq_scheme.pdb_mon_id 
_pdbx_poly_seq_scheme.auth_mon_id 
_pdbx_poly_seq_scheme.pdb_strand_id 
_pdbx_poly_seq_scheme.pdb_ins_code 
_pdbx_poly_seq_scheme.hetero 
A 1 1  DC  1  1  1  DC  C   A . n 
A 1 2  DG  2  2  2  DG  G   A . n 
A 1 3  DT  3  3  3  DT  T   A . n 
A 1 4  DA  4  4  4  DA  A   A . n 
A 1 5  DC  5  5  5  DC  C   A . n 
A 1 6  EDC 6  6  6  EDC EDC A . n 
A 1 7  DC  7  7  7  DC  C   A . n 
A 1 8  DA  8  8  8  DA  A   A . n 
A 1 9  DT  9  9  9  DT  T   A . n 
A 1 10 DG  10 10 10 DG  G   A . n 
A 1 11 DC  11 11 11 DC  C   A . n 
B 2 1  DG  1  1  1  DG  G   B . n 
B 2 2  DC  2  2  2  DC  C   B . n 
B 2 3  DA  3  3  3  DA  A   B . n 
B 2 4  DT  4  4  4  DT  T   B . n 
B 2 5  DG  5  5  5  DG  G   B . n 
B 2 6  DT  6  6  6  DT  T   B . n 
B 2 7  DG  7  7  7  DG  G   B . n 
B 2 8  DT  8  8  8  DT  T   B . n 
B 2 9  DA  9  9  9  DA  A   B . n 
B 2 10 DC  10 10 10 DC  C   B . n 
B 2 11 DG  11 11 11 DG  G   B . n 
# 
_cell.entry_id           1B5K 
_cell.length_a           1.000 
_cell.length_b           1.000 
_cell.length_c           1.000 
_cell.angle_alpha        90.00 
_cell.angle_beta         90.00 
_cell.angle_gamma        90.00 
_cell.Z_PDB              1 
_cell.pdbx_unique_axis   ? 
# 
_symmetry.entry_id                         1B5K 
_symmetry.space_group_name_H-M             'P 1' 
_symmetry.pdbx_full_space_group_name_H-M   ? 
_symmetry.cell_setting                     ? 
_symmetry.Int_Tables_number                1 
# 
_exptl.entry_id          1B5K 
_exptl.method            'SOLUTION NMR' 
_exptl.crystals_number   ? 
# 
_struct.entry_id                  1B5K 
_struct.title                     
;3,N4-ETHENO-2'-DEOXYCYTIDINE OPPOSITE THYMIDINE IN AN 11-MER DUPLEX, SOLUTION STRUCTURE FROM NMR AND MOLECULAR DYNAMICS
;
_struct.pdbx_model_details        ? 
_struct.pdbx_CASP_flag            ? 
_struct.pdbx_model_type_details   ? 
# 
_struct_keywords.entry_id        1B5K 
_struct_keywords.pdbx_keywords   DNA 
_struct_keywords.text            'ETHENODC, EDC, EXOCYCLIC LESION, DNA' 
# 
loop_
_struct_asym.id 
_struct_asym.pdbx_blank_PDB_chainid_flag 
_struct_asym.pdbx_modified 
_struct_asym.entity_id 
_struct_asym.details 
A N N 1 ? 
B N N 2 ? 
# 
loop_
_struct_ref.id 
_struct_ref.entity_id 
_struct_ref.db_name 
_struct_ref.db_code 
_struct_ref.pdbx_db_accession 
_struct_ref.pdbx_align_begin 
_struct_ref.pdbx_seq_one_letter_code 
_struct_ref.pdbx_db_isoform 
1 1 PDB 1B5K 1B5K ? ? ? 
2 2 PDB 1B5K 1B5K ? ? ? 
# 
loop_
_struct_ref_seq.align_id 
_struct_ref_seq.ref_id 
_struct_ref_seq.pdbx_PDB_id_code 
_struct_ref_seq.pdbx_strand_id 
_struct_ref_seq.seq_align_beg 
_struct_ref_seq.pdbx_seq_align_beg_ins_code 
_struct_ref_seq.seq_align_end 
_struct_ref_seq.pdbx_seq_align_end_ins_code 
_struct_ref_seq.pdbx_db_accession 
_struct_ref_seq.db_align_beg 
_struct_ref_seq.pdbx_db_align_beg_ins_code 
_struct_ref_seq.db_align_end 
_struct_ref_seq.pdbx_db_align_end_ins_code 
_struct_ref_seq.pdbx_auth_seq_align_beg 
_struct_ref_seq.pdbx_auth_seq_align_end 
1 1 1B5K A 1 ? 11 ? 1B5K 1 ? 11 ? 1 11 
2 2 1B5K B 1 ? 11 ? 1B5K 1 ? 11 ? 1 11 
# 
_pdbx_struct_assembly.id                   1 
_pdbx_struct_assembly.details              author_defined_assembly 
_pdbx_struct_assembly.method_details       ? 
_pdbx_struct_assembly.oligomeric_details   dimeric 
_pdbx_struct_assembly.oligomeric_count     2 
# 
_pdbx_struct_assembly_gen.assembly_id       1 
_pdbx_struct_assembly_gen.oper_expression   1 
_pdbx_struct_assembly_gen.asym_id_list      A,B 
# 
_pdbx_struct_oper_list.id                   1 
_pdbx_struct_oper_list.type                 'identity operation' 
_pdbx_struct_oper_list.name                 1_555 
_pdbx_struct_oper_list.symmetry_operation   x,y,z 
_pdbx_struct_oper_list.matrix[1][1]         1.0000000000 
_pdbx_struct_oper_list.matrix[1][2]         0.0000000000 
_pdbx_struct_oper_list.matrix[1][3]         0.0000000000 
_pdbx_struct_oper_list.vector[1]            0.0000000000 
_pdbx_struct_oper_list.matrix[2][1]         0.0000000000 
_pdbx_struct_oper_list.matrix[2][2]         1.0000000000 
_pdbx_struct_oper_list.matrix[2][3]         0.0000000000 
_pdbx_struct_oper_list.vector[2]            0.0000000000 
_pdbx_struct_oper_list.matrix[3][1]         0.0000000000 
_pdbx_struct_oper_list.matrix[3][2]         0.0000000000 
_pdbx_struct_oper_list.matrix[3][3]         1.0000000000 
_pdbx_struct_oper_list.vector[3]            0.0000000000 
# 
_struct_biol.id        1 
_struct_biol.details   ? 
# 
loop_
_struct_conn.id 
_struct_conn.conn_type_id 
_struct_conn.pdbx_leaving_atom_flag 
_struct_conn.pdbx_PDB_id 
_struct_conn.ptnr1_label_asym_id 
_struct_conn.ptnr1_label_comp_id 
_struct_conn.ptnr1_label_seq_id 
_struct_conn.ptnr1_label_atom_id 
_struct_conn.pdbx_ptnr1_label_alt_id 
_struct_conn.pdbx_ptnr1_PDB_ins_code 
_struct_conn.pdbx_ptnr1_standard_comp_id 
_struct_conn.ptnr1_symmetry 
_struct_conn.ptnr2_label_asym_id 
_struct_conn.ptnr2_label_comp_id 
_struct_conn.ptnr2_label_seq_id 
_struct_conn.ptnr2_label_atom_id 
_struct_conn.pdbx_ptnr2_label_alt_id 
_struct_conn.pdbx_ptnr2_PDB_ins_code 
_struct_conn.ptnr1_auth_asym_id 
_struct_conn.ptnr1_auth_comp_id 
_struct_conn.ptnr1_auth_seq_id 
_struct_conn.ptnr2_auth_asym_id 
_struct_conn.ptnr2_auth_comp_id 
_struct_conn.ptnr2_auth_seq_id 
_struct_conn.ptnr2_symmetry 
_struct_conn.pdbx_ptnr3_label_atom_id 
_struct_conn.pdbx_ptnr3_label_seq_id 
_struct_conn.pdbx_ptnr3_label_comp_id 
_struct_conn.pdbx_ptnr3_label_asym_id 
_struct_conn.pdbx_ptnr3_label_alt_id 
_struct_conn.pdbx_ptnr3_PDB_ins_code 
_struct_conn.details 
_struct_conn.pdbx_dist_value 
_struct_conn.pdbx_value_order 
_struct_conn.pdbx_role 
covale1  covale both ? A DC  5  "O3'" ? ? ? 1_555 A EDC 6  P  ? ? A DC  5  A EDC 6  1_555 ? ? ? ? ? ? ?            1.615 ? ? 
covale2  covale both ? A EDC 6  "O3'" ? ? ? 1_555 A DC  7  P  ? ? A EDC 6  A DC  7  1_555 ? ? ? ? ? ? ?            1.617 ? ? 
hydrog1  hydrog ?    ? A DC  1  N3    ? ? ? 1_555 B DG  11 N1 ? ? A DC  1  B DG  11 1_555 ? ? ? ? ? ? WATSON-CRICK ?     ? ? 
hydrog2  hydrog ?    ? A DC  1  N4    ? ? ? 1_555 B DG  11 O6 ? ? A DC  1  B DG  11 1_555 ? ? ? ? ? ? WATSON-CRICK ?     ? ? 
hydrog3  hydrog ?    ? A DC  1  O2    ? ? ? 1_555 B DG  11 N2 ? ? A DC  1  B DG  11 1_555 ? ? ? ? ? ? WATSON-CRICK ?     ? ? 
hydrog4  hydrog ?    ? A DG  2  N1    ? ? ? 1_555 B DC  10 N3 ? ? A DG  2  B DC  10 1_555 ? ? ? ? ? ? WATSON-CRICK ?     ? ? 
hydrog5  hydrog ?    ? A DG  2  N2    ? ? ? 1_555 B DC  10 O2 ? ? A DG  2  B DC  10 1_555 ? ? ? ? ? ? WATSON-CRICK ?     ? ? 
hydrog6  hydrog ?    ? A DG  2  O6    ? ? ? 1_555 B DC  10 N4 ? ? A DG  2  B DC  10 1_555 ? ? ? ? ? ? WATSON-CRICK ?     ? ? 
hydrog7  hydrog ?    ? A DT  3  N3    ? ? ? 1_555 B DA  9  N1 ? ? A DT  3  B DA  9  1_555 ? ? ? ? ? ? WATSON-CRICK ?     ? ? 
hydrog8  hydrog ?    ? A DT  3  O4    ? ? ? 1_555 B DA  9  N6 ? ? A DT  3  B DA  9  1_555 ? ? ? ? ? ? WATSON-CRICK ?     ? ? 
hydrog9  hydrog ?    ? A DA  4  N1    ? ? ? 1_555 B DT  8  N3 ? ? A DA  4  B DT  8  1_555 ? ? ? ? ? ? WATSON-CRICK ?     ? ? 
hydrog10 hydrog ?    ? A DA  4  N6    ? ? ? 1_555 B DT  8  O4 ? ? A DA  4  B DT  8  1_555 ? ? ? ? ? ? WATSON-CRICK ?     ? ? 
hydrog11 hydrog ?    ? A DC  5  N3    ? ? ? 1_555 B DG  7  N1 ? ? A DC  5  B DG  7  1_555 ? ? ? ? ? ? WATSON-CRICK ?     ? ? 
hydrog12 hydrog ?    ? A DC  5  N4    ? ? ? 1_555 B DG  7  O6 ? ? A DC  5  B DG  7  1_555 ? ? ? ? ? ? WATSON-CRICK ?     ? ? 
hydrog13 hydrog ?    ? A DC  5  O2    ? ? ? 1_555 B DG  7  N2 ? ? A DC  5  B DG  7  1_555 ? ? ? ? ? ? WATSON-CRICK ?     ? ? 
hydrog14 hydrog ?    ? A DC  7  N3    ? ? ? 1_555 B DG  5  N1 ? ? A DC  7  B DG  5  1_555 ? ? ? ? ? ? WATSON-CRICK ?     ? ? 
hydrog15 hydrog ?    ? A DC  7  N4    ? ? ? 1_555 B DG  5  O6 ? ? A DC  7  B DG  5  1_555 ? ? ? ? ? ? WATSON-CRICK ?     ? ? 
hydrog16 hydrog ?    ? A DC  7  O2    ? ? ? 1_555 B DG  5  N2 ? ? A DC  7  B DG  5  1_555 ? ? ? ? ? ? WATSON-CRICK ?     ? ? 
hydrog17 hydrog ?    ? A DA  8  N1    ? ? ? 1_555 B DT  4  N3 ? ? A DA  8  B DT  4  1_555 ? ? ? ? ? ? WATSON-CRICK ?     ? ? 
hydrog18 hydrog ?    ? A DA  8  N6    ? ? ? 1_555 B DT  4  O4 ? ? A DA  8  B DT  4  1_555 ? ? ? ? ? ? WATSON-CRICK ?     ? ? 
hydrog19 hydrog ?    ? A DT  9  N3    ? ? ? 1_555 B DA  3  N1 ? ? A DT  9  B DA  3  1_555 ? ? ? ? ? ? WATSON-CRICK ?     ? ? 
hydrog20 hydrog ?    ? A DT  9  O4    ? ? ? 1_555 B DA  3  N6 ? ? A DT  9  B DA  3  1_555 ? ? ? ? ? ? WATSON-CRICK ?     ? ? 
hydrog21 hydrog ?    ? A DG  10 N1    ? ? ? 1_555 B DC  2  N3 ? ? A DG  10 B DC  2  1_555 ? ? ? ? ? ? WATSON-CRICK ?     ? ? 
hydrog22 hydrog ?    ? A DG  10 N2    ? ? ? 1_555 B DC  2  O2 ? ? A DG  10 B DC  2  1_555 ? ? ? ? ? ? WATSON-CRICK ?     ? ? 
hydrog23 hydrog ?    ? A DG  10 O6    ? ? ? 1_555 B DC  2  N4 ? ? A DG  10 B DC  2  1_555 ? ? ? ? ? ? WATSON-CRICK ?     ? ? 
hydrog24 hydrog ?    ? A DC  11 N3    ? ? ? 1_555 B DG  1  N1 ? ? A DC  11 B DG  1  1_555 ? ? ? ? ? ? WATSON-CRICK ?     ? ? 
hydrog25 hydrog ?    ? A DC  11 N4    ? ? ? 1_555 B DG  1  O6 ? ? A DC  11 B DG  1  1_555 ? ? ? ? ? ? WATSON-CRICK ?     ? ? 
hydrog26 hydrog ?    ? A DC  11 O2    ? ? ? 1_555 B DG  1  N2 ? ? A DC  11 B DG  1  1_555 ? ? ? ? ? ? WATSON-CRICK ?     ? ? 
# 
loop_
_struct_conn_type.id 
_struct_conn_type.criteria 
_struct_conn_type.reference 
covale ? ? 
hydrog ? ? 
# 
loop_
_pdbx_validate_rmsd_bond.id 
_pdbx_validate_rmsd_bond.PDB_model_num 
_pdbx_validate_rmsd_bond.auth_atom_id_1 
_pdbx_validate_rmsd_bond.auth_asym_id_1 
_pdbx_validate_rmsd_bond.auth_comp_id_1 
_pdbx_validate_rmsd_bond.auth_seq_id_1 
_pdbx_validate_rmsd_bond.PDB_ins_code_1 
_pdbx_validate_rmsd_bond.label_alt_id_1 
_pdbx_validate_rmsd_bond.auth_atom_id_2 
_pdbx_validate_rmsd_bond.auth_asym_id_2 
_pdbx_validate_rmsd_bond.auth_comp_id_2 
_pdbx_validate_rmsd_bond.auth_seq_id_2 
_pdbx_validate_rmsd_bond.PDB_ins_code_2 
_pdbx_validate_rmsd_bond.label_alt_id_2 
_pdbx_validate_rmsd_bond.bond_value 
_pdbx_validate_rmsd_bond.bond_target_value 
_pdbx_validate_rmsd_bond.bond_deviation 
_pdbx_validate_rmsd_bond.bond_standard_deviation 
_pdbx_validate_rmsd_bond.linker_flag 
1  1 C4 A DC 1  ? ? N4 A DC 1  ? ? 1.429 1.335 0.094 0.009 N 
2  1 C2 A DG 2  ? ? N2 A DG 2  ? ? 1.413 1.341 0.072 0.010 N 
3  1 C5 A DT 3  ? ? C7 A DT 3  ? ? 1.533 1.496 0.037 0.006 N 
4  1 C6 A DA 4  ? ? N6 A DA 4  ? ? 1.429 1.335 0.094 0.008 N 
5  1 C4 A DC 5  ? ? N4 A DC 5  ? ? 1.428 1.335 0.093 0.009 N 
6  1 C4 A DC 7  ? ? N4 A DC 7  ? ? 1.428 1.335 0.093 0.009 N 
7  1 C6 A DA 8  ? ? N6 A DA 8  ? ? 1.427 1.335 0.092 0.008 N 
8  1 C5 A DT 9  ? ? C7 A DT 9  ? ? 1.533 1.496 0.037 0.006 N 
9  1 C2 A DG 10 ? ? N2 A DG 10 ? ? 1.421 1.341 0.080 0.010 N 
10 1 C4 A DC 11 ? ? N4 A DC 11 ? ? 1.428 1.335 0.093 0.009 N 
11 1 C2 B DG 1  ? ? N2 B DG 1  ? ? 1.420 1.341 0.079 0.010 N 
12 1 C4 B DC 2  ? ? N4 B DC 2  ? ? 1.429 1.335 0.094 0.009 N 
13 1 C6 B DA 3  ? ? N6 B DA 3  ? ? 1.428 1.335 0.093 0.008 N 
14 1 C5 B DT 4  ? ? C7 B DT 4  ? ? 1.533 1.496 0.037 0.006 N 
15 1 C2 B DG 5  ? ? N2 B DG 5  ? ? 1.423 1.341 0.082 0.010 N 
16 1 C5 B DT 6  ? ? C7 B DT 6  ? ? 1.533 1.496 0.037 0.006 N 
17 1 C2 B DG 7  ? ? N2 B DG 7  ? ? 1.421 1.341 0.080 0.010 N 
18 1 C5 B DT 8  ? ? C7 B DT 8  ? ? 1.533 1.496 0.037 0.006 N 
19 1 C6 B DA 9  ? ? N6 B DA 9  ? ? 1.430 1.335 0.095 0.008 N 
20 1 C4 B DC 10 ? ? N4 B DC 10 ? ? 1.430 1.335 0.095 0.009 N 
21 1 C2 B DG 11 ? ? N2 B DG 11 ? ? 1.419 1.341 0.078 0.010 N 
22 2 C4 A DC 1  ? ? N4 A DC 1  ? ? 1.428 1.335 0.093 0.009 N 
23 2 C2 A DG 2  ? ? N2 A DG 2  ? ? 1.420 1.341 0.079 0.010 N 
24 2 C5 A DT 3  ? ? C7 A DT 3  ? ? 1.534 1.496 0.038 0.006 N 
25 2 C6 A DA 4  ? ? N6 A DA 4  ? ? 1.428 1.335 0.093 0.008 N 
26 2 C4 A DC 5  ? ? N4 A DC 5  ? ? 1.427 1.335 0.092 0.009 N 
27 2 C4 A DC 7  ? ? N4 A DC 7  ? ? 1.429 1.335 0.094 0.009 N 
28 2 C6 A DA 8  ? ? N6 A DA 8  ? ? 1.428 1.335 0.093 0.008 N 
29 2 C5 A DT 9  ? ? C7 A DT 9  ? ? 1.533 1.496 0.037 0.006 N 
30 2 C2 A DG 10 ? ? N2 A DG 10 ? ? 1.422 1.341 0.081 0.010 N 
31 2 C4 A DC 11 ? ? N4 A DC 11 ? ? 1.427 1.335 0.092 0.009 N 
32 2 C2 B DG 1  ? ? N2 B DG 1  ? ? 1.421 1.341 0.080 0.010 N 
33 2 C4 B DC 2  ? ? N4 B DC 2  ? ? 1.429 1.335 0.094 0.009 N 
34 2 C6 B DA 3  ? ? N6 B DA 3  ? ? 1.428 1.335 0.093 0.008 N 
35 2 C5 B DT 4  ? ? C7 B DT 4  ? ? 1.534 1.496 0.038 0.006 N 
36 2 C2 B DG 5  ? ? N2 B DG 5  ? ? 1.423 1.341 0.082 0.010 N 
37 2 C5 B DT 6  ? ? C7 B DT 6  ? ? 1.533 1.496 0.037 0.006 N 
38 2 C2 B DG 7  ? ? N2 B DG 7  ? ? 1.421 1.341 0.080 0.010 N 
39 2 C5 B DT 8  ? ? C7 B DT 8  ? ? 1.533 1.496 0.037 0.006 N 
40 2 C6 B DA 9  ? ? N6 B DA 9  ? ? 1.431 1.335 0.096 0.008 N 
41 2 C4 B DC 10 ? ? N4 B DC 10 ? ? 1.428 1.335 0.093 0.009 N 
42 2 C2 B DG 11 ? ? N2 B DG 11 ? ? 1.425 1.341 0.084 0.010 N 
# 
loop_
_pdbx_validate_rmsd_angle.id 
_pdbx_validate_rmsd_angle.PDB_model_num 
_pdbx_validate_rmsd_angle.auth_atom_id_1 
_pdbx_validate_rmsd_angle.auth_asym_id_1 
_pdbx_validate_rmsd_angle.auth_comp_id_1 
_pdbx_validate_rmsd_angle.auth_seq_id_1 
_pdbx_validate_rmsd_angle.PDB_ins_code_1 
_pdbx_validate_rmsd_angle.label_alt_id_1 
_pdbx_validate_rmsd_angle.auth_atom_id_2 
_pdbx_validate_rmsd_angle.auth_asym_id_2 
_pdbx_validate_rmsd_angle.auth_comp_id_2 
_pdbx_validate_rmsd_angle.auth_seq_id_2 
_pdbx_validate_rmsd_angle.PDB_ins_code_2 
_pdbx_validate_rmsd_angle.label_alt_id_2 
_pdbx_validate_rmsd_angle.auth_atom_id_3 
_pdbx_validate_rmsd_angle.auth_asym_id_3 
_pdbx_validate_rmsd_angle.auth_comp_id_3 
_pdbx_validate_rmsd_angle.auth_seq_id_3 
_pdbx_validate_rmsd_angle.PDB_ins_code_3 
_pdbx_validate_rmsd_angle.label_alt_id_3 
_pdbx_validate_rmsd_angle.angle_value 
_pdbx_validate_rmsd_angle.angle_target_value 
_pdbx_validate_rmsd_angle.angle_deviation 
_pdbx_validate_rmsd_angle.angle_standard_deviation 
_pdbx_validate_rmsd_angle.linker_flag 
1  1 "O4'" A DC 1  ? ? "C1'" A DC 1  ? ? N1 A DC 1  ? ? 111.28 108.30 2.98  0.30 N 
2  1 "O4'" A DG 2  ? ? "C1'" A DG 2  ? ? N9 A DG 2  ? ? 111.18 108.30 2.88  0.30 N 
3  1 N7    A DG 2  ? ? C8    A DG 2  ? ? N9 A DG 2  ? ? 116.23 113.10 3.13  0.50 N 
4  1 "O4'" A DA 4  ? ? "C1'" A DA 4  ? ? N9 A DA 4  ? ? 111.77 108.30 3.47  0.30 N 
5  1 "O4'" A DC 7  ? ? "C1'" A DC 7  ? ? N1 A DC 7  ? ? 110.85 108.30 2.55  0.30 N 
6  1 "O4'" A DT 9  ? ? "C1'" A DT 9  ? ? N1 A DT 9  ? ? 110.82 108.30 2.52  0.30 N 
7  1 N7    A DG 10 ? ? C8    A DG 10 ? ? N9 A DG 10 ? ? 116.25 113.10 3.15  0.50 N 
8  1 "O4'" A DC 11 ? ? "C1'" A DC 11 ? ? N1 A DC 11 ? ? 111.45 108.30 3.15  0.30 N 
9  1 "O4'" B DG 1  ? ? "C1'" B DG 1  ? ? N9 B DG 1  ? ? 110.53 108.30 2.23  0.30 N 
10 1 N7    B DG 1  ? ? C8    B DG 1  ? ? N9 B DG 1  ? ? 116.25 113.10 3.15  0.50 N 
11 1 "O4'" B DC 2  ? ? "C1'" B DC 2  ? ? N1 B DC 2  ? ? 110.29 108.30 1.99  0.30 N 
12 1 "O4'" B DT 4  ? ? "C1'" B DT 4  ? ? N1 B DT 4  ? ? 110.58 108.30 2.28  0.30 N 
13 1 N7    B DG 5  ? ? C8    B DG 5  ? ? N9 B DG 5  ? ? 116.42 113.10 3.32  0.50 N 
14 1 "O4'" B DT 6  ? ? "C1'" B DT 6  ? ? N1 B DT 6  ? ? 110.47 108.30 2.17  0.30 N 
15 1 N7    B DG 7  ? ? C8    B DG 7  ? ? N9 B DG 7  ? ? 116.43 113.10 3.33  0.50 N 
16 1 C8    B DG 7  ? ? N9    B DG 7  ? ? C4 B DG 7  ? ? 103.89 106.40 -2.51 0.40 N 
17 1 "O4'" B DC 10 ? ? "C1'" B DC 10 ? ? N1 B DC 10 ? ? 112.09 108.30 3.79  0.30 N 
18 2 "O4'" A DC 1  ? ? "C1'" A DC 1  ? ? N1 A DC 1  ? ? 110.95 108.30 2.65  0.30 N 
19 2 N7    A DG 2  ? ? C8    A DG 2  ? ? N9 A DG 2  ? ? 116.41 113.10 3.31  0.50 N 
20 2 "O4'" A DT 3  ? ? "C1'" A DT 3  ? ? N1 A DT 3  ? ? 110.16 108.30 1.86  0.30 N 
21 2 "O4'" A DA 4  ? ? "C1'" A DA 4  ? ? N9 A DA 4  ? ? 111.00 108.30 2.70  0.30 N 
22 2 "O4'" A DC 7  ? ? "C1'" A DC 7  ? ? N1 A DC 7  ? ? 110.86 108.30 2.56  0.30 N 
23 2 "O4'" A DT 9  ? ? "C1'" A DT 9  ? ? N1 A DT 9  ? ? 110.87 108.30 2.57  0.30 N 
24 2 C6    A DT 9  ? ? C5    A DT 9  ? ? C7 A DT 9  ? ? 119.30 122.90 -3.60 0.60 N 
25 2 N7    A DG 10 ? ? C8    A DG 10 ? ? N9 A DG 10 ? ? 116.30 113.10 3.20  0.50 N 
26 2 "O4'" A DC 11 ? ? "C1'" A DC 11 ? ? N1 A DC 11 ? ? 111.27 108.30 2.97  0.30 N 
27 2 "O4'" B DG 1  ? ? "C1'" B DG 1  ? ? N9 B DG 1  ? ? 110.54 108.30 2.24  0.30 N 
28 2 N7    B DG 1  ? ? C8    B DG 1  ? ? N9 B DG 1  ? ? 116.23 113.10 3.13  0.50 N 
29 2 "O4'" B DC 2  ? ? "C1'" B DC 2  ? ? N1 B DC 2  ? ? 110.44 108.30 2.14  0.30 N 
30 2 "O4'" B DT 4  ? ? "C1'" B DT 4  ? ? N1 B DT 4  ? ? 110.33 108.30 2.03  0.30 N 
31 2 N7    B DG 5  ? ? C8    B DG 5  ? ? N9 B DG 5  ? ? 116.34 113.10 3.24  0.50 N 
32 2 N7    B DG 7  ? ? C8    B DG 7  ? ? N9 B DG 7  ? ? 116.31 113.10 3.21  0.50 N 
33 2 C8    B DG 7  ? ? N9    B DG 7  ? ? C4 B DG 7  ? ? 103.97 106.40 -2.43 0.40 N 
34 2 "O4'" B DT 8  ? ? "C1'" B DT 8  ? ? N1 B DT 8  ? ? 110.78 108.30 2.48  0.30 N 
35 2 "O4'" B DC 10 ? ? "C1'" B DC 10 ? ? N1 B DC 10 ? ? 111.03 108.30 2.73  0.30 N 
36 2 "O4'" B DG 11 ? ? "C1'" B DG 11 ? ? N9 B DG 11 ? ? 111.47 108.30 3.17  0.30 N 
37 2 N7    B DG 11 ? ? C8    B DG 11 ? ? N9 B DG 11 ? ? 116.19 113.10 3.09  0.50 N 
# 
_pdbx_nmr_ensemble.entry_id                                      1B5K 
_pdbx_nmr_ensemble.conformers_calculated_total_number            2 
_pdbx_nmr_ensemble.conformers_submitted_total_number             2 
_pdbx_nmr_ensemble.conformer_selection_criteria                  ? 
_pdbx_nmr_ensemble.average_constraints_per_residue               ? 
_pdbx_nmr_ensemble.average_constraint_violations_per_residue     ? 
_pdbx_nmr_ensemble.maximum_distance_constraint_violation         ? 
_pdbx_nmr_ensemble.average_distance_constraint_violation         ? 
_pdbx_nmr_ensemble.maximum_upper_distance_constraint_violation   ? 
_pdbx_nmr_ensemble.maximum_lower_distance_constraint_violation   ? 
_pdbx_nmr_ensemble.distance_constraint_violation_method          ? 
_pdbx_nmr_ensemble.maximum_torsion_angle_constraint_violation    ? 
_pdbx_nmr_ensemble.average_torsion_angle_constraint_violation    ? 
_pdbx_nmr_ensemble.torsion_angle_constraint_violation_method     ? 
# 
_pdbx_nmr_exptl_sample_conditions.conditions_id       1 
_pdbx_nmr_exptl_sample_conditions.temperature         298 
_pdbx_nmr_exptl_sample_conditions.pressure            ? 
_pdbx_nmr_exptl_sample_conditions.pH                  6.8 
_pdbx_nmr_exptl_sample_conditions.ionic_strength      ? 
_pdbx_nmr_exptl_sample_conditions.pressure_units      ? 
_pdbx_nmr_exptl_sample_conditions.temperature_units   K 
# 
loop_
_pdbx_nmr_exptl.experiment_id 
_pdbx_nmr_exptl.conditions_id 
_pdbx_nmr_exptl.type 
_pdbx_nmr_exptl.solution_id 
1 1 NOESY    1 
2 1 COSY     1 
3 1 DQF-COSY 1 
# 
_pdbx_nmr_details.entry_id   1B5K 
_pdbx_nmr_details.text       
;THE STRUCTURE WAS DETERMINED USING 2D PROTON NMR FOLLOWED BY DISTANCE 
RESTRAINED MOLECULAR DYNAMICS SIMULATIONS, AND FURTHER REFINED USING THE FULL 
RELAXATION MATRIX BACK CALCULATION APPROACH.
;
# 
_pdbx_nmr_refine.entry_id           1B5K 
_pdbx_nmr_refine.method             'RESTRAINED MOLECULAR DYNAMICS SIMULATIONS' 
_pdbx_nmr_refine.details            
;REFINEMENT DETAILS CAN BE FOUND IN BIOCHEMISTRY VOL 35, NO. 41, 1996 PP 13319- 
13327
;
_pdbx_nmr_refine.software_ordinal   1 
# 
loop_
_pdbx_nmr_software.classification 
_pdbx_nmr_software.name 
_pdbx_nmr_software.version 
_pdbx_nmr_software.authors 
_pdbx_nmr_software.ordinal 
refinement           X-PLOR 3.1 BRUNGER 1 
'structure solution' Felix  ?   ?       2 
'structure solution' X-PLOR ?   ?       3 
# 
loop_
_chem_comp_atom.comp_id 
_chem_comp_atom.atom_id 
_chem_comp_atom.type_symbol 
_chem_comp_atom.pdbx_aromatic_flag 
_chem_comp_atom.pdbx_stereo_config 
_chem_comp_atom.pdbx_ordinal 
DA  OP3    O N N 1   
DA  P      P N N 2   
DA  OP1    O N N 3   
DA  OP2    O N N 4   
DA  "O5'"  O N N 5   
DA  "C5'"  C N N 6   
DA  "C4'"  C N R 7   
DA  "O4'"  O N N 8   
DA  "C3'"  C N S 9   
DA  "O3'"  O N N 10  
DA  "C2'"  C N N 11  
DA  "C1'"  C N R 12  
DA  N9     N Y N 13  
DA  C8     C Y N 14  
DA  N7     N Y N 15  
DA  C5     C Y N 16  
DA  C6     C Y N 17  
DA  N6     N N N 18  
DA  N1     N Y N 19  
DA  C2     C Y N 20  
DA  N3     N Y N 21  
DA  C4     C Y N 22  
DA  HOP3   H N N 23  
DA  HOP2   H N N 24  
DA  "H5'"  H N N 25  
DA  "H5''" H N N 26  
DA  "H4'"  H N N 27  
DA  "H3'"  H N N 28  
DA  "HO3'" H N N 29  
DA  "H2'"  H N N 30  
DA  "H2''" H N N 31  
DA  "H1'"  H N N 32  
DA  H8     H N N 33  
DA  H61    H N N 34  
DA  H62    H N N 35  
DA  H2     H N N 36  
DC  OP3    O N N 37  
DC  P      P N N 38  
DC  OP1    O N N 39  
DC  OP2    O N N 40  
DC  "O5'"  O N N 41  
DC  "C5'"  C N N 42  
DC  "C4'"  C N R 43  
DC  "O4'"  O N N 44  
DC  "C3'"  C N S 45  
DC  "O3'"  O N N 46  
DC  "C2'"  C N N 47  
DC  "C1'"  C N R 48  
DC  N1     N N N 49  
DC  C2     C N N 50  
DC  O2     O N N 51  
DC  N3     N N N 52  
DC  C4     C N N 53  
DC  N4     N N N 54  
DC  C5     C N N 55  
DC  C6     C N N 56  
DC  HOP3   H N N 57  
DC  HOP2   H N N 58  
DC  "H5'"  H N N 59  
DC  "H5''" H N N 60  
DC  "H4'"  H N N 61  
DC  "H3'"  H N N 62  
DC  "HO3'" H N N 63  
DC  "H2'"  H N N 64  
DC  "H2''" H N N 65  
DC  "H1'"  H N N 66  
DC  H41    H N N 67  
DC  H42    H N N 68  
DC  H5     H N N 69  
DC  H6     H N N 70  
DG  OP3    O N N 71  
DG  P      P N N 72  
DG  OP1    O N N 73  
DG  OP2    O N N 74  
DG  "O5'"  O N N 75  
DG  "C5'"  C N N 76  
DG  "C4'"  C N R 77  
DG  "O4'"  O N N 78  
DG  "C3'"  C N S 79  
DG  "O3'"  O N N 80  
DG  "C2'"  C N N 81  
DG  "C1'"  C N R 82  
DG  N9     N Y N 83  
DG  C8     C Y N 84  
DG  N7     N Y N 85  
DG  C5     C Y N 86  
DG  C6     C N N 87  
DG  O6     O N N 88  
DG  N1     N N N 89  
DG  C2     C N N 90  
DG  N2     N N N 91  
DG  N3     N N N 92  
DG  C4     C Y N 93  
DG  HOP3   H N N 94  
DG  HOP2   H N N 95  
DG  "H5'"  H N N 96  
DG  "H5''" H N N 97  
DG  "H4'"  H N N 98  
DG  "H3'"  H N N 99  
DG  "HO3'" H N N 100 
DG  "H2'"  H N N 101 
DG  "H2''" H N N 102 
DG  "H1'"  H N N 103 
DG  H8     H N N 104 
DG  H1     H N N 105 
DG  H21    H N N 106 
DG  H22    H N N 107 
DT  OP3    O N N 108 
DT  P      P N N 109 
DT  OP1    O N N 110 
DT  OP2    O N N 111 
DT  "O5'"  O N N 112 
DT  "C5'"  C N N 113 
DT  "C4'"  C N R 114 
DT  "O4'"  O N N 115 
DT  "C3'"  C N S 116 
DT  "O3'"  O N N 117 
DT  "C2'"  C N N 118 
DT  "C1'"  C N R 119 
DT  N1     N N N 120 
DT  C2     C N N 121 
DT  O2     O N N 122 
DT  N3     N N N 123 
DT  C4     C N N 124 
DT  O4     O N N 125 
DT  C5     C N N 126 
DT  C7     C N N 127 
DT  C6     C N N 128 
DT  HOP3   H N N 129 
DT  HOP2   H N N 130 
DT  "H5'"  H N N 131 
DT  "H5''" H N N 132 
DT  "H4'"  H N N 133 
DT  "H3'"  H N N 134 
DT  "HO3'" H N N 135 
DT  "H2'"  H N N 136 
DT  "H2''" H N N 137 
DT  "H1'"  H N N 138 
DT  H3     H N N 139 
DT  H71    H N N 140 
DT  H72    H N N 141 
DT  H73    H N N 142 
DT  H6     H N N 143 
EDC OP3    O N N 144 
EDC P      P N N 145 
EDC N1     N N N 146 
EDC C2     C N N 147 
EDC O2     O N N 148 
EDC N3     N Y N 149 
EDC C4     C Y N 150 
EDC N4     N Y N 151 
EDC C5     C N N 152 
EDC C6     C N N 153 
EDC C7     C Y N 154 
EDC C8     C Y N 155 
EDC "C1'"  C N R 156 
EDC "C2'"  C N N 157 
EDC "C3'"  C N S 158 
EDC "O3'"  O N N 159 
EDC "C4'"  C N R 160 
EDC "O4'"  O N N 161 
EDC "C5'"  C N N 162 
EDC "O5'"  O N N 163 
EDC OP1    O N N 164 
EDC OP2    O N N 165 
EDC HOP3   H N N 166 
EDC H5     H N N 167 
EDC H6     H N N 168 
EDC H7     H N N 169 
EDC H8     H N N 170 
EDC "H1'"  H N N 171 
EDC "H2'"  H N N 172 
EDC "H2''" H N N 173 
EDC "H3'"  H N N 174 
EDC "HO3'" H N N 175 
EDC "H4'"  H N N 176 
EDC "H5'"  H N N 177 
EDC "H5''" H N N 178 
EDC HOP2   H N N 179 
# 
loop_
_chem_comp_bond.comp_id 
_chem_comp_bond.atom_id_1 
_chem_comp_bond.atom_id_2 
_chem_comp_bond.value_order 
_chem_comp_bond.pdbx_aromatic_flag 
_chem_comp_bond.pdbx_stereo_config 
_chem_comp_bond.pdbx_ordinal 
DA  OP3   P      sing N N 1   
DA  OP3   HOP3   sing N N 2   
DA  P     OP1    doub N N 3   
DA  P     OP2    sing N N 4   
DA  P     "O5'"  sing N N 5   
DA  OP2   HOP2   sing N N 6   
DA  "O5'" "C5'"  sing N N 7   
DA  "C5'" "C4'"  sing N N 8   
DA  "C5'" "H5'"  sing N N 9   
DA  "C5'" "H5''" sing N N 10  
DA  "C4'" "O4'"  sing N N 11  
DA  "C4'" "C3'"  sing N N 12  
DA  "C4'" "H4'"  sing N N 13  
DA  "O4'" "C1'"  sing N N 14  
DA  "C3'" "O3'"  sing N N 15  
DA  "C3'" "C2'"  sing N N 16  
DA  "C3'" "H3'"  sing N N 17  
DA  "O3'" "HO3'" sing N N 18  
DA  "C2'" "C1'"  sing N N 19  
DA  "C2'" "H2'"  sing N N 20  
DA  "C2'" "H2''" sing N N 21  
DA  "C1'" N9     sing N N 22  
DA  "C1'" "H1'"  sing N N 23  
DA  N9    C8     sing Y N 24  
DA  N9    C4     sing Y N 25  
DA  C8    N7     doub Y N 26  
DA  C8    H8     sing N N 27  
DA  N7    C5     sing Y N 28  
DA  C5    C6     sing Y N 29  
DA  C5    C4     doub Y N 30  
DA  C6    N6     sing N N 31  
DA  C6    N1     doub Y N 32  
DA  N6    H61    sing N N 33  
DA  N6    H62    sing N N 34  
DA  N1    C2     sing Y N 35  
DA  C2    N3     doub Y N 36  
DA  C2    H2     sing N N 37  
DA  N3    C4     sing Y N 38  
DC  OP3   P      sing N N 39  
DC  OP3   HOP3   sing N N 40  
DC  P     OP1    doub N N 41  
DC  P     OP2    sing N N 42  
DC  P     "O5'"  sing N N 43  
DC  OP2   HOP2   sing N N 44  
DC  "O5'" "C5'"  sing N N 45  
DC  "C5'" "C4'"  sing N N 46  
DC  "C5'" "H5'"  sing N N 47  
DC  "C5'" "H5''" sing N N 48  
DC  "C4'" "O4'"  sing N N 49  
DC  "C4'" "C3'"  sing N N 50  
DC  "C4'" "H4'"  sing N N 51  
DC  "O4'" "C1'"  sing N N 52  
DC  "C3'" "O3'"  sing N N 53  
DC  "C3'" "C2'"  sing N N 54  
DC  "C3'" "H3'"  sing N N 55  
DC  "O3'" "HO3'" sing N N 56  
DC  "C2'" "C1'"  sing N N 57  
DC  "C2'" "H2'"  sing N N 58  
DC  "C2'" "H2''" sing N N 59  
DC  "C1'" N1     sing N N 60  
DC  "C1'" "H1'"  sing N N 61  
DC  N1    C2     sing N N 62  
DC  N1    C6     sing N N 63  
DC  C2    O2     doub N N 64  
DC  C2    N3     sing N N 65  
DC  N3    C4     doub N N 66  
DC  C4    N4     sing N N 67  
DC  C4    C5     sing N N 68  
DC  N4    H41    sing N N 69  
DC  N4    H42    sing N N 70  
DC  C5    C6     doub N N 71  
DC  C5    H5     sing N N 72  
DC  C6    H6     sing N N 73  
DG  OP3   P      sing N N 74  
DG  OP3   HOP3   sing N N 75  
DG  P     OP1    doub N N 76  
DG  P     OP2    sing N N 77  
DG  P     "O5'"  sing N N 78  
DG  OP2   HOP2   sing N N 79  
DG  "O5'" "C5'"  sing N N 80  
DG  "C5'" "C4'"  sing N N 81  
DG  "C5'" "H5'"  sing N N 82  
DG  "C5'" "H5''" sing N N 83  
DG  "C4'" "O4'"  sing N N 84  
DG  "C4'" "C3'"  sing N N 85  
DG  "C4'" "H4'"  sing N N 86  
DG  "O4'" "C1'"  sing N N 87  
DG  "C3'" "O3'"  sing N N 88  
DG  "C3'" "C2'"  sing N N 89  
DG  "C3'" "H3'"  sing N N 90  
DG  "O3'" "HO3'" sing N N 91  
DG  "C2'" "C1'"  sing N N 92  
DG  "C2'" "H2'"  sing N N 93  
DG  "C2'" "H2''" sing N N 94  
DG  "C1'" N9     sing N N 95  
DG  "C1'" "H1'"  sing N N 96  
DG  N9    C8     sing Y N 97  
DG  N9    C4     sing Y N 98  
DG  C8    N7     doub Y N 99  
DG  C8    H8     sing N N 100 
DG  N7    C5     sing Y N 101 
DG  C5    C6     sing N N 102 
DG  C5    C4     doub Y N 103 
DG  C6    O6     doub N N 104 
DG  C6    N1     sing N N 105 
DG  N1    C2     sing N N 106 
DG  N1    H1     sing N N 107 
DG  C2    N2     sing N N 108 
DG  C2    N3     doub N N 109 
DG  N2    H21    sing N N 110 
DG  N2    H22    sing N N 111 
DG  N3    C4     sing N N 112 
DT  OP3   P      sing N N 113 
DT  OP3   HOP3   sing N N 114 
DT  P     OP1    doub N N 115 
DT  P     OP2    sing N N 116 
DT  P     "O5'"  sing N N 117 
DT  OP2   HOP2   sing N N 118 
DT  "O5'" "C5'"  sing N N 119 
DT  "C5'" "C4'"  sing N N 120 
DT  "C5'" "H5'"  sing N N 121 
DT  "C5'" "H5''" sing N N 122 
DT  "C4'" "O4'"  sing N N 123 
DT  "C4'" "C3'"  sing N N 124 
DT  "C4'" "H4'"  sing N N 125 
DT  "O4'" "C1'"  sing N N 126 
DT  "C3'" "O3'"  sing N N 127 
DT  "C3'" "C2'"  sing N N 128 
DT  "C3'" "H3'"  sing N N 129 
DT  "O3'" "HO3'" sing N N 130 
DT  "C2'" "C1'"  sing N N 131 
DT  "C2'" "H2'"  sing N N 132 
DT  "C2'" "H2''" sing N N 133 
DT  "C1'" N1     sing N N 134 
DT  "C1'" "H1'"  sing N N 135 
DT  N1    C2     sing N N 136 
DT  N1    C6     sing N N 137 
DT  C2    O2     doub N N 138 
DT  C2    N3     sing N N 139 
DT  N3    C4     sing N N 140 
DT  N3    H3     sing N N 141 
DT  C4    O4     doub N N 142 
DT  C4    C5     sing N N 143 
DT  C5    C7     sing N N 144 
DT  C5    C6     doub N N 145 
DT  C7    H71    sing N N 146 
DT  C7    H72    sing N N 147 
DT  C7    H73    sing N N 148 
DT  C6    H6     sing N N 149 
EDC P     OP3    sing N N 150 
EDC OP3   HOP3   sing N N 151 
EDC OP1   P      doub N N 152 
EDC "O5'" P      sing N N 153 
EDC P     OP2    sing N N 154 
EDC C2    N1     sing N N 155 
EDC N1    "C1'"  sing N N 156 
EDC N1    C6     sing N N 157 
EDC O2    C2     doub N N 158 
EDC N3    C2     sing N N 159 
EDC C8    N3     sing Y N 160 
EDC N3    C4     sing Y N 161 
EDC N4    C4     doub Y N 162 
EDC C4    C5     sing N N 163 
EDC C7    N4     sing Y N 164 
EDC C5    C6     doub N N 165 
EDC C5    H5     sing N N 166 
EDC C6    H6     sing N N 167 
EDC C8    C7     doub Y N 168 
EDC C7    H7     sing N N 169 
EDC C8    H8     sing N N 170 
EDC "C1'" "C2'"  sing N N 171 
EDC "C1'" "O4'"  sing N N 172 
EDC "C1'" "H1'"  sing N N 173 
EDC "C2'" "C3'"  sing N N 174 
EDC "C2'" "H2'"  sing N N 175 
EDC "C2'" "H2''" sing N N 176 
EDC "O3'" "C3'"  sing N N 177 
EDC "C3'" "C4'"  sing N N 178 
EDC "C3'" "H3'"  sing N N 179 
EDC "O3'" "HO3'" sing N N 180 
EDC "O4'" "C4'"  sing N N 181 
EDC "C4'" "C5'"  sing N N 182 
EDC "C4'" "H4'"  sing N N 183 
EDC "O5'" "C5'"  sing N N 184 
EDC "C5'" "H5'"  sing N N 185 
EDC "C5'" "H5''" sing N N 186 
EDC OP2   HOP2   sing N N 187 
# 
loop_
_ndb_struct_conf_na.entry_id 
_ndb_struct_conf_na.feature 
1B5K 'double helix'         
1B5K 'b-form double helix'  
1B5K 'mismatched base pair' 
# 
loop_
_ndb_struct_na_base_pair.model_number 
_ndb_struct_na_base_pair.i_label_asym_id 
_ndb_struct_na_base_pair.i_label_comp_id 
_ndb_struct_na_base_pair.i_label_seq_id 
_ndb_struct_na_base_pair.i_symmetry 
_ndb_struct_na_base_pair.j_label_asym_id 
_ndb_struct_na_base_pair.j_label_comp_id 
_ndb_struct_na_base_pair.j_label_seq_id 
_ndb_struct_na_base_pair.j_symmetry 
_ndb_struct_na_base_pair.shear 
_ndb_struct_na_base_pair.stretch 
_ndb_struct_na_base_pair.stagger 
_ndb_struct_na_base_pair.buckle 
_ndb_struct_na_base_pair.propeller 
_ndb_struct_na_base_pair.opening 
_ndb_struct_na_base_pair.pair_number 
_ndb_struct_na_base_pair.pair_name 
_ndb_struct_na_base_pair.i_auth_asym_id 
_ndb_struct_na_base_pair.i_auth_seq_id 
_ndb_struct_na_base_pair.i_PDB_ins_code 
_ndb_struct_na_base_pair.j_auth_asym_id 
_ndb_struct_na_base_pair.j_auth_seq_id 
_ndb_struct_na_base_pair.j_PDB_ins_code 
_ndb_struct_na_base_pair.hbond_type_28 
_ndb_struct_na_base_pair.hbond_type_12 
1 A DC 1  1_555 B DG 11 1_555 0.611  -0.211 -0.004 0.144   0.084   -1.165 1  A_DC1:DG11_B A 1  ? B 11 ? 19 1 
1 A DG 2  1_555 B DC 10 1_555 -0.579 -0.190 -0.068 -3.774  -5.429  -0.124 2  A_DG2:DC10_B A 2  ? B 10 ? 19 1 
1 A DT 3  1_555 B DA 9  1_555 -0.136 -0.143 0.222  -14.108 -12.749 -0.640 3  A_DT3:DA9_B  A 3  ? B 9  ? 20 1 
1 A DA 4  1_555 B DT 8  1_555 0.218  -0.191 0.409  -5.465  -7.379  -3.214 4  A_DA4:DT8_B  A 4  ? B 8  ? 20 1 
1 A DC 5  1_555 B DG 7  1_555 0.519  -0.200 0.218  0.083   0.076   -1.048 5  A_DC5:DG7_B  A 5  ? B 7  ? 19 1 
1 A DC 7  1_555 B DG 5  1_555 0.751  -0.274 0.002  11.670  -13.180 -1.740 6  A_DC7:DG5_B  A 7  ? B 5  ? 19 1 
1 A DA 8  1_555 B DT 4  1_555 0.085  -0.172 0.154  2.839   -14.333 -2.313 7  A_DA8:DT4_B  A 8  ? B 4  ? 20 1 
1 A DT 9  1_555 B DA 3  1_555 -0.216 -0.164 0.189  2.994   -13.135 -3.391 8  A_DT9:DA3_B  A 9  ? B 3  ? 20 1 
1 A DG 10 1_555 B DC 2  1_555 -0.662 -0.259 0.339  5.878   -3.712  -1.596 9  A_DG10:DC2_B A 10 ? B 2  ? 19 1 
1 A DC 11 1_555 B DG 1  1_555 0.670  -0.232 0.018  -0.125  0.186   -0.911 10 A_DC11:DG1_B A 11 ? B 1  ? 19 1 
# 
loop_
_ndb_struct_na_base_pair_step.model_number 
_ndb_struct_na_base_pair_step.i_label_asym_id_1 
_ndb_struct_na_base_pair_step.i_label_comp_id_1 
_ndb_struct_na_base_pair_step.i_label_seq_id_1 
_ndb_struct_na_base_pair_step.i_symmetry_1 
_ndb_struct_na_base_pair_step.j_label_asym_id_1 
_ndb_struct_na_base_pair_step.j_label_comp_id_1 
_ndb_struct_na_base_pair_step.j_label_seq_id_1 
_ndb_struct_na_base_pair_step.j_symmetry_1 
_ndb_struct_na_base_pair_step.i_label_asym_id_2 
_ndb_struct_na_base_pair_step.i_label_comp_id_2 
_ndb_struct_na_base_pair_step.i_label_seq_id_2 
_ndb_struct_na_base_pair_step.i_symmetry_2 
_ndb_struct_na_base_pair_step.j_label_asym_id_2 
_ndb_struct_na_base_pair_step.j_label_comp_id_2 
_ndb_struct_na_base_pair_step.j_label_seq_id_2 
_ndb_struct_na_base_pair_step.j_symmetry_2 
_ndb_struct_na_base_pair_step.shift 
_ndb_struct_na_base_pair_step.slide 
_ndb_struct_na_base_pair_step.rise 
_ndb_struct_na_base_pair_step.tilt 
_ndb_struct_na_base_pair_step.roll 
_ndb_struct_na_base_pair_step.twist 
_ndb_struct_na_base_pair_step.x_displacement 
_ndb_struct_na_base_pair_step.y_displacement 
_ndb_struct_na_base_pair_step.helical_rise 
_ndb_struct_na_base_pair_step.inclination 
_ndb_struct_na_base_pair_step.tip 
_ndb_struct_na_base_pair_step.helical_twist 
_ndb_struct_na_base_pair_step.step_number 
_ndb_struct_na_base_pair_step.step_name 
_ndb_struct_na_base_pair_step.i_auth_asym_id_1 
_ndb_struct_na_base_pair_step.i_auth_seq_id_1 
_ndb_struct_na_base_pair_step.i_PDB_ins_code_1 
_ndb_struct_na_base_pair_step.j_auth_asym_id_1 
_ndb_struct_na_base_pair_step.j_auth_seq_id_1 
_ndb_struct_na_base_pair_step.j_PDB_ins_code_1 
_ndb_struct_na_base_pair_step.i_auth_asym_id_2 
_ndb_struct_na_base_pair_step.i_auth_seq_id_2 
_ndb_struct_na_base_pair_step.i_PDB_ins_code_2 
_ndb_struct_na_base_pair_step.j_auth_asym_id_2 
_ndb_struct_na_base_pair_step.j_auth_seq_id_2 
_ndb_struct_na_base_pair_step.j_PDB_ins_code_2 
1 A DC 1  1_555 B DG 11 1_555 A DG 2  1_555 B DC 10 1_555 0.390  -1.781 4.230 1.613  -22.428 32.997 1.229  -0.297 4.525 -34.901 
-2.510 39.753 1 AA_DC1DG2:DC10DG11_BB A 1  ? B 11 ? A 2  ? B 10 ? 
1 A DG 2  1_555 B DC 10 1_555 A DT 3  1_555 B DA 9  1_555 -0.896 -1.329 3.520 -0.529 -9.581  38.783 -0.703 1.244  3.742 -14.165 
0.782  39.908 2 AA_DG2DT3:DA9DC10_BB  A 2  ? B 10 ? A 3  ? B 9  ? 
1 A DT 3  1_555 B DA 9  1_555 A DA 4  1_555 B DT 8  1_555 0.325  -1.076 2.693 -0.937 7.367   34.895 -2.602 -0.639 2.414 12.115  
1.541  35.652 3 AA_DT3DA4:DT8DA9_BB   A 3  ? B 9  ? A 4  ? B 8  ? 
1 A DA 4  1_555 B DT 8  1_555 A DC 5  1_555 B DG 7  1_555 -0.523 -0.750 3.004 1.566  -0.883  41.338 -0.975 0.894  2.998 -1.250  
-2.217 41.375 4 AA_DA4DC5:DG7DT8_BB   A 4  ? B 8  ? A 5  ? B 7  ? 
1 A DC 5  1_555 B DG 7  1_555 A DC 7  1_555 B DG 5  1_555 0.341  0.393  5.942 1.670  0.533   73.293 0.298  -0.188 5.950 0.447   
-1.399 73.311 5 AA_DC5DC7:DG5DG7_BB   A 5  ? B 7  ? A 7  ? B 5  ? 
1 A DC 7  1_555 B DG 5  1_555 A DA 8  1_555 B DT 4  1_555 -0.423 -0.591 3.055 -0.479 11.480  41.785 -1.827 0.530  2.809 15.741  
0.657  43.267 6 AA_DC7DA8:DT4DG5_BB   A 7  ? B 5  ? A 8  ? B 4  ? 
1 A DA 8  1_555 B DT 4  1_555 A DT 9  1_555 B DA 3  1_555 0.228  -0.833 3.028 -0.192 -2.224  33.083 -1.111 -0.429 3.075 -3.901  
0.337  33.156 7 AA_DA8DT9:DA3DT4_BB   A 8  ? B 4  ? A 9  ? B 3  ? 
1 A DT 9  1_555 B DA 3  1_555 A DG 10 1_555 B DC 2  1_555 0.599  -1.437 2.751 -0.956 6.152   34.146 -3.165 -1.122 2.445 10.371  
1.611  34.692 8 AA_DT9DG10:DC2DA3_BB  A 9  ? B 3  ? A 10 ? B 2  ? 
1 A DG 10 1_555 B DC 2  1_555 A DC 11 1_555 B DG 1  1_555 0.219  -0.961 3.501 0.857  -10.412 44.533 -0.232 -0.199 3.629 -13.519 
-1.113 45.681 9 AA_DG10DC11:DG1DC2_BB A 10 ? B 2  ? A 11 ? B 1  ? 
# 
loop_
_pdbx_nmr_spectrometer.spectrometer_id 
_pdbx_nmr_spectrometer.model 
_pdbx_nmr_spectrometer.manufacturer 
_pdbx_nmr_spectrometer.field_strength 
_pdbx_nmr_spectrometer.type 
1 AM  Bruker 500 ? 
2 AMX Bruker 600 ? 
# 
_atom_sites.entry_id                    1B5K 
_atom_sites.fract_transf_matrix[1][1]   1.000000 
_atom_sites.fract_transf_matrix[1][2]   0.000000 
_atom_sites.fract_transf_matrix[1][3]   0.000000 
_atom_sites.fract_transf_matrix[2][1]   0.000000 
_atom_sites.fract_transf_matrix[2][2]   1.000000 
_atom_sites.fract_transf_matrix[2][3]   0.000000 
_atom_sites.fract_transf_matrix[3][1]   0.000000 
_atom_sites.fract_transf_matrix[3][2]   0.000000 
_atom_sites.fract_transf_matrix[3][3]   1.000000 
_atom_sites.fract_transf_vector[1]      0.00000 
_atom_sites.fract_transf_vector[2]      0.00000 
_atom_sites.fract_transf_vector[3]      0.00000 
# 
loop_
_atom_type.symbol 
C 
H 
N 
O 
P 
# 
loop_
_atom_site.group_PDB 
_atom_site.id 
_atom_site.type_symbol 
_atom_site.label_atom_id 
_atom_site.label_alt_id 
_atom_site.label_comp_id 
_atom_site.label_asym_id 
_atom_site.label_entity_id 
_atom_site.label_seq_id 
_atom_site.pdbx_PDB_ins_code 
_atom_site.Cartn_x 
_atom_site.Cartn_y 
_atom_site.Cartn_z 
_atom_site.occupancy 
_atom_site.B_iso_or_equiv 
_atom_site.pdbx_formal_charge 
_atom_site.auth_seq_id 
_atom_site.auth_comp_id 
_atom_site.auth_asym_id 
_atom_site.auth_atom_id 
_atom_site.pdbx_PDB_model_num 
ATOM   1    O "O5'"  . DC  A 1 1  ? -11.321 12.325  11.161  1.00 0.33 ? 1  DC  A "O5'"  1 
ATOM   2    C "C5'"  . DC  A 1 1  ? -11.130 12.288  12.580  1.00 0.32 ? 1  DC  A "C5'"  1 
ATOM   3    C "C4'"  . DC  A 1 1  ? -10.681 10.911  13.086  1.00 0.27 ? 1  DC  A "C4'"  1 
ATOM   4    O "O4'"  . DC  A 1 1  ? -11.640 9.882   12.759  1.00 0.31 ? 1  DC  A "O4'"  1 
ATOM   5    C "C3'"  . DC  A 1 1  ? -9.342  10.439  12.506  1.00 0.20 ? 1  DC  A "C3'"  1 
ATOM   6    O "O3'"  . DC  A 1 1  ? -8.628  9.626   13.452  1.00 0.24 ? 1  DC  A "O3'"  1 
ATOM   7    C "C2'"  . DC  A 1 1  ? -9.829  9.683   11.291  1.00 0.19 ? 1  DC  A "C2'"  1 
ATOM   8    C "C1'"  . DC  A 1 1  ? -10.998 8.924   11.893  1.00 0.25 ? 1  DC  A "C1'"  1 
ATOM   9    N N1     . DC  A 1 1  ? -11.926 8.448   10.834  1.00 0.32 ? 1  DC  A N1     1 
ATOM   10   C C2     . DC  A 1 1  ? -11.972 7.091   10.537  1.00 0.29 ? 1  DC  A C2     1 
ATOM   11   O O2     . DC  A 1 1  ? -11.270 6.280   11.131  1.00 0.27 ? 1  DC  A O2     1 
ATOM   12   N N3     . DC  A 1 1  ? -12.819 6.664   9.565   1.00 0.34 ? 1  DC  A N3     1 
ATOM   13   C C4     . DC  A 1 1  ? -13.595 7.533   8.907   1.00 0.44 ? 1  DC  A C4     1 
ATOM   14   N N4     . DC  A 1 1  ? -14.474 7.047   7.890   1.00 0.52 ? 1  DC  A N4     1 
ATOM   15   C C5     . DC  A 1 1  ? -13.562 8.934   9.199   1.00 0.49 ? 1  DC  A C5     1 
ATOM   16   C C6     . DC  A 1 1  ? -12.715 9.340   10.167  1.00 0.42 ? 1  DC  A C6     1 
ATOM   17   H "H5'"  . DC  A 1 1  ? -12.074 12.541  13.062  1.00 0.43 ? 1  DC  A "H5'"  1 
ATOM   18   H "H5''" . DC  A 1 1  ? -10.381 13.030  12.857  1.00 0.33 ? 1  DC  A "H5''" 1 
ATOM   19   H "H4'"  . DC  A 1 1  ? -10.584 10.956  14.171  1.00 0.37 ? 1  DC  A "H4'"  1 
ATOM   20   H "H3'"  . DC  A 1 1  ? -8.708  11.287  12.248  1.00 0.27 ? 1  DC  A "H3'"  1 
ATOM   21   H "H2'"  . DC  A 1 1  ? -10.230 10.396  10.569  1.00 0.31 ? 1  DC  A "H2'"  1 
ATOM   22   H "H2''" . DC  A 1 1  ? -9.095  9.008   10.852  1.00 0.29 ? 1  DC  A "H2''" 1 
ATOM   23   H "H1'"  . DC  A 1 1  ? -10.599 8.091   12.472  1.00 0.32 ? 1  DC  A "H1'"  1 
ATOM   24   H H41    . DC  A 1 1  ? -14.485 6.057   7.694   1.00 0.47 ? 1  DC  A H41    1 
ATOM   25   H H42    . DC  A 1 1  ? -15.069 7.686   7.382   1.00 0.66 ? 1  DC  A H42    1 
ATOM   26   H H5     . DC  A 1 1  ? -14.193 9.645   8.666   1.00 0.60 ? 1  DC  A H5     1 
ATOM   27   H H6     . DC  A 1 1  ? -12.654 10.397  10.425  1.00 0.45 ? 1  DC  A H6     1 
ATOM   28   H "HO5'" . DC  A 1 1  ? -11.534 13.232  10.927  1.00 0.45 ? 1  DC  A "HO5'" 1 
ATOM   29   P P      . DG  A 1 2  ? -7.137  9.054   13.182  1.00 0.24 ? 2  DG  A P      1 
ATOM   30   O OP1    . DG  A 1 2  ? -6.440  8.973   14.487  1.00 0.38 ? 2  DG  A OP1    1 
ATOM   31   O OP2    . DG  A 1 2  ? -6.529  9.831   12.077  1.00 0.23 ? 2  DG  A OP2    1 
ATOM   32   O "O5'"  . DG  A 1 2  ? -7.403  7.554   12.649  1.00 0.25 ? 2  DG  A "O5'"  1 
ATOM   33   C "C5'"  . DG  A 1 2  ? -7.898  6.531   13.525  1.00 0.27 ? 2  DG  A "C5'"  1 
ATOM   34   C "C4'"  . DG  A 1 2  ? -7.952  5.146   12.873  1.00 0.26 ? 2  DG  A "C4'"  1 
ATOM   35   O "O4'"  . DG  A 1 2  ? -8.804  5.096   11.710  1.00 0.24 ? 2  DG  A "O4'"  1 
ATOM   36   C "C3'"  . DG  A 1 2  ? -6.601  4.578   12.422  1.00 0.26 ? 2  DG  A "C3'"  1 
ATOM   37   O "O3'"  . DG  A 1 2  ? -6.559  3.177   12.769  1.00 0.31 ? 2  DG  A "O3'"  1 
ATOM   38   C "C2'"  . DG  A 1 2  ? -6.646  4.879   10.934  1.00 0.24 ? 2  DG  A "C2'"  1 
ATOM   39   C "C1'"  . DG  A 1 2  ? -8.069  4.453   10.658  1.00 0.22 ? 2  DG  A "C1'"  1 
ATOM   40   N N9     . DG  A 1 2  ? -8.545  4.890   9.332   1.00 0.19 ? 2  DG  A N9     1 
ATOM   41   C C8     . DG  A 1 2  ? -8.581  6.134   8.785   1.00 0.20 ? 2  DG  A C8     1 
ATOM   42   N N7     . DG  A 1 2  ? -9.078  6.221   7.583   1.00 0.21 ? 2  DG  A N7     1 
ATOM   43   C C5     . DG  A 1 2  ? -9.401  4.892   7.304   1.00 0.18 ? 2  DG  A C5     1 
ATOM   44   C C6     . DG  A 1 2  ? -9.983  4.311   6.142   1.00 0.17 ? 2  DG  A C6     1 
ATOM   45   O O6     . DG  A 1 2  ? -10.342 4.852   5.102   1.00 0.23 ? 2  DG  A O6     1 
ATOM   46   N N1     . DG  A 1 2  ? -10.137 2.943   6.276   1.00 0.18 ? 2  DG  A N1     1 
ATOM   47   C C2     . DG  A 1 2  ? -9.779  2.217   7.388   1.00 0.20 ? 2  DG  A C2     1 
ATOM   48   N N2     . DG  A 1 2  ? -9.983  0.819   7.365   1.00 0.24 ? 2  DG  A N2     1 
ATOM   49   N N3     . DG  A 1 2  ? -9.236  2.752   8.476   1.00 0.21 ? 2  DG  A N3     1 
ATOM   50   C C4     . DG  A 1 2  ? -9.077  4.084   8.366   1.00 0.18 ? 2  DG  A C4     1 
ATOM   51   H "H5'"  . DG  A 1 2  ? -8.910  6.801   13.831  1.00 0.33 ? 2  DG  A "H5'"  1 
ATOM   52   H "H5''" . DG  A 1 2  ? -7.267  6.476   14.413  1.00 0.39 ? 2  DG  A "H5''" 1 
ATOM   53   H "H4'"  . DG  A 1 2  ? -8.357  4.448   13.606  1.00 0.31 ? 2  DG  A "H4'"  1 
ATOM   54   H "H3'"  . DG  A 1 2  ? -5.780  5.078   12.935  1.00 0.29 ? 2  DG  A "H3'"  1 
ATOM   55   H "H2'"  . DG  A 1 2  ? -6.595  5.953   10.750  1.00 0.29 ? 2  DG  A "H2'"  1 
ATOM   56   H "H2''" . DG  A 1 2  ? -5.910  4.338   10.339  1.00 0.33 ? 2  DG  A "H2''" 1 
ATOM   57   H "H1'"  . DG  A 1 2  ? -8.157  3.371   10.754  1.00 0.29 ? 2  DG  A "H1'"  1 
ATOM   58   H H8     . DG  A 1 2  ? -8.201  6.991   9.342   1.00 0.26 ? 2  DG  A H8     1 
ATOM   59   H H1     . DG  A 1 2  ? -10.548 2.482   5.477   1.00 0.22 ? 2  DG  A H1     1 
ATOM   60   H H21    . DG  A 1 2  ? -10.484 0.377   6.606   1.00 0.34 ? 2  DG  A H21    1 
ATOM   61   H H22    . DG  A 1 2  ? -9.603  0.287   8.135   1.00 0.40 ? 2  DG  A H22    1 
ATOM   62   P P      . DT  A 1 3  ? -5.502  2.081   12.217  1.00 0.34 ? 3  DT  A P      1 
ATOM   63   O OP1    . DT  A 1 3  ? -5.052  1.267   13.368  1.00 0.44 ? 3  DT  A OP1    1 
ATOM   64   O OP2    . DT  A 1 3  ? -4.499  2.767   11.370  1.00 0.39 ? 3  DT  A OP2    1 
ATOM   65   O "O5'"  . DT  A 1 3  ? -6.406  1.151   11.253  1.00 0.27 ? 3  DT  A "O5'"  1 
ATOM   66   C "C5'"  . DT  A 1 3  ? -7.463  0.311   11.756  1.00 0.25 ? 3  DT  A "C5'"  1 
ATOM   67   C "C4'"  . DT  A 1 3  ? -7.857  -0.807  10.774  1.00 0.24 ? 3  DT  A "C4'"  1 
ATOM   68   O "O4'"  . DT  A 1 3  ? -8.288  -0.302  9.497   1.00 0.24 ? 3  DT  A "O4'"  1 
ATOM   69   C "C3'"  . DT  A 1 3  ? -6.737  -1.806  10.464  1.00 0.23 ? 3  DT  A "C3'"  1 
ATOM   70   O "O3'"  . DT  A 1 3  ? -7.277  -3.114  10.200  1.00 0.22 ? 3  DT  A "O3'"  1 
ATOM   71   C "C2'"  . DT  A 1 3  ? -6.089  -1.134  9.271   1.00 0.25 ? 3  DT  A "C2'"  1 
ATOM   72   C "C1'"  . DT  A 1 3  ? -7.347  -0.752  8.501   1.00 0.23 ? 3  DT  A "C1'"  1 
ATOM   73   N N1     . DT  A 1 3  ? -7.121  0.333   7.512   1.00 0.21 ? 3  DT  A N1     1 
ATOM   74   C C2     . DT  A 1 3  ? -7.553  0.119   6.213   1.00 0.20 ? 3  DT  A C2     1 
ATOM   75   O O2     . DT  A 1 3  ? -8.090  -0.918  5.832   1.00 0.21 ? 3  DT  A O2     1 
ATOM   76   N N3     . DT  A 1 3  ? -7.348  1.154   5.336   1.00 0.19 ? 3  DT  A N3     1 
ATOM   77   C C4     . DT  A 1 3  ? -6.762  2.366   5.616   1.00 0.19 ? 3  DT  A C4     1 
ATOM   78   O O4     . DT  A 1 3  ? -6.656  3.202   4.723   1.00 0.23 ? 3  DT  A O4     1 
ATOM   79   C C5     . DT  A 1 3  ? -6.335  2.515   6.986   1.00 0.19 ? 3  DT  A C5     1 
ATOM   80   C C7     . DT  A 1 3  ? -5.660  3.816   7.435   1.00 0.20 ? 3  DT  A C7     1 
ATOM   81   C C6     . DT  A 1 3  ? -6.523  1.519   7.875   1.00 0.20 ? 3  DT  A C6     1 
ATOM   82   H "H5'"  . DT  A 1 3  ? -8.339  0.936   11.930  1.00 0.28 ? 3  DT  A "H5'"  1 
ATOM   83   H "H5''" . DT  A 1 3  ? -7.160  -0.140  12.700  1.00 0.29 ? 3  DT  A "H5''" 1 
ATOM   84   H "H4'"  . DT  A 1 3  ? -8.688  -1.357  11.214  1.00 0.26 ? 3  DT  A "H4'"  1 
ATOM   85   H "H3'"  . DT  A 1 3  ? -6.065  -1.891  11.319  1.00 0.26 ? 3  DT  A "H3'"  1 
ATOM   86   H "H2'"  . DT  A 1 3  ? -5.598  -0.228  9.624   1.00 0.28 ? 3  DT  A "H2'"  1 
ATOM   87   H "H2''" . DT  A 1 3  ? -5.410  -1.756  8.688   1.00 0.29 ? 3  DT  A "H2''" 1 
ATOM   88   H "H1'"  . DT  A 1 3  ? -7.744  -1.646  8.017   1.00 0.26 ? 3  DT  A "H1'"  1 
ATOM   89   H H3     . DT  A 1 3  ? -7.667  1.001   4.390   1.00 0.19 ? 3  DT  A H3     1 
ATOM   90   H H71    . DT  A 1 3  ? -4.673  3.596   7.840   1.00 0.28 ? 3  DT  A H71    1 
ATOM   91   H H72    . DT  A 1 3  ? -5.555  4.495   6.587   1.00 0.24 ? 3  DT  A H72    1 
ATOM   92   H H73    . DT  A 1 3  ? -6.266  4.299   8.200   1.00 0.29 ? 3  DT  A H73    1 
ATOM   93   H H6     . DT  A 1 3  ? -6.189  1.670   8.901   1.00 0.24 ? 3  DT  A H6     1 
ATOM   94   P P      . DA  A 1 4  ? -6.352  -4.373  9.787   1.00 0.22 ? 4  DA  A P      1 
ATOM   95   O OP1    . DA  A 1 4  ? -7.102  -5.605  10.122  1.00 0.26 ? 4  DA  A OP1    1 
ATOM   96   O OP2    . DA  A 1 4  ? -5.000  -4.172  10.355  1.00 0.26 ? 4  DA  A OP2    1 
ATOM   97   O "O5'"  . DA  A 1 4  ? -6.237  -4.257  8.176   1.00 0.22 ? 4  DA  A "O5'"  1 
ATOM   98   C "C5'"  . DA  A 1 4  ? -7.172  -4.908  7.299   1.00 0.20 ? 4  DA  A "C5'"  1 
ATOM   99   C "C4'"  . DA  A 1 4  ? -6.789  -4.819  5.815   1.00 0.20 ? 4  DA  A "C4'"  1 
ATOM   100  O "O4'"  . DA  A 1 4  ? -6.823  -3.486  5.258   1.00 0.21 ? 4  DA  A "O4'"  1 
ATOM   101  C "C3'"  . DA  A 1 4  ? -5.395  -5.377  5.495   1.00 0.23 ? 4  DA  A "C3'"  1 
ATOM   102  O "O3'"  . DA  A 1 4  ? -5.454  -6.194  4.308   1.00 0.23 ? 4  DA  A "O3'"  1 
ATOM   103  C "C2'"  . DA  A 1 4  ? -4.614  -4.087  5.354   1.00 0.26 ? 4  DA  A "C2'"  1 
ATOM   104  C "C1'"  . DA  A 1 4  ? -5.610  -3.304  4.513   1.00 0.21 ? 4  DA  A "C1'"  1 
ATOM   105  N N9     . DA  A 1 4  ? -5.279  -1.872  4.346   1.00 0.21 ? 4  DA  A N9     1 
ATOM   106  C C8     . DA  A 1 4  ? -4.740  -0.994  5.238   1.00 0.25 ? 4  DA  A C8     1 
ATOM   107  N N7     . DA  A 1 4  ? -4.570  0.223   4.813   1.00 0.26 ? 4  DA  A N7     1 
ATOM   108  C C5     . DA  A 1 4  ? -5.043  0.147   3.502   1.00 0.20 ? 4  DA  A C5     1 
ATOM   109  C C6     . DA  A 1 4  ? -5.150  1.099   2.479   1.00 0.19 ? 4  DA  A C6     1 
ATOM   110  N N6     . DA  A 1 4  ? -4.741  2.458   2.644   1.00 0.24 ? 4  DA  A N6     1 
ATOM   111  N N1     . DA  A 1 4  ? -5.660  0.697   1.305   1.00 0.16 ? 4  DA  A N1     1 
ATOM   112  C C2     . DA  A 1 4  ? -6.042  -0.566  1.152   1.00 0.16 ? 4  DA  A C2     1 
ATOM   113  N N3     . DA  A 1 4  ? -5.992  -1.550  2.038   1.00 0.16 ? 4  DA  A N3     1 
ATOM   114  C C4     . DA  A 1 4  ? -5.475  -1.121  3.210   1.00 0.18 ? 4  DA  A C4     1 
ATOM   115  H "H5'"  . DA  A 1 4  ? -8.160  -4.465  7.426   1.00 0.23 ? 4  DA  A "H5'"  1 
ATOM   116  H "H5''" . DA  A 1 4  ? -7.223  -5.963  7.573   1.00 0.22 ? 4  DA  A "H5''" 1 
ATOM   117  H "H4'"  . DA  A 1 4  ? -7.502  -5.424  5.253   1.00 0.22 ? 4  DA  A "H4'"  1 
ATOM   118  H "H3'"  . DA  A 1 4  ? -5.031  -6.001  6.310   1.00 0.27 ? 4  DA  A "H3'"  1 
ATOM   119  H "H2'"  . DA  A 1 4  ? -4.534  -3.600  6.326   1.00 0.29 ? 4  DA  A "H2'"  1 
ATOM   120  H "H2''" . DA  A 1 4  ? -3.638  -4.223  4.889   1.00 0.31 ? 4  DA  A "H2''" 1 
ATOM   121  H "H1'"  . DA  A 1 4  ? -5.707  -3.775  3.535   1.00 0.23 ? 4  DA  A "H1'"  1 
ATOM   122  H H8     . DA  A 1 4  ? -4.467  -1.294  6.250   1.00 0.29 ? 4  DA  A H8     1 
ATOM   123  H H61    . DA  A 1 4  ? -4.878  3.118   1.891   1.00 0.26 ? 4  DA  A H61    1 
ATOM   124  H H62    . DA  A 1 4  ? -4.318  2.748   3.515   1.00 0.28 ? 4  DA  A H62    1 
ATOM   125  H H2     . DA  A 1 4  ? -6.448  -0.827  0.175   1.00 0.20 ? 4  DA  A H2     1 
ATOM   126  P P      . DC  A 1 5  ? -4.199  -6.656  3.392   1.00 0.27 ? 5  DC  A P      1 
ATOM   127  O OP1    . DC  A 1 5  ? -4.265  -8.127  3.235   1.00 0.30 ? 5  DC  A OP1    1 
ATOM   128  O OP2    . DC  A 1 5  ? -2.960  -6.030  3.910   1.00 0.33 ? 5  DC  A OP2    1 
ATOM   129  O "O5'"  . DC  A 1 5  ? -4.528  -5.971  1.965   1.00 0.24 ? 5  DC  A "O5'"  1 
ATOM   130  C "C5'"  . DC  A 1 5  ? -5.686  -6.360  1.207   1.00 0.22 ? 5  DC  A "C5'"  1 
ATOM   131  C "C4'"  . DC  A 1 5  ? -5.584  -6.059  -0.298  1.00 0.21 ? 5  DC  A "C4'"  1 
ATOM   132  O "O4'"  . DC  A 1 5  ? -5.463  -4.659  -0.613  1.00 0.20 ? 5  DC  A "O4'"  1 
ATOM   133  C "C3'"  . DC  A 1 5  ? -4.426  -6.758  -1.010  1.00 0.25 ? 5  DC  A "C3'"  1 
ATOM   134  O "O3'"  . DC  A 1 5  ? -4.800  -7.151  -2.333  1.00 0.29 ? 5  DC  A "O3'"  1 
ATOM   135  C "C2'"  . DC  A 1 5  ? -3.349  -5.695  -0.923  1.00 0.24 ? 5  DC  A "C2'"  1 
ATOM   136  C "C1'"  . DC  A 1 5  ? -4.143  -4.385  -1.121  1.00 0.21 ? 5  DC  A "C1'"  1 
ATOM   137  N N1     . DC  A 1 5  ? -3.641  -3.251  -0.285  1.00 0.19 ? 5  DC  A N1     1 
ATOM   138  C C2     . DC  A 1 5  ? -3.657  -1.982  -0.848  1.00 0.16 ? 5  DC  A C2     1 
ATOM   139  O O2     . DC  A 1 5  ? -4.065  -1.790  -1.987  1.00 0.17 ? 5  DC  A O2     1 
ATOM   140  N N3     . DC  A 1 5  ? -3.209  -0.936  -0.109  1.00 0.16 ? 5  DC  A N3     1 
ATOM   141  C C4     . DC  A 1 5  ? -2.760  -1.110  1.135   1.00 0.18 ? 5  DC  A C4     1 
ATOM   142  N N4     . DC  A 1 5  ? -2.298  0.017   1.881   1.00 0.20 ? 5  DC  A N4     1 
ATOM   143  C C5     . DC  A 1 5  ? -2.736  -2.399  1.735   1.00 0.20 ? 5  DC  A C5     1 
ATOM   144  C C6     . DC  A 1 5  ? -3.183  -3.436  0.999   1.00 0.21 ? 5  DC  A C6     1 
ATOM   145  H "H5'"  . DC  A 1 5  ? -6.550  -5.825  1.602   1.00 0.26 ? 5  DC  A "H5'"  1 
ATOM   146  H "H5''" . DC  A 1 5  ? -5.856  -7.430  1.327   1.00 0.26 ? 5  DC  A "H5''" 1 
ATOM   147  H "H4'"  . DC  A 1 5  ? -6.509  -6.412  -0.753  1.00 0.23 ? 5  DC  A "H4'"  1 
ATOM   148  H "H3'"  . DC  A 1 5  ? -4.155  -7.663  -0.465  1.00 0.32 ? 5  DC  A "H3'"  1 
ATOM   149  H "H2'"  . DC  A 1 5  ? -3.000  -5.744  0.110   1.00 0.27 ? 5  DC  A "H2'"  1 
ATOM   150  H "H2''" . DC  A 1 5  ? -2.518  -5.809  -1.619  1.00 0.29 ? 5  DC  A "H2''" 1 
ATOM   151  H "H1'"  . DC  A 1 5  ? -4.154  -4.094  -2.173  1.00 0.20 ? 5  DC  A "H1'"  1 
ATOM   152  H H41    . DC  A 1 5  ? -2.324  0.932   1.455   1.00 0.22 ? 5  DC  A H41    1 
ATOM   153  H H42    . DC  A 1 5  ? -1.954  -0.113  2.822   1.00 0.26 ? 5  DC  A H42    1 
ATOM   154  H H5     . DC  A 1 5  ? -2.358  -2.521  2.750   1.00 0.24 ? 5  DC  A H5     1 
ATOM   155  H H6     . DC  A 1 5  ? -3.178  -4.422  1.466   1.00 0.25 ? 5  DC  A H6     1 
HETATM 156  P P      . EDC A 1 6  ? -3.887  -8.134  -3.233  1.00 0.36 ? 6  EDC A P      1 
HETATM 157  N N1     . EDC A 1 6  ? -2.410  -2.661  -5.030  1.00 0.19 ? 6  EDC A N1     1 
HETATM 158  C C2     . EDC A 1 6  ? -1.740  -2.921  -3.829  1.00 0.19 ? 6  EDC A C2     1 
HETATM 159  O O2     . EDC A 1 6  ? -1.627  -4.075  -3.422  1.00 0.22 ? 6  EDC A O2     1 
HETATM 160  N N3     . EDC A 1 6  ? -1.251  -1.784  -3.197  1.00 0.15 ? 6  EDC A N3     1 
HETATM 161  C C4     . EDC A 1 6  ? -1.391  -0.537  -3.670  1.00 0.15 ? 6  EDC A C4     1 
HETATM 162  N N4     . EDC A 1 6  ? -0.833  0.387   -2.866  1.00 0.17 ? 6  EDC A N4     1 
HETATM 163  C C5     . EDC A 1 6  ? -2.075  -0.302  -4.894  1.00 0.16 ? 6  EDC A C5     1 
HETATM 164  C C6     . EDC A 1 6  ? -2.559  -1.393  -5.514  1.00 0.17 ? 6  EDC A C6     1 
HETATM 165  C C7     . EDC A 1 6  ? -0.319  -0.414  -1.819  1.00 0.16 ? 6  EDC A C7     1 
HETATM 166  C C8     . EDC A 1 6  ? -0.584  -1.714  -2.045  1.00 0.16 ? 6  EDC A C8     1 
HETATM 167  C "C1'"  . EDC A 1 6  ? -2.981  -3.756  -5.862  1.00 0.22 ? 6  EDC A "C1'"  1 
HETATM 168  C "C2'"  . EDC A 1 6  ? -2.060  -4.889  -6.216  1.00 0.24 ? 6  EDC A "C2'"  1 
HETATM 169  C "C3'"  . EDC A 1 6  ? -3.033  -5.717  -7.040  1.00 0.29 ? 6  EDC A "C3'"  1 
HETATM 170  O "O3'"  . EDC A 1 6  ? -3.260  -5.179  -8.357  1.00 0.32 ? 6  EDC A "O3'"  1 
HETATM 171  C "C4'"  . EDC A 1 6  ? -4.313  -5.584  -6.194  1.00 0.28 ? 6  EDC A "C4'"  1 
HETATM 172  O "O4'"  . EDC A 1 6  ? -4.146  -4.413  -5.360  1.00 0.25 ? 6  EDC A "O4'"  1 
HETATM 173  C "C5'"  . EDC A 1 6  ? -4.643  -6.836  -5.396  1.00 0.32 ? 6  EDC A "C5'"  1 
HETATM 174  O "O5'"  . EDC A 1 6  ? -3.588  -7.192  -4.495  1.00 0.32 ? 6  EDC A "O5'"  1 
HETATM 175  O OP1    . EDC A 1 6  ? -4.728  -9.272  -3.678  1.00 0.47 ? 6  EDC A OP1    1 
HETATM 176  O OP2    . EDC A 1 6  ? -2.605  -8.396  -2.538  1.00 0.39 ? 6  EDC A OP2    1 
HETATM 177  H H5     . EDC A 1 6  ? -2.204  0.684   -5.342  1.00 0.21 ? 6  EDC A H5     1 
HETATM 178  H H6     . EDC A 1 6  ? -3.120  -1.287  -6.444  1.00 0.20 ? 6  EDC A H6     1 
HETATM 179  H H7     . EDC A 1 6  ? 0.218   -0.027  -0.952  1.00 0.22 ? 6  EDC A H7     1 
HETATM 180  H H8     . EDC A 1 6  ? -0.292  -2.554  -1.414  1.00 0.22 ? 6  EDC A H8     1 
HETATM 181  H "H1'"  . EDC A 1 6  ? -3.219  -3.333  -6.839  1.00 0.27 ? 6  EDC A "H1'"  1 
HETATM 182  H "H2'"  . EDC A 1 6  ? -1.791  -5.386  -5.284  1.00 0.25 ? 6  EDC A "H2'"  1 
HETATM 183  H "H2''" . EDC A 1 6  ? -1.204  -4.509  -6.775  1.00 0.30 ? 6  EDC A "H2''" 1 
HETATM 184  H "H3'"  . EDC A 1 6  ? -2.731  -6.759  -7.139  1.00 0.34 ? 6  EDC A "H3'"  1 
HETATM 185  H "H4'"  . EDC A 1 6  ? -5.134  -5.391  -6.886  1.00 0.34 ? 6  EDC A "H4'"  1 
HETATM 186  H "H5'"  . EDC A 1 6  ? -5.561  -6.647  -4.838  1.00 0.33 ? 6  EDC A "H5'"  1 
HETATM 187  H "H5''" . EDC A 1 6  ? -4.812  -7.663  -6.085  1.00 0.39 ? 6  EDC A "H5''" 1 
ATOM   188  P P      . DC  A 1 7  ? -2.113  -5.055  -9.491  1.00 0.33 ? 7  DC  A P      1 
ATOM   189  O OP1    . DC  A 1 7  ? -2.785  -4.988  -10.808 1.00 0.41 ? 7  DC  A OP1    1 
ATOM   190  O OP2    . DC  A 1 7  ? -1.090  -6.097  -9.246  1.00 0.36 ? 7  DC  A OP2    1 
ATOM   191  O "O5'"  . DC  A 1 7  ? -1.442  -3.617  -9.185  1.00 0.30 ? 7  DC  A "O5'"  1 
ATOM   192  C "C5'"  . DC  A 1 7  ? -2.082  -2.380  -9.540  1.00 0.30 ? 7  DC  A "C5'"  1 
ATOM   193  C "C4'"  . DC  A 1 7  ? -1.200  -1.154  -9.269  1.00 0.27 ? 7  DC  A "C4'"  1 
ATOM   194  O "O4'"  . DC  A 1 7  ? -0.845  -1.039  -7.875  1.00 0.26 ? 7  DC  A "O4'"  1 
ATOM   195  C "C3'"  . DC  A 1 7  ? 0.127   -1.147  -10.046 1.00 0.22 ? 7  DC  A "C3'"  1 
ATOM   196  O "O3'"  . DC  A 1 7  ? 0.516   0.191   -10.416 1.00 0.21 ? 7  DC  A "O3'"  1 
ATOM   197  C "C2'"  . DC  A 1 7  ? 1.033   -1.795  -9.028  1.00 0.22 ? 7  DC  A "C2'"  1 
ATOM   198  C "C1'"  . DC  A 1 7  ? 0.586   -1.027  -7.786  1.00 0.21 ? 7  DC  A "C1'"  1 
ATOM   199  N N1     . DC  A 1 7  ? 1.041   -1.591  -6.488  1.00 0.20 ? 7  DC  A N1     1 
ATOM   200  C C2     . DC  A 1 7  ? 1.353   -0.697  -5.469  1.00 0.21 ? 7  DC  A C2     1 
ATOM   201  O O2     . DC  A 1 7  ? 1.275   0.518   -5.626  1.00 0.23 ? 7  DC  A O2     1 
ATOM   202  N N3     . DC  A 1 7  ? 1.759   -1.189  -4.273  1.00 0.21 ? 7  DC  A N3     1 
ATOM   203  C C4     . DC  A 1 7  ? 1.862   -2.508  -4.072  1.00 0.21 ? 7  DC  A C4     1 
ATOM   204  N N4     . DC  A 1 7  ? 2.290   -2.971  -2.791  1.00 0.24 ? 7  DC  A N4     1 
ATOM   205  C C5     . DC  A 1 7  ? 1.548   -3.445  -5.107  1.00 0.22 ? 7  DC  A C5     1 
ATOM   206  C C6     . DC  A 1 7  ? 1.145   -2.943  -6.289  1.00 0.21 ? 7  DC  A C6     1 
ATOM   207  H "H5'"  . DC  A 1 7  ? -3.001  -2.280  -8.962  1.00 0.38 ? 7  DC  A "H5'"  1 
ATOM   208  H "H5''" . DC  A 1 7  ? -2.338  -2.402  -10.600 1.00 0.34 ? 7  DC  A "H5''" 1 
ATOM   209  H "H4'"  . DC  A 1 7  ? -1.758  -0.261  -9.552  1.00 0.31 ? 7  DC  A "H4'"  1 
ATOM   210  H "H3'"  . DC  A 1 7  ? 0.043   -1.746  -10.952 1.00 0.27 ? 7  DC  A "H3'"  1 
ATOM   211  H "H2'"  . DC  A 1 7  ? 0.723   -2.837  -8.946  1.00 0.28 ? 7  DC  A "H2'"  1 
ATOM   212  H "H2''" . DC  A 1 7  ? 2.096   -1.695  -9.240  1.00 0.24 ? 7  DC  A "H2''" 1 
ATOM   213  H "H1'"  . DC  A 1 7  ? 0.917   0.007   -7.885  1.00 0.25 ? 7  DC  A "H1'"  1 
ATOM   214  H H41    . DC  A 1 7  ? 2.511   -2.285  -2.083  1.00 0.26 ? 7  DC  A H41    1 
ATOM   215  H H42    . DC  A 1 7  ? 2.365   -3.961  -2.604  1.00 0.28 ? 7  DC  A H42    1 
ATOM   216  H H5     . DC  A 1 7  ? 1.631   -4.523  -4.967  1.00 0.24 ? 7  DC  A H5     1 
ATOM   217  H H6     . DC  A 1 7  ? 0.906   -3.650  -7.084  1.00 0.22 ? 7  DC  A H6     1 
ATOM   218  P P      . DA  A 1 8  ? 1.880   0.547   -11.216 1.00 0.18 ? 8  DA  A P      1 
ATOM   219  O OP1    . DA  A 1 8  ? 1.503   1.255   -12.462 1.00 0.24 ? 8  DA  A OP1    1 
ATOM   220  O OP2    . DA  A 1 8  ? 2.720   -0.671  -11.298 1.00 0.26 ? 8  DA  A OP2    1 
ATOM   221  O "O5'"  . DA  A 1 8  ? 2.636   1.592   -10.243 1.00 0.19 ? 8  DA  A "O5'"  1 
ATOM   222  C "C5'"  . DA  A 1 8  ? 2.224   2.965   -10.124 1.00 0.22 ? 8  DA  A "C5'"  1 
ATOM   223  C "C4'"  . DA  A 1 8  ? 3.234   3.828   -9.351  1.00 0.23 ? 8  DA  A "C4'"  1 
ATOM   224  O "O4'"  . DA  A 1 8  ? 3.448   3.368   -8.004  1.00 0.24 ? 8  DA  A "O4'"  1 
ATOM   225  C "C3'"  . DA  A 1 8  ? 4.624   3.920   -9.987  1.00 0.22 ? 8  DA  A "C3'"  1 
ATOM   226  O "O3'"  . DA  A 1 8  ? 5.205   5.213   -9.756  1.00 0.28 ? 8  DA  A "O3'"  1 
ATOM   227  C "C2'"  . DA  A 1 8  ? 5.310   2.753   -9.308  1.00 0.19 ? 8  DA  A "C2'"  1 
ATOM   228  C "C1'"  . DA  A 1 8  ? 4.812   2.923   -7.872  1.00 0.20 ? 8  DA  A "C1'"  1 
ATOM   229  N N9     . DA  A 1 8  ? 4.760   1.629   -7.159  1.00 0.18 ? 8  DA  A N9     1 
ATOM   230  C C8     . DA  A 1 8  ? 4.371   0.409   -7.630  1.00 0.17 ? 8  DA  A C8     1 
ATOM   231  N N7     . DA  A 1 8  ? 4.393   -0.572  -6.783  1.00 0.19 ? 8  DA  A N7     1 
ATOM   232  C C5     . DA  A 1 8  ? 4.846   0.057   -5.626  1.00 0.19 ? 8  DA  A C5     1 
ATOM   233  C C6     . DA  A 1 8  ? 5.098   -0.421  -4.339  1.00 0.21 ? 8  DA  A C6     1 
ATOM   234  N N6     . DA  A 1 8  ? 4.901   -1.786  -3.972  1.00 0.24 ? 8  DA  A N6     1 
ATOM   235  N N1     . DA  A 1 8  ? 5.539   0.458   -3.429  1.00 0.21 ? 8  DA  A N1     1 
ATOM   236  C C2     . DA  A 1 8  ? 5.719   1.729   -3.768  1.00 0.21 ? 8  DA  A C2     1 
ATOM   237  N N3     . DA  A 1 8  ? 5.516   2.297   -4.946  1.00 0.20 ? 8  DA  A N3     1 
ATOM   238  C C4     . DA  A 1 8  ? 5.073   1.392   -5.843  1.00 0.18 ? 8  DA  A C4     1 
ATOM   239  H "H5'"  . DA  A 1 8  ? 1.272   2.995   -9.593  1.00 0.28 ? 8  DA  A "H5'"  1 
ATOM   240  H "H5''" . DA  A 1 8  ? 2.086   3.390   -11.117 1.00 0.23 ? 8  DA  A "H5''" 1 
ATOM   241  H "H4'"  . DA  A 1 8  ? 2.826   4.838   -9.296  1.00 0.29 ? 8  DA  A "H4'"  1 
ATOM   242  H "H3'"  . DA  A 1 8  ? 4.550   3.788   -11.067 1.00 0.27 ? 8  DA  A "H3'"  1 
ATOM   243  H "H2'"  . DA  A 1 8  ? 4.867   1.845   -9.716  1.00 0.21 ? 8  DA  A "H2'"  1 
ATOM   244  H "H2''" . DA  A 1 8  ? 6.396   2.723   -9.395  1.00 0.22 ? 8  DA  A "H2''" 1 
ATOM   245  H "H1'"  . DA  A 1 8  ? 5.403   3.667   -7.336  1.00 0.25 ? 8  DA  A "H1'"  1 
ATOM   246  H H8     . DA  A 1 8  ? 4.068   0.274   -8.669  1.00 0.20 ? 8  DA  A H8     1 
ATOM   247  H H61    . DA  A 1 8  ? 5.062   -2.080  -3.019  1.00 0.29 ? 8  DA  A H61    1 
ATOM   248  H H62    . DA  A 1 8  ? 4.599   -2.447  -4.673  1.00 0.30 ? 8  DA  A H62    1 
ATOM   249  H H2     . DA  A 1 8  ? 6.080   2.387   -2.978  1.00 0.25 ? 8  DA  A H2     1 
ATOM   250  P P      . DT  A 1 9  ? 6.731   5.590   -10.129 1.00 0.31 ? 9  DT  A P      1 
ATOM   251  O OP1    . DT  A 1 9  ? 6.792   7.046   -10.391 1.00 0.41 ? 9  DT  A OP1    1 
ATOM   252  O OP2    . DT  A 1 9  ? 7.224   4.642   -11.154 1.00 0.34 ? 9  DT  A OP2    1 
ATOM   253  O "O5'"  . DT  A 1 9  ? 7.508   5.282   -8.749  1.00 0.27 ? 9  DT  A "O5'"  1 
ATOM   254  C "C5'"  . DT  A 1 9  ? 7.383   6.147   -7.609  1.00 0.27 ? 9  DT  A "C5'"  1 
ATOM   255  C "C4'"  . DT  A 1 9  ? 8.223   5.679   -6.418  1.00 0.21 ? 9  DT  A "C4'"  1 
ATOM   256  O "O4'"  . DT  A 1 9  ? 7.813   4.387   -5.922  1.00 0.23 ? 9  DT  A "O4'"  1 
ATOM   257  C "C3'"  . DT  A 1 9  ? 9.728   5.579   -6.720  1.00 0.18 ? 9  DT  A "C3'"  1 
ATOM   258  O "O3'"  . DT  A 1 9  ? 10.524  6.096   -5.639  1.00 0.17 ? 9  DT  A "O3'"  1 
ATOM   259  C "C2'"  . DT  A 1 9  ? 9.872   4.091   -6.941  1.00 0.16 ? 9  DT  A "C2'"  1 
ATOM   260  C "C1'"  . DT  A 1 9  ? 8.992   3.580   -5.800  1.00 0.15 ? 9  DT  A "C1'"  1 
ATOM   261  N N1     . DT  A 1 9  ? 8.653   2.134   -5.876  1.00 0.15 ? 9  DT  A N1     1 
ATOM   262  C C2     . DT  A 1 9  ? 8.724   1.390   -4.704  1.00 0.17 ? 9  DT  A C2     1 
ATOM   263  O O2     . DT  A 1 9  ? 9.054   1.857   -3.618  1.00 0.18 ? 9  DT  A O2     1 
ATOM   264  N N3     . DT  A 1 9  ? 8.397   0.056   -4.815  1.00 0.17 ? 9  DT  A N3     1 
ATOM   265  C C4     . DT  A 1 9  ? 8.012   -0.598  -5.963  1.00 0.16 ? 9  DT  A C4     1 
ATOM   266  O O4     . DT  A 1 9  ? 7.742   -1.794  -5.915  1.00 0.21 ? 9  DT  A O4     1 
ATOM   267  C C5     . DT  A 1 9  ? 7.964   0.241   -7.139  1.00 0.15 ? 9  DT  A C5     1 
ATOM   268  C C7     . DT  A 1 9  ? 7.559   -0.354  -8.492  1.00 0.18 ? 9  DT  A C7     1 
ATOM   269  C C6     . DT  A 1 9  ? 8.277   1.549   -7.060  1.00 0.16 ? 9  DT  A C6     1 
ATOM   270  H "H5'"  . DT  A 1 9  ? 6.339   6.184   -7.301  1.00 0.33 ? 9  DT  A "H5'"  1 
ATOM   271  H "H5''" . DT  A 1 9  ? 7.704   7.151   -7.891  1.00 0.32 ? 9  DT  A "H5''" 1 
ATOM   272  H "H4'"  . DT  A 1 9  ? 8.104   6.401   -5.610  1.00 0.26 ? 9  DT  A "H4'"  1 
ATOM   273  H "H3'"  . DT  A 1 9  ? 9.974   6.146   -7.617  1.00 0.22 ? 9  DT  A "H3'"  1 
ATOM   274  H "H2'"  . DT  A 1 9  ? 9.391   3.854   -7.891  1.00 0.21 ? 9  DT  A "H2'"  1 
ATOM   275  H "H2''" . DT  A 1 9  ? 10.899  3.727   -6.902  1.00 0.20 ? 9  DT  A "H2''" 1 
ATOM   276  H "H1'"  . DT  A 1 9  ? 9.470   3.811   -4.848  1.00 0.22 ? 9  DT  A "H1'"  1 
ATOM   277  H H3     . DT  A 1 9  ? 8.447   -0.492  -3.968  1.00 0.22 ? 9  DT  A H3     1 
ATOM   278  H H71    . DT  A 1 9  ? 6.701   0.185   -8.895  1.00 0.26 ? 9  DT  A H71    1 
ATOM   279  H H72    . DT  A 1 9  ? 8.390   -0.265  -9.190  1.00 0.28 ? 9  DT  A H72    1 
ATOM   280  H H73    . DT  A 1 9  ? 7.299   -1.407  -8.376  1.00 0.25 ? 9  DT  A H73    1 
ATOM   281  H H6     . DT  A 1 9  ? 8.223   2.144   -7.972  1.00 0.19 ? 9  DT  A H6     1 
ATOM   282  P P      . DG  A 1 10 ? 12.143  6.053   -5.635  1.00 0.14 ? 10 DG  A P      1 
ATOM   283  O OP1    . DG  A 1 10 ? 12.629  7.279   -4.961  1.00 0.19 ? 10 DG  A OP1    1 
ATOM   284  O OP2    . DG  A 1 10 ? 12.618  5.741   -7.004  1.00 0.18 ? 10 DG  A OP2    1 
ATOM   285  O "O5'"  . DG  A 1 10 ? 12.476  4.780   -4.696  1.00 0.16 ? 10 DG  A "O5'"  1 
ATOM   286  C "C5'"  . DG  A 1 10 ? 12.398  4.875   -3.265  1.00 0.18 ? 10 DG  A "C5'"  1 
ATOM   287  C "C4'"  . DG  A 1 10 ? 12.882  3.617   -2.538  1.00 0.17 ? 10 DG  A "C4'"  1 
ATOM   288  O "O4'"  . DG  A 1 10 ? 12.077  2.443   -2.785  1.00 0.19 ? 10 DG  A "O4'"  1 
ATOM   289  C "C3'"  . DG  A 1 10 ? 14.335  3.216   -2.833  1.00 0.16 ? 10 DG  A "C3'"  1 
ATOM   290  O "O3'"  . DG  A 1 10 ? 14.995  2.898   -1.595  1.00 0.20 ? 10 DG  A "O3'"  1 
ATOM   291  C "C2'"  . DG  A 1 10 ? 14.116  2.036   -3.767  1.00 0.18 ? 10 DG  A "C2'"  1 
ATOM   292  C "C1'"  . DG  A 1 10 ? 12.960  1.348   -3.068  1.00 0.17 ? 10 DG  A "C1'"  1 
ATOM   293  N N9     . DG  A 1 10 ? 12.258  0.341   -3.891  1.00 0.19 ? 10 DG  A N9     1 
ATOM   294  C C8     . DG  A 1 10 ? 11.801  0.414   -5.174  1.00 0.22 ? 10 DG  A C8     1 
ATOM   295  N N7     . DG  A 1 10 ? 11.192  -0.640  -5.629  1.00 0.25 ? 10 DG  A N7     1 
ATOM   296  C C5     . DG  A 1 10 ? 11.250  -1.507  -4.537  1.00 0.24 ? 10 DG  A C5     1 
ATOM   297  C C6     . DG  A 1 10 ? 10.757  -2.828  -4.398  1.00 0.27 ? 10 DG  A C6     1 
ATOM   298  O O6     . DG  A 1 10 ? 10.153  -3.513  -5.216  1.00 0.32 ? 10 DG  A O6     1 
ATOM   299  N N1     . DG  A 1 10 ? 11.021  -3.346  -3.144  1.00 0.28 ? 10 DG  A N1     1 
ATOM   300  C C2     . DG  A 1 10 ? 11.682  -2.679  -2.136  1.00 0.26 ? 10 DG  A C2     1 
ATOM   301  N N2     . DG  A 1 10 ? 11.883  -3.368  -0.910  1.00 0.31 ? 10 DG  A N2     1 
ATOM   302  N N3     . DG  A 1 10 ? 12.146  -1.439  -2.261  1.00 0.24 ? 10 DG  A N3     1 
ATOM   303  C C4     . DG  A 1 10 ? 11.898  -0.915  -3.480  1.00 0.22 ? 10 DG  A C4     1 
ATOM   304  H "H5'"  . DG  A 1 10 ? 11.360  5.056   -2.980  1.00 0.24 ? 10 DG  A "H5'"  1 
ATOM   305  H "H5''" . DG  A 1 10 ? 13.004  5.719   -2.935  1.00 0.23 ? 10 DG  A "H5''" 1 
ATOM   306  H "H4'"  . DG  A 1 10 ? 12.834  3.820   -1.468  1.00 0.24 ? 10 DG  A "H4'"  1 
ATOM   307  H "H3'"  . DG  A 1 10 ? 14.879  4.040   -3.294  1.00 0.23 ? 10 DG  A "H3'"  1 
ATOM   308  H "H2'"  . DG  A 1 10 ? 13.792  2.408   -4.739  1.00 0.21 ? 10 DG  A "H2'"  1 
ATOM   309  H "H2''" . DG  A 1 10 ? 15.009  1.434   -3.933  1.00 0.26 ? 10 DG  A "H2''" 1 
ATOM   310  H "H1'"  . DG  A 1 10 ? 13.324  0.900   -2.144  1.00 0.24 ? 10 DG  A "H1'"  1 
ATOM   311  H H8     . DG  A 1 10 ? 11.939  1.303   -5.790  1.00 0.24 ? 10 DG  A H8     1 
ATOM   312  H H1     . DG  A 1 10 ? 10.682  -4.286  -3.002  1.00 0.30 ? 10 DG  A H1     1 
ATOM   313  H H21    . DG  A 1 10 ? 11.474  -4.282  -0.776  1.00 0.36 ? 10 DG  A H21    1 
ATOM   314  H H22    . DG  A 1 10 ? 12.438  -2.915  -0.198  1.00 0.39 ? 10 DG  A H22    1 
ATOM   315  P P      . DC  A 1 11 ? 16.407  2.123   -1.459  1.00 0.21 ? 11 DC  A P      1 
ATOM   316  O OP1    . DC  A 1 11 ? 17.174  2.740   -0.353  1.00 0.28 ? 11 DC  A OP1    1 
ATOM   317  O OP2    . DC  A 1 11 ? 17.026  1.994   -2.798  1.00 0.26 ? 11 DC  A OP2    1 
ATOM   318  O "O5'"  . DC  A 1 11 ? 15.937  0.653   -0.992  1.00 0.21 ? 11 DC  A "O5'"  1 
ATOM   319  C "C5'"  . DC  A 1 11 ? 15.329  0.436   0.292   1.00 0.21 ? 11 DC  A "C5'"  1 
ATOM   320  C "C4'"  . DC  A 1 11 ? 15.202  -1.051  0.639   1.00 0.20 ? 11 DC  A "C4'"  1 
ATOM   321  O "O4'"  . DC  A 1 11 ? 14.400  -1.765  -0.323  1.00 0.19 ? 11 DC  A "O4'"  1 
ATOM   322  C "C3'"  . DC  A 1 11 ? 16.546  -1.787  0.678   1.00 0.21 ? 11 DC  A "C3'"  1 
ATOM   323  O "O3'"  . DC  A 1 11 ? 16.502  -2.902  1.576   1.00 0.27 ? 11 DC  A "O3'"  1 
ATOM   324  C "C2'"  . DC  A 1 11 ? 16.665  -2.204  -0.771  1.00 0.20 ? 11 DC  A "C2'"  1 
ATOM   325  C "C1'"  . DC  A 1 11 ? 15.244  -2.716  -0.994  1.00 0.17 ? 11 DC  A "C1'"  1 
ATOM   326  N N1     . DC  A 1 11 ? 14.870  -2.859  -2.426  1.00 0.16 ? 11 DC  A N1     1 
ATOM   327  C C2     . DC  A 1 11 ? 14.305  -4.066  -2.825  1.00 0.18 ? 11 DC  A C2     1 
ATOM   328  O O2     . DC  A 1 11 ? 14.120  -4.985  -2.032  1.00 0.19 ? 11 DC  A O2     1 
ATOM   329  N N3     . DC  A 1 11 ? 13.950  -4.222  -4.123  1.00 0.21 ? 11 DC  A N3     1 
ATOM   330  C C4     . DC  A 1 11 ? 14.139  -3.238  -5.008  1.00 0.23 ? 11 DC  A C4     1 
ATOM   331  N N4     . DC  A 1 11 ? 13.747  -3.450  -6.364  1.00 0.27 ? 11 DC  A N4     1 
ATOM   332  C C5     . DC  A 1 11 ? 14.719  -1.990  -4.624  1.00 0.21 ? 11 DC  A C5     1 
ATOM   333  C C6     . DC  A 1 11 ? 15.069  -1.842  -3.327  1.00 0.18 ? 11 DC  A C6     1 
ATOM   334  H "H5'"  . DC  A 1 11 ? 14.332  0.876   0.289   1.00 0.28 ? 11 DC  A "H5'"  1 
ATOM   335  H "H5''" . DC  A 1 11 ? 15.927  0.926   1.061   1.00 0.27 ? 11 DC  A "H5''" 1 
ATOM   336  H "H4'"  . DC  A 1 11 ? 14.728  -1.135  1.617   1.00 0.27 ? 11 DC  A "H4'"  1 
ATOM   337  H "H3'"  . DC  A 1 11 ? 17.352  -1.120  0.985   1.00 0.29 ? 11 DC  A "H3'"  1 
ATOM   338  H "HO3'" . DC  A 1 11 ? 15.729  -3.422  1.345   1.00 0.64 ? 11 DC  A "HO3'" 1 
ATOM   339  H "H2'"  . DC  A 1 11 ? 16.813  -1.301  -1.363  1.00 0.25 ? 11 DC  A "H2'"  1 
ATOM   340  H "H2''" . DC  A 1 11 ? 17.429  -2.953  -0.977  1.00 0.34 ? 11 DC  A "H2''" 1 
ATOM   341  H "H1'"  . DC  A 1 11 ? 15.153  -3.678  -0.489  1.00 0.26 ? 11 DC  A "H1'"  1 
ATOM   342  H H41    . DC  A 1 11 ? 13.336  -4.340  -6.613  1.00 0.35 ? 11 DC  A H41    1 
ATOM   343  H H42    . DC  A 1 11 ? 13.879  -2.723  -7.052  1.00 0.31 ? 11 DC  A H42    1 
ATOM   344  H H5     . DC  A 1 11 ? 14.867  -1.205  -5.365  1.00 0.27 ? 11 DC  A H5     1 
ATOM   345  H H6     . DC  A 1 11 ? 15.508  -0.898  -3.005  1.00 0.23 ? 11 DC  A H6     1 
ATOM   346  O "O5'"  . DG  B 2 1  ? 9.813   -13.573 -7.566  1.00 0.63 ? 1  DG  B "O5'"  1 
ATOM   347  C "C5'"  . DG  B 2 1  ? 10.450  -14.495 -6.675  1.00 0.53 ? 1  DG  B "C5'"  1 
ATOM   348  C "C4'"  . DG  B 2 1  ? 10.724  -13.886 -5.294  1.00 0.42 ? 1  DG  B "C4'"  1 
ATOM   349  O "O4'"  . DG  B 2 1  ? 11.562  -12.712 -5.384  1.00 0.38 ? 1  DG  B "O4'"  1 
ATOM   350  C "C3'"  . DG  B 2 1  ? 9.466   -13.441 -4.540  1.00 0.42 ? 1  DG  B "C3'"  1 
ATOM   351  O "O3'"  . DG  B 2 1  ? 9.654   -13.619 -3.125  1.00 0.39 ? 1  DG  B "O3'"  1 
ATOM   352  C "C2'"  . DG  B 2 1  ? 9.385   -11.990 -4.985  1.00 0.44 ? 1  DG  B "C2'"  1 
ATOM   353  C "C1'"  . DG  B 2 1  ? 10.846  -11.599 -4.819  1.00 0.36 ? 1  DG  B "C1'"  1 
ATOM   354  N N9     . DG  B 2 1  ? 11.177  -10.349 -5.539  1.00 0.35 ? 1  DG  B N9     1 
ATOM   355  C C8     . DG  B 2 1  ? 11.011  -10.028 -6.854  1.00 0.39 ? 1  DG  B C8     1 
ATOM   356  N N7     . DG  B 2 1  ? 11.405  -8.841  -7.211  1.00 0.38 ? 1  DG  B N7     1 
ATOM   357  C C5     . DG  B 2 1  ? 11.883  -8.315  -6.011  1.00 0.34 ? 1  DG  B C5     1 
ATOM   358  C C6     . DG  B 2 1  ? 12.451  -7.043  -5.738  1.00 0.33 ? 1  DG  B C6     1 
ATOM   359  O O6     . DG  B 2 1  ? 12.651  -6.108  -6.506  1.00 0.36 ? 1  DG  B O6     1 
ATOM   360  N N1     . DG  B 2 1  ? 12.802  -6.910  -4.407  1.00 0.29 ? 1  DG  B N1     1 
ATOM   361  C C2     . DG  B 2 1  ? 12.627  -7.882  -3.447  1.00 0.27 ? 1  DG  B C2     1 
ATOM   362  N N2     . DG  B 2 1  ? 13.026  -7.579  -2.118  1.00 0.25 ? 1  DG  B N2     1 
ATOM   363  N N3     . DG  B 2 1  ? 12.095  -9.078  -3.695  1.00 0.29 ? 1  DG  B N3     1 
ATOM   364  C C4     . DG  B 2 1  ? 11.747  -9.227  -4.990  1.00 0.32 ? 1  DG  B C4     1 
ATOM   365  H "H5'"  . DG  B 2 1  ? 11.401  -14.799 -7.114  1.00 0.57 ? 1  DG  B "H5'"  1 
ATOM   366  H "H5''" . DG  B 2 1  ? 9.818   -15.375 -6.560  1.00 0.60 ? 1  DG  B "H5''" 1 
ATOM   367  H "H4'"  . DG  B 2 1  ? 11.237  -14.629 -4.683  1.00 0.44 ? 1  DG  B "H4'"  1 
ATOM   368  H "H3'"  . DG  B 2 1  ? 8.605   -14.045 -4.829  1.00 0.49 ? 1  DG  B "H3'"  1 
ATOM   369  H "H2'"  . DG  B 2 1  ? 9.146   -11.946 -6.049  1.00 0.54 ? 1  DG  B "H2'"  1 
ATOM   370  H "H2''" . DG  B 2 1  ? 8.707   -11.368 -4.401  1.00 0.49 ? 1  DG  B "H2''" 1 
ATOM   371  H "H1'"  . DG  B 2 1  ? 11.078  -11.509 -3.758  1.00 0.36 ? 1  DG  B "H1'"  1 
ATOM   372  H H8     . DG  B 2 1  ? 10.575  -10.725 -7.570  1.00 0.44 ? 1  DG  B H8     1 
ATOM   373  H H1     . DG  B 2 1  ? 13.209  -6.016  -4.173  1.00 0.32 ? 1  DG  B H1     1 
ATOM   374  H H21    . DG  B 2 1  ? 13.527  -6.724  -1.924  1.00 0.25 ? 1  DG  B H21    1 
ATOM   375  H H22    . DG  B 2 1  ? 12.777  -8.245  -1.401  1.00 0.36 ? 1  DG  B H22    1 
ATOM   376  H "HO5'" . DG  B 2 1  ? 10.361  -12.785 -7.589  1.00 0.61 ? 1  DG  B "HO5'" 1 
ATOM   377  P P      . DC  B 2 2  ? 8.628   -13.095 -1.989  1.00 0.43 ? 2  DC  B P      1 
ATOM   378  O OP1    . DC  B 2 2  ? 8.515   -14.150 -0.956  1.00 0.47 ? 2  DC  B OP1    1 
ATOM   379  O OP2    . DC  B 2 2  ? 7.406   -12.586 -2.653  1.00 0.52 ? 2  DC  B OP2    1 
ATOM   380  O "O5'"  . DC  B 2 2  ? 9.411   -11.834 -1.358  1.00 0.40 ? 2  DC  B "O5'"  1 
ATOM   381  C "C5'"  . DC  B 2 2  ? 10.603  -11.992 -0.570  1.00 0.36 ? 2  DC  B "C5'"  1 
ATOM   382  C "C4'"  . DC  B 2 2  ? 11.000  -10.703 0.162   1.00 0.35 ? 2  DC  B "C4'"  1 
ATOM   383  O "O4'"  . DC  B 2 2  ? 11.256  -9.605  -0.735  1.00 0.33 ? 2  DC  B "O4'"  1 
ATOM   384  C "C3'"  . DC  B 2 2  ? 9.947   -10.196 1.154   1.00 0.41 ? 2  DC  B "C3'"  1 
ATOM   385  O "O3'"  . DC  B 2 2  ? 10.567  -9.549  2.278   1.00 0.41 ? 2  DC  B "O3'"  1 
ATOM   386  C "C2'"  . DC  B 2 2  ? 9.140   -9.288  0.249   1.00 0.44 ? 2  DC  B "C2'"  1 
ATOM   387  C "C1'"  . DC  B 2 2  ? 10.277  -8.582  -0.477  1.00 0.36 ? 2  DC  B "C1'"  1 
ATOM   388  N N1     . DC  B 2 2  ? 9.851   -7.943  -1.752  1.00 0.36 ? 2  DC  B N1     1 
ATOM   389  C C2     . DC  B 2 2  ? 10.180  -6.608  -1.951  1.00 0.34 ? 2  DC  B C2     1 
ATOM   390  O O2     . DC  B 2 2  ? 10.794  -5.959  -1.110  1.00 0.30 ? 2  DC  B O2     1 
ATOM   391  N N3     . DC  B 2 2  ? 9.806   -6.015  -3.112  1.00 0.35 ? 2  DC  B N3     1 
ATOM   392  C C4     . DC  B 2 2  ? 9.137   -6.691  -4.049  1.00 0.40 ? 2  DC  B C4     1 
ATOM   393  N N4     . DC  B 2 2  ? 8.772   -6.018  -5.255  1.00 0.43 ? 2  DC  B N4     1 
ATOM   394  C C5     . DC  B 2 2  ? 8.787   -8.062  -3.865  1.00 0.42 ? 2  DC  B C5     1 
ATOM   395  C C6     . DC  B 2 2  ? 9.162   -8.647  -2.709  1.00 0.40 ? 2  DC  B C6     1 
ATOM   396  H "H5'"  . DC  B 2 2  ? 11.420  -12.280 -1.231  1.00 0.34 ? 2  DC  B "H5'"  1 
ATOM   397  H "H5''" . DC  B 2 2  ? 10.449  -12.781 0.167   1.00 0.41 ? 2  DC  B "H5''" 1 
ATOM   398  H "H4'"  . DC  B 2 2  ? 11.916  -10.904 0.719   1.00 0.35 ? 2  DC  B "H4'"  1 
ATOM   399  H "H3'"  . DC  B 2 2  ? 9.365   -11.032 1.543   1.00 0.49 ? 2  DC  B "H3'"  1 
ATOM   400  H "H2'"  . DC  B 2 2  ? 8.598   -9.911  -0.462  1.00 0.48 ? 2  DC  B "H2'"  1 
ATOM   401  H "H2''" . DC  B 2 2  ? 8.486   -8.581  0.760   1.00 0.53 ? 2  DC  B "H2''" 1 
ATOM   402  H "H1'"  . DC  B 2 2  ? 10.688  -7.847  0.215   1.00 0.37 ? 2  DC  B "H1'"  1 
ATOM   403  H H41    . DC  B 2 2  ? 9.058   -5.057  -5.377  1.00 0.44 ? 2  DC  B H41    1 
ATOM   404  H H42    . DC  B 2 2  ? 8.243   -6.502  -5.967  1.00 0.51 ? 2  DC  B H42    1 
ATOM   405  H H5     . DC  B 2 2  ? 8.235   -8.610  -4.629  1.00 0.50 ? 2  DC  B H5     1 
ATOM   406  H H6     . DC  B 2 2  ? 8.904   -9.695  -2.562  1.00 0.47 ? 2  DC  B H6     1 
ATOM   407  P P      . DA  B 2 3  ? 9.734   -8.805  3.449   1.00 0.47 ? 3  DA  B P      1 
ATOM   408  O OP1    . DA  B 2 3  ? 10.410  -9.091  4.735   1.00 0.57 ? 3  DA  B OP1    1 
ATOM   409  O OP2    . DA  B 2 3  ? 8.296   -9.127  3.294   1.00 0.66 ? 3  DA  B OP2    1 
ATOM   410  O "O5'"  . DA  B 2 3  ? 9.930   -7.239  3.099   1.00 0.31 ? 3  DA  B "O5'"  1 
ATOM   411  C "C5'"  . DA  B 2 3  ? 11.123  -6.531  3.473   1.00 0.27 ? 3  DA  B "C5'"  1 
ATOM   412  C "C4'"  . DA  B 2 3  ? 10.978  -5.008  3.368   1.00 0.21 ? 3  DA  B "C4'"  1 
ATOM   413  O "O4'"  . DA  B 2 3  ? 10.763  -4.534  2.023   1.00 0.25 ? 3  DA  B "O4'"  1 
ATOM   414  C "C3'"  . DA  B 2 3  ? 9.845   -4.427  4.223   1.00 0.22 ? 3  DA  B "C3'"  1 
ATOM   415  O "O3'"  . DA  B 2 3  ? 10.277  -3.227  4.885   1.00 0.24 ? 3  DA  B "O3'"  1 
ATOM   416  C "C2'"  . DA  B 2 3  ? 8.764   -4.241  3.174   1.00 0.23 ? 3  DA  B "C2'"  1 
ATOM   417  C "C1'"  . DA  B 2 3  ? 9.591   -3.704  2.013   1.00 0.22 ? 3  DA  B "C1'"  1 
ATOM   418  N N9     . DA  B 2 3  ? 8.923   -3.886  0.705   1.00 0.22 ? 3  DA  B N9     1 
ATOM   419  C C8     . DA  B 2 3  ? 8.275   -4.985  0.221   1.00 0.25 ? 3  DA  B C8     1 
ATOM   420  N N7     . DA  B 2 3  ? 7.797   -4.886  -0.983  1.00 0.26 ? 3  DA  B N7     1 
ATOM   421  C C5     . DA  B 2 3  ? 8.163   -3.590  -1.337  1.00 0.23 ? 3  DA  B C5     1 
ATOM   422  C C6     . DA  B 2 3  ? 7.961   -2.845  -2.502  1.00 0.24 ? 3  DA  B C6     1 
ATOM   423  N N6     . DA  B 2 3  ? 7.277   -3.369  -3.641  1.00 0.27 ? 3  DA  B N6     1 
ATOM   424  N N1     . DA  B 2 3  ? 8.447   -1.594  -2.531  1.00 0.23 ? 3  DA  B N1     1 
ATOM   425  C C2     . DA  B 2 3  ? 9.092   -1.113  -1.474  1.00 0.22 ? 3  DA  B C2     1 
ATOM   426  N N3     . DA  B 2 3  ? 9.345   -1.718  -0.322  1.00 0.20 ? 3  DA  B N3     1 
ATOM   427  C C4     . DA  B 2 3  ? 8.845   -2.973  -0.320  1.00 0.21 ? 3  DA  B C4     1 
ATOM   428  H "H5'"  . DA  B 2 3  ? 11.941  -6.847  2.825   1.00 0.33 ? 3  DA  B "H5'"  1 
ATOM   429  H "H5''" . DA  B 2 3  ? 11.374  -6.781  4.504   1.00 0.41 ? 3  DA  B "H5''" 1 
ATOM   430  H "H4'"  . DA  B 2 3  ? 11.905  -4.562  3.728   1.00 0.37 ? 3  DA  B "H4'"  1 
ATOM   431  H "H3'"  . DA  B 2 3  ? 9.558   -5.136  5.001   1.00 0.29 ? 3  DA  B "H3'"  1 
ATOM   432  H "H2'"  . DA  B 2 3  ? 8.394   -5.223  2.880   1.00 0.28 ? 3  DA  B "H2'"  1 
ATOM   433  H "H2''" . DA  B 2 3  ? 7.950   -3.574  3.461   1.00 0.31 ? 3  DA  B "H2''" 1 
ATOM   434  H "H1'"  . DA  B 2 3  ? 9.858   -2.662  2.190   1.00 0.24 ? 3  DA  B "H1'"  1 
ATOM   435  H H8     . DA  B 2 3  ? 8.162   -5.893  0.810   1.00 0.34 ? 3  DA  B H8     1 
ATOM   436  H H61    . DA  B 2 3  ? 7.201   -2.807  -4.477  1.00 0.31 ? 3  DA  B H61    1 
ATOM   437  H H62    . DA  B 2 3  ? 6.878   -4.296  -3.598  1.00 0.39 ? 3  DA  B H62    1 
ATOM   438  H H2     . DA  B 2 3  ? 9.460   -0.092  -1.564  1.00 0.28 ? 3  DA  B H2     1 
ATOM   439  P P      . DT  B 2 4  ? 9.323   -2.327  5.832   1.00 0.28 ? 4  DT  B P      1 
ATOM   440  O OP1    . DT  B 2 4  ? 10.110  -1.912  7.015   1.00 0.36 ? 4  DT  B OP1    1 
ATOM   441  O OP2    . DT  B 2 4  ? 8.029   -3.021  6.019   1.00 0.38 ? 4  DT  B OP2    1 
ATOM   442  O "O5'"  . DT  B 2 4  ? 9.061   -1.032  4.911   1.00 0.26 ? 4  DT  B "O5'"  1 
ATOM   443  C "C5'"  . DT  B 2 4  ? 10.119  -0.104  4.622   1.00 0.23 ? 4  DT  B "C5'"  1 
ATOM   444  C "C4'"  . DT  B 2 4  ? 9.680   1.006   3.669   1.00 0.21 ? 4  DT  B "C4'"  1 
ATOM   445  O "O4'"  . DT  B 2 4  ? 9.242   0.483   2.399   1.00 0.22 ? 4  DT  B "O4'"  1 
ATOM   446  C "C3'"  . DT  B 2 4  ? 8.538   1.885   4.203   1.00 0.23 ? 4  DT  B "C3'"  1 
ATOM   447  O "O3'"  . DT  B 2 4  ? 8.769   3.271   3.904   1.00 0.25 ? 4  DT  B "O3'"  1 
ATOM   448  C "C2'"  . DT  B 2 4  ? 7.349   1.275   3.502   1.00 0.23 ? 4  DT  B "C2'"  1 
ATOM   449  C "C1'"  . DT  B 2 4  ? 7.956   1.050   2.117   1.00 0.20 ? 4  DT  B "C1'"  1 
ATOM   450  N N1     . DT  B 2 4  ? 7.157   0.133   1.265   1.00 0.21 ? 4  DT  B N1     1 
ATOM   451  C C2     . DT  B 2 4  ? 6.867   0.546   -0.027  1.00 0.22 ? 4  DT  B C2     1 
ATOM   452  O O2     . DT  B 2 4  ? 7.228   1.622   -0.498  1.00 0.24 ? 4  DT  B O2     1 
ATOM   453  N N3     . DT  B 2 4  ? 6.130   -0.330  -0.787  1.00 0.23 ? 4  DT  B N3     1 
ATOM   454  C C4     . DT  B 2 4  ? 5.659   -1.562  -0.394  1.00 0.23 ? 4  DT  B C4     1 
ATOM   455  O O4     . DT  B 2 4  ? 5.018   -2.245  -1.187  1.00 0.26 ? 4  DT  B O4     1 
ATOM   456  C C5     . DT  B 2 4  ? 5.998   -1.922  0.962   1.00 0.24 ? 4  DT  B C5     1 
ATOM   457  C C7     . DT  B 2 4  ? 5.528   -3.264  1.535   1.00 0.29 ? 4  DT  B C7     1 
ATOM   458  C C6     . DT  B 2 4  ? 6.721   -1.085  1.734   1.00 0.22 ? 4  DT  B C6     1 
ATOM   459  H "H5'"  . DT  B 2 4  ? 10.944  -0.644  4.157   1.00 0.25 ? 4  DT  B "H5'"  1 
ATOM   460  H "H5''" . DT  B 2 4  ? 10.471  0.342   5.552   1.00 0.29 ? 4  DT  B "H5''" 1 
ATOM   461  H "H4'"  . DT  B 2 4  ? 10.535  1.658   3.488   1.00 0.23 ? 4  DT  B "H4'"  1 
ATOM   462  H "H3'"  . DT  B 2 4  ? 8.447   1.776   5.283   1.00 0.27 ? 4  DT  B "H3'"  1 
ATOM   463  H "H2'"  . DT  B 2 4  ? 7.175   0.308   3.976   1.00 0.28 ? 4  DT  B "H2'"  1 
ATOM   464  H "H2''" . DT  B 2 4  ? 6.450   1.891   3.498   1.00 0.28 ? 4  DT  B "H2''" 1 
ATOM   465  H "H1'"  . DT  B 2 4  ? 8.113   2.007   1.619   1.00 0.22 ? 4  DT  B "H1'"  1 
ATOM   466  H H3     . DT  B 2 4  ? 5.919   -0.028  -1.727  1.00 0.25 ? 4  DT  B H3     1 
ATOM   467  H H71    . DT  B 2 4  ? 6.386   -3.860  1.845   1.00 0.34 ? 4  DT  B H71    1 
ATOM   468  H H72    . DT  B 2 4  ? 4.886   -3.087  2.397   1.00 0.37 ? 4  DT  B H72    1 
ATOM   469  H H73    . DT  B 2 4  ? 4.967   -3.816  0.781   1.00 0.35 ? 4  DT  B H73    1 
ATOM   470  H H6     . DT  B 2 4  ? 6.959   -1.397  2.751   1.00 0.24 ? 4  DT  B H6     1 
ATOM   471  P P      . DG  B 2 5  ? 7.708   4.443   4.243   1.00 0.30 ? 5  DG  B P      1 
ATOM   472  O OP1    . DG  B 2 5  ? 8.474   5.641   4.658   1.00 0.35 ? 5  DG  B OP1    1 
ATOM   473  O OP2    . DG  B 2 5  ? 6.662   3.901   5.141   1.00 0.36 ? 5  DG  B OP2    1 
ATOM   474  O "O5'"  . DG  B 2 5  ? 7.027   4.737   2.810   1.00 0.26 ? 5  DG  B "O5'"  1 
ATOM   475  C "C5'"  . DG  B 2 5  ? 7.705   5.506   1.802   1.00 0.24 ? 5  DG  B "C5'"  1 
ATOM   476  C "C4'"  . DG  B 2 5  ? 6.783   5.945   0.657   1.00 0.21 ? 5  DG  B "C4'"  1 
ATOM   477  O "O4'"  . DG  B 2 5  ? 6.251   4.851   -0.114  1.00 0.22 ? 5  DG  B "O4'"  1 
ATOM   478  C "C3'"  . DG  B 2 5  ? 5.577   6.765   1.119   1.00 0.21 ? 5  DG  B "C3'"  1 
ATOM   479  O "O3'"  . DG  B 2 5  ? 5.292   7.802   0.167   1.00 0.24 ? 5  DG  B "O3'"  1 
ATOM   480  C "C2'"  . DG  B 2 5  ? 4.524   5.673   1.211   1.00 0.20 ? 5  DG  B "C2'"  1 
ATOM   481  C "C1'"  . DG  B 2 5  ? 4.814   4.901   -0.071  1.00 0.19 ? 5  DG  B "C1'"  1 
ATOM   482  N N9     . DG  B 2 5  ? 4.343   3.499   -0.042  1.00 0.18 ? 5  DG  B N9     1 
ATOM   483  C C8     . DG  B 2 5  ? 4.453   2.581   0.959   1.00 0.20 ? 5  DG  B C8     1 
ATOM   484  N N7     . DG  B 2 5  ? 3.993   1.393   0.706   1.00 0.20 ? 5  DG  B N7     1 
ATOM   485  C C5     . DG  B 2 5  ? 3.524   1.532   -0.600  1.00 0.18 ? 5  DG  B C5     1 
ATOM   486  C C6     . DG  B 2 5  ? 2.903   0.576   -1.444  1.00 0.20 ? 5  DG  B C6     1 
ATOM   487  O O6     . DG  B 2 5  ? 2.650   -0.602  -1.213  1.00 0.24 ? 5  DG  B O6     1 
ATOM   488  N N1     . DG  B 2 5  ? 2.581   1.108   -2.677  1.00 0.19 ? 5  DG  B N1     1 
ATOM   489  C C2     . DG  B 2 5  ? 2.822   2.409   -3.064  1.00 0.18 ? 5  DG  B C2     1 
ATOM   490  N N2     . DG  B 2 5  ? 2.407   2.780   -4.374  1.00 0.21 ? 5  DG  B N2     1 
ATOM   491  N N3     . DG  B 2 5  ? 3.405   3.314   -2.277  1.00 0.18 ? 5  DG  B N3     1 
ATOM   492  C C4     . DG  B 2 5  ? 3.731   2.811   -1.063  1.00 0.17 ? 5  DG  B C4     1 
ATOM   493  H "H5'"  . DG  B 2 5  ? 8.517   4.911   1.385   1.00 0.30 ? 5  DG  B "H5'"  1 
ATOM   494  H "H5''" . DG  B 2 5  ? 8.124   6.400   2.264   1.00 0.31 ? 5  DG  B "H5''" 1 
ATOM   495  H "H4'"  . DG  B 2 5  ? 7.366   6.573   -0.016  1.00 0.31 ? 5  DG  B "H4'"  1 
ATOM   496  H "H3'"  . DG  B 2 5  ? 5.784   7.242   2.077   1.00 0.25 ? 5  DG  B "H3'"  1 
ATOM   497  H "H2'"  . DG  B 2 5  ? 4.764   5.017   2.048   1.00 0.23 ? 5  DG  B "H2'"  1 
ATOM   498  H "H2''" . DG  B 2 5  ? 3.498   6.034   1.271   1.00 0.22 ? 5  DG  B "H2''" 1 
ATOM   499  H "H1'"  . DG  B 2 5  ? 4.426   5.440   -0.935  1.00 0.28 ? 5  DG  B "H1'"  1 
ATOM   500  H H8     . DG  B 2 5  ? 4.901   2.841   1.918   1.00 0.22 ? 5  DG  B H8     1 
ATOM   501  H H1     . DG  B 2 5  ? 2.149   0.451   -3.310  1.00 0.22 ? 5  DG  B H1     1 
ATOM   502  H H21    . DG  B 2 5  ? 1.998   2.080   -4.976  1.00 0.24 ? 5  DG  B H21    1 
ATOM   503  H H22    . DG  B 2 5  ? 2.531   3.735   -4.675  1.00 0.26 ? 5  DG  B H22    1 
ATOM   504  P P      . DT  B 2 6  ? 4.076   8.855   0.313   1.00 0.28 ? 6  DT  B P      1 
ATOM   505  O OP1    . DT  B 2 6  ? 4.605   10.211  0.043   1.00 0.38 ? 6  DT  B OP1    1 
ATOM   506  O OP2    . DT  B 2 6  ? 3.349   8.589   1.576   1.00 0.33 ? 6  DT  B OP2    1 
ATOM   507  O "O5'"  . DT  B 2 6  ? 3.121   8.423   -0.908  1.00 0.27 ? 6  DT  B "O5'"  1 
ATOM   508  C "C5'"  . DT  B 2 6  ? 3.495   8.639   -2.279  1.00 0.25 ? 6  DT  B "C5'"  1 
ATOM   509  C "C4'"  . DT  B 2 6  ? 2.411   8.166   -3.251  1.00 0.24 ? 6  DT  B "C4'"  1 
ATOM   510  O "O4'"  . DT  B 2 6  ? 2.157   6.750   -3.117  1.00 0.24 ? 6  DT  B "O4'"  1 
ATOM   511  C "C3'"  . DT  B 2 6  ? 1.066   8.877   -3.041  1.00 0.25 ? 6  DT  B "C3'"  1 
ATOM   512  O "O3'"  . DT  B 2 6  ? 0.356   9.079   -4.274  1.00 0.31 ? 6  DT  B "O3'"  1 
ATOM   513  C "C2'"  . DT  B 2 6  ? 0.402   7.907   -2.089  1.00 0.25 ? 6  DT  B "C2'"  1 
ATOM   514  C "C1'"  . DT  B 2 6  ? 0.779   6.577   -2.753  1.00 0.22 ? 6  DT  B "C1'"  1 
ATOM   515  N N1     . DT  B 2 6  ? 0.611   5.354   -1.913  1.00 0.18 ? 6  DT  B N1     1 
ATOM   516  C C2     . DT  B 2 6  ? 0.102   4.215   -2.529  1.00 0.19 ? 6  DT  B C2     1 
ATOM   517  O O2     . DT  B 2 6  ? -0.217  4.167   -3.715  1.00 0.22 ? 6  DT  B O2     1 
ATOM   518  N N3     . DT  B 2 6  ? -0.037  3.100   -1.728  1.00 0.19 ? 6  DT  B N3     1 
ATOM   519  C C4     . DT  B 2 6  ? 0.276   3.013   -0.389  1.00 0.19 ? 6  DT  B C4     1 
ATOM   520  O O4     . DT  B 2 6  ? 0.104   1.961   0.221   1.00 0.21 ? 6  DT  B O4     1 
ATOM   521  C C5     . DT  B 2 6  ? 0.795   4.232   0.178   1.00 0.19 ? 6  DT  B C5     1 
ATOM   522  C C7     . DT  B 2 6  ? 1.176   4.265   1.663   1.00 0.24 ? 6  DT  B C7     1 
ATOM   523  C C6     . DT  B 2 6  ? 0.945   5.337   -0.577  1.00 0.21 ? 6  DT  B C6     1 
ATOM   524  H "H5'"  . DT  B 2 6  ? 4.413   8.090   -2.490  1.00 0.29 ? 6  DT  B "H5'"  1 
ATOM   525  H "H5''" . DT  B 2 6  ? 3.674   9.703   -2.439  1.00 0.27 ? 6  DT  B "H5''" 1 
ATOM   526  H "H4'"  . DT  B 2 6  ? 2.748   8.361   -4.269  1.00 0.31 ? 6  DT  B "H4'"  1 
ATOM   527  H "H3'"  . DT  B 2 6  ? 1.227   9.858   -2.595  1.00 0.33 ? 6  DT  B "H3'"  1 
ATOM   528  H "H2'"  . DT  B 2 6  ? 0.926   7.999   -1.138  1.00 0.27 ? 6  DT  B "H2'"  1 
ATOM   529  H "H2''" . DT  B 2 6  ? -0.672  8.051   -1.973  1.00 0.31 ? 6  DT  B "H2''" 1 
ATOM   530  H "H1'"  . DT  B 2 6  ? 0.196   6.485   -3.669  1.00 0.35 ? 6  DT  B "H1'"  1 
ATOM   531  H H3     . DT  B 2 6  ? -0.395  2.260   -2.161  1.00 0.26 ? 6  DT  B H3     1 
ATOM   532  H H71    . DT  B 2 6  ? 0.637   5.073   2.161   1.00 0.34 ? 6  DT  B H71    1 
ATOM   533  H H72    . DT  B 2 6  ? 0.916   3.319   2.136   1.00 0.31 ? 6  DT  B H72    1 
ATOM   534  H H73    . DT  B 2 6  ? 2.248   4.425   1.771   1.00 0.34 ? 6  DT  B H73    1 
ATOM   535  H H6     . DT  B 2 6  ? 1.349   6.224   -0.088  1.00 0.33 ? 6  DT  B H6     1 
ATOM   536  P P      . DG  B 2 7  ? -1.012  9.942   -4.368  1.00 0.32 ? 7  DG  B P      1 
ATOM   537  O OP1    . DG  B 2 7  ? -0.884  10.878  -5.509  1.00 0.40 ? 7  DG  B OP1    1 
ATOM   538  O OP2    . DG  B 2 7  ? -1.345  10.472  -3.025  1.00 0.35 ? 7  DG  B OP2    1 
ATOM   539  O "O5'"  . DG  B 2 7  ? -2.112  8.824   -4.743  1.00 0.32 ? 7  DG  B "O5'"  1 
ATOM   540  C "C5'"  . DG  B 2 7  ? -2.146  8.235   -6.051  1.00 0.32 ? 7  DG  B "C5'"  1 
ATOM   541  C "C4'"  . DG  B 2 7  ? -3.156  7.094   -6.172  1.00 0.27 ? 7  DG  B "C4'"  1 
ATOM   542  O "O4'"  . DG  B 2 7  ? -2.862  6.005   -5.274  1.00 0.27 ? 7  DG  B "O4'"  1 
ATOM   543  C "C3'"  . DG  B 2 7  ? -4.618  7.479   -5.921  1.00 0.26 ? 7  DG  B "C3'"  1 
ATOM   544  O "O3'"  . DG  B 2 7  ? -5.444  6.807   -6.883  1.00 0.26 ? 7  DG  B "O3'"  1 
ATOM   545  C "C2'"  . DG  B 2 7  ? -4.799  7.024   -4.475  1.00 0.24 ? 7  DG  B "C2'"  1 
ATOM   546  C "C1'"  . DG  B 2 7  ? -4.047  5.702   -4.521  1.00 0.21 ? 7  DG  B "C1'"  1 
ATOM   547  N N9     . DG  B 2 7  ? -3.641  5.200   -3.189  1.00 0.20 ? 7  DG  B N9     1 
ATOM   548  C C8     . DG  B 2 7  ? -3.124  5.865   -2.114  1.00 0.24 ? 7  DG  B C8     1 
ATOM   549  N N7     . DG  B 2 7  ? -2.839  5.145   -1.070  1.00 0.24 ? 7  DG  B N7     1 
ATOM   550  C C5     . DG  B 2 7  ? -3.204  3.868   -1.491  1.00 0.19 ? 7  DG  B C5     1 
ATOM   551  C C6     . DG  B 2 7  ? -3.137  2.634   -0.801  1.00 0.17 ? 7  DG  B C6     1 
ATOM   552  O O6     . DG  B 2 7  ? -2.733  2.409   0.334   1.00 0.20 ? 7  DG  B O6     1 
ATOM   553  N N1     . DG  B 2 7  ? -3.603  1.585   -1.569  1.00 0.16 ? 7  DG  B N1     1 
ATOM   554  C C2     . DG  B 2 7  ? -4.078  1.706   -2.860  1.00 0.14 ? 7  DG  B C2     1 
ATOM   555  N N2     . DG  B 2 7  ? -4.541  0.539   -3.524  1.00 0.16 ? 7  DG  B N2     1 
ATOM   556  N N3     . DG  B 2 7  ? -4.141  2.861   -3.514  1.00 0.15 ? 7  DG  B N3     1 
ATOM   557  C C4     . DG  B 2 7  ? -3.692  3.897   -2.775  1.00 0.17 ? 7  DG  B C4     1 
ATOM   558  H "H5'"  . DG  B 2 7  ? -1.158  7.835   -6.281  1.00 0.37 ? 7  DG  B "H5'"  1 
ATOM   559  H "H5''" . DG  B 2 7  ? -2.395  9.003   -6.783  1.00 0.35 ? 7  DG  B "H5''" 1 
ATOM   560  H "H4'"  . DG  B 2 7  ? -3.100  6.705   -7.189  1.00 0.29 ? 7  DG  B "H4'"  1 
ATOM   561  H "H3'"  . DG  B 2 7  ? -4.764  8.548   -6.075  1.00 0.32 ? 7  DG  B "H3'"  1 
ATOM   562  H "H2'"  . DG  B 2 7  ? -4.246  7.692   -3.815  1.00 0.31 ? 7  DG  B "H2'"  1 
ATOM   563  H "H2''" . DG  B 2 7  ? -5.832  6.885   -4.155  1.00 0.27 ? 7  DG  B "H2''" 1 
ATOM   564  H "H1'"  . DG  B 2 7  ? -4.637  4.958   -5.056  1.00 0.25 ? 7  DG  B "H1'"  1 
ATOM   565  H H8     . DG  B 2 7  ? -2.963  6.944   -2.118  1.00 0.27 ? 7  DG  B H8     1 
ATOM   566  H H1     . DG  B 2 7  ? -3.575  0.695   -1.094  1.00 0.17 ? 7  DG  B H1     1 
ATOM   567  H H21    . DG  B 2 7  ? -4.421  -0.370  -3.099  1.00 0.21 ? 7  DG  B H21    1 
ATOM   568  H H22    . DG  B 2 7  ? -4.990  0.650   -4.422  1.00 0.20 ? 7  DG  B H22    1 
ATOM   569  P P      . DT  B 2 8  ? -7.053  6.703   -6.806  1.00 0.26 ? 8  DT  B P      1 
ATOM   570  O OP1    . DT  B 2 8  ? -7.589  6.796   -8.184  1.00 0.33 ? 8  DT  B OP1    1 
ATOM   571  O OP2    . DT  B 2 8  ? -7.552  7.626   -5.759  1.00 0.31 ? 8  DT  B OP2    1 
ATOM   572  O "O5'"  . DT  B 2 8  ? -7.241  5.195   -6.276  1.00 0.23 ? 8  DT  B "O5'"  1 
ATOM   573  C "C5'"  . DT  B 2 8  ? -6.885  4.065   -7.088  1.00 0.20 ? 8  DT  B "C5'"  1 
ATOM   574  C "C4'"  . DT  B 2 8  ? -7.330  2.743   -6.457  1.00 0.18 ? 8  DT  B "C4'"  1 
ATOM   575  O "O4'"  . DT  B 2 8  ? -6.712  2.498   -5.179  1.00 0.17 ? 8  DT  B "O4'"  1 
ATOM   576  C "C3'"  . DT  B 2 8  ? -8.844  2.679   -6.229  1.00 0.21 ? 8  DT  B "C3'"  1 
ATOM   577  O "O3'"  . DT  B 2 8  ? -9.356  1.355   -6.453  1.00 0.25 ? 8  DT  B "O3'"  1 
ATOM   578  C "C2'"  . DT  B 2 8  ? -8.922  3.171   -4.797  1.00 0.20 ? 8  DT  B "C2'"  1 
ATOM   579  C "C1'"  . DT  B 2 8  ? -7.753  2.390   -4.193  1.00 0.14 ? 8  DT  B "C1'"  1 
ATOM   580  N N1     . DT  B 2 8  ? -7.261  2.907   -2.884  1.00 0.11 ? 8  DT  B N1     1 
ATOM   581  C C2     . DT  B 2 8  ? -6.991  1.974   -1.889  1.00 0.10 ? 8  DT  B C2     1 
ATOM   582  O O2     . DT  B 2 8  ? -7.149  0.763   -2.027  1.00 0.13 ? 8  DT  B O2     1 
ATOM   583  N N3     . DT  B 2 8  ? -6.524  2.477   -0.695  1.00 0.13 ? 8  DT  B N3     1 
ATOM   584  C C4     . DT  B 2 8  ? -6.304  3.802   -0.399  1.00 0.16 ? 8  DT  B C4     1 
ATOM   585  O O4     . DT  B 2 8  ? -5.874  4.113   0.707   1.00 0.21 ? 8  DT  B O4     1 
ATOM   586  C C5     . DT  B 2 8  ? -6.609  4.714   -1.478  1.00 0.18 ? 8  DT  B C5     1 
ATOM   587  C C7     . DT  B 2 8  ? -6.418  6.220   -1.271  1.00 0.27 ? 8  DT  B C7     1 
ATOM   588  C C6     . DT  B 2 8  ? -7.065  4.254   -2.661  1.00 0.15 ? 8  DT  B C6     1 
ATOM   589  H "H5'"  . DT  B 2 8  ? -5.802  4.042   -7.215  1.00 0.25 ? 8  DT  B "H5'"  1 
ATOM   590  H "H5''" . DT  B 2 8  ? -7.354  4.162   -8.067  1.00 0.24 ? 8  DT  B "H5''" 1 
ATOM   591  H "H4'"  . DT  B 2 8  ? -7.054  1.932   -7.130  1.00 0.24 ? 8  DT  B "H4'"  1 
ATOM   592  H "H3'"  . DT  B 2 8  ? -9.349  3.343   -6.930  1.00 0.26 ? 8  DT  B "H3'"  1 
ATOM   593  H "H2'"  . DT  B 2 8  ? -8.668  4.231   -4.799  1.00 0.23 ? 8  DT  B "H2'"  1 
ATOM   594  H "H2''" . DT  B 2 8  ? -9.876  2.991   -4.301  1.00 0.29 ? 8  DT  B "H2''" 1 
ATOM   595  H "H1'"  . DT  B 2 8  ? -8.044  1.343   -4.109  1.00 0.19 ? 8  DT  B "H1'"  1 
ATOM   596  H H3     . DT  B 2 8  ? -6.319  1.805   0.030   1.00 0.15 ? 8  DT  B H3     1 
ATOM   597  H H71    . DT  B 2 8  ? -6.059  6.416   -0.261  1.00 0.33 ? 8  DT  B H71    1 
ATOM   598  H H72    . DT  B 2 8  ? -5.691  6.610   -1.984  1.00 0.30 ? 8  DT  B H72    1 
ATOM   599  H H73    . DT  B 2 8  ? -7.370  6.731   -1.416  1.00 0.33 ? 8  DT  B H73    1 
ATOM   600  H H6     . DT  B 2 8  ? -7.269  4.986   -3.443  1.00 0.22 ? 8  DT  B H6     1 
ATOM   601  P P      . DA  B 2 9  ? -10.935 1.007   -6.369  1.00 0.32 ? 9  DA  B P      1 
ATOM   602  O OP1    . DA  B 2 9  ? -11.249 0.067   -7.471  1.00 0.47 ? 9  DA  B OP1    1 
ATOM   603  O OP2    . DA  B 2 9  ? -11.701 2.269   -6.249  1.00 0.40 ? 9  DA  B OP2    1 
ATOM   604  O "O5'"  . DA  B 2 9  ? -11.061 0.220   -4.966  1.00 0.26 ? 9  DA  B "O5'"  1 
ATOM   605  C "C5'"  . DA  B 2 9  ? -10.748 -1.177  -4.864  1.00 0.28 ? 9  DA  B "C5'"  1 
ATOM   606  C "C4'"  . DA  B 2 9  ? -11.015 -1.752  -3.472  1.00 0.22 ? 9  DA  B "C4'"  1 
ATOM   607  O "O4'"  . DA  B 2 9  ? -10.179 -1.171  -2.451  1.00 0.20 ? 9  DA  B "O4'"  1 
ATOM   608  C "C3'"  . DA  B 2 9  ? -12.468 -1.612  -2.994  1.00 0.20 ? 9  DA  B "C3'"  1 
ATOM   609  O "O3'"  . DA  B 2 9  ? -12.932 -2.853  -2.439  1.00 0.21 ? 9  DA  B "O3'"  1 
ATOM   610  C "C2'"  . DA  B 2 9  ? -12.338 -0.462  -2.007  1.00 0.18 ? 9  DA  B "C2'"  1 
ATOM   611  C "C1'"  . DA  B 2 9  ? -11.012 -0.807  -1.341  1.00 0.17 ? 9  DA  B "C1'"  1 
ATOM   612  N N9     . DA  B 2 9  ? -10.413 0.363   -0.660  1.00 0.14 ? 9  DA  B N9     1 
ATOM   613  C C8     . DA  B 2 9  ? -10.385 1.668   -1.054  1.00 0.18 ? 9  DA  B C8     1 
ATOM   614  N N7     . DA  B 2 9  ? -9.776  2.499   -0.263  1.00 0.17 ? 9  DA  B N7     1 
ATOM   615  C C5     . DA  B 2 9  ? -9.354  1.661   0.766   1.00 0.13 ? 9  DA  B C5     1 
ATOM   616  C C6     . DA  B 2 9  ? -8.639  1.904   1.943   1.00 0.14 ? 9  DA  B C6     1 
ATOM   617  N N6     . DA  B 2 9  ? -8.170  3.201   2.320   1.00 0.18 ? 9  DA  B N6     1 
ATOM   618  N N1     . DA  B 2 9  ? -8.391  0.855   2.738   1.00 0.15 ? 9  DA  B N1     1 
ATOM   619  C C2     . DA  B 2 9  ? -8.818  -0.354  2.400   1.00 0.14 ? 9  DA  B C2     1 
ATOM   620  N N3     . DA  B 2 9  ? -9.497  -0.706  1.321   1.00 0.12 ? 9  DA  B N3     1 
ATOM   621  C C4     . DA  B 2 9  ? -9.736  0.364   0.535   1.00 0.12 ? 9  DA  B C4     1 
ATOM   622  H "H5'"  . DA  B 2 9  ? -9.694  -1.324  -5.101  1.00 0.33 ? 9  DA  B "H5'"  1 
ATOM   623  H "H5''" . DA  B 2 9  ? -11.351 -1.727  -5.587  1.00 0.40 ? 9  DA  B "H5''" 1 
ATOM   624  H "H4'"  . DA  B 2 9  ? -10.798 -2.820  -3.505  1.00 0.29 ? 9  DA  B "H4'"  1 
ATOM   625  H "H3'"  . DA  B 2 9  ? -13.118 -1.372  -3.836  1.00 0.27 ? 9  DA  B "H3'"  1 
ATOM   626  H "H2'"  . DA  B 2 9  ? -12.182 0.461   -2.565  1.00 0.19 ? 9  DA  B "H2'"  1 
ATOM   627  H "H2''" . DA  B 2 9  ? -13.156 -0.355  -1.295  1.00 0.22 ? 9  DA  B "H2''" 1 
ATOM   628  H "H1'"  . DA  B 2 9  ? -11.128 -1.654  -0.665  1.00 0.21 ? 9  DA  B "H1'"  1 
ATOM   629  H H8     . DA  B 2 9  ? -10.856 1.990   -1.982  1.00 0.25 ? 9  DA  B H8     1 
ATOM   630  H H61    . DA  B 2 9  ? -7.628  3.309   3.165   1.00 0.23 ? 9  DA  B H61    1 
ATOM   631  H H62    . DA  B 2 9  ? -8.384  3.998   1.738   1.00 0.29 ? 9  DA  B H62    1 
ATOM   632  H H2     . DA  B 2 9  ? -8.580  -1.158  3.096   1.00 0.19 ? 9  DA  B H2     1 
ATOM   633  P P      . DC  B 2 10 ? -14.325 -3.035  -1.638  1.00 0.20 ? 10 DC  B P      1 
ATOM   634  O OP1    . DC  B 2 10 ? -14.827 -4.406  -1.887  1.00 0.25 ? 10 DC  B OP1    1 
ATOM   635  O OP2    . DC  B 2 10 ? -15.201 -1.871  -1.913  1.00 0.26 ? 10 DC  B OP2    1 
ATOM   636  O "O5'"  . DC  B 2 10 ? -13.829 -2.937  -0.111  1.00 0.20 ? 10 DC  B "O5'"  1 
ATOM   637  C "C5'"  . DC  B 2 10 ? -12.889 -3.894  0.398   1.00 0.19 ? 10 DC  B "C5'"  1 
ATOM   638  C "C4'"  . DC  B 2 10 ? -12.405 -3.565  1.806   1.00 0.18 ? 10 DC  B "C4'"  1 
ATOM   639  O "O4'"  . DC  B 2 10 ? -11.759 -2.277  1.884   1.00 0.22 ? 10 DC  B "O4'"  1 
ATOM   640  C "C3'"  . DC  B 2 10 ? -13.494 -3.572  2.887   1.00 0.20 ? 10 DC  B "C3'"  1 
ATOM   641  O "O3'"  . DC  B 2 10 ? -12.999 -4.288  4.032   1.00 0.25 ? 10 DC  B "O3'"  1 
ATOM   642  C "C2'"  . DC  B 2 10 ? -13.721 -2.085  3.094   1.00 0.20 ? 10 DC  B "C2'"  1 
ATOM   643  C "C1'"  . DC  B 2 10 ? -12.284 -1.602  3.035   1.00 0.19 ? 10 DC  B "C1'"  1 
ATOM   644  N N1     . DC  B 2 10 ? -12.176 -0.124  2.914   1.00 0.22 ? 10 DC  B N1     1 
ATOM   645  C C2     . DC  B 2 10 ? -11.522 0.562   3.929   1.00 0.21 ? 10 DC  B C2     1 
ATOM   646  O O2     . DC  B 2 10 ? -11.054 -0.019  4.903   1.00 0.25 ? 10 DC  B O2     1 
ATOM   647  N N3     . DC  B 2 10 ? -11.408 1.910   3.834   1.00 0.18 ? 10 DC  B N3     1 
ATOM   648  C C4     . DC  B 2 10 ? -11.912 2.570   2.790   1.00 0.18 ? 10 DC  B C4     1 
ATOM   649  N N4     . DC  B 2 10 ? -11.760 3.991   2.740   1.00 0.23 ? 10 DC  B N4     1 
ATOM   650  C C5     . DC  B 2 10 ? -12.591 1.887   1.733   1.00 0.23 ? 10 DC  B C5     1 
ATOM   651  C C6     . DC  B 2 10 ? -12.700 0.544   1.834   1.00 0.21 ? 10 DC  B C6     1 
ATOM   652  H "H5'"  . DC  B 2 10 ? -12.019 -3.907  -0.258  1.00 0.28 ? 10 DC  B "H5'"  1 
ATOM   653  H "H5''" . DC  B 2 10 ? -13.342 -4.886  0.400   1.00 0.25 ? 10 DC  B "H5''" 1 
ATOM   654  H "H4'"  . DC  B 2 10 ? -11.672 -4.319  2.095   1.00 0.29 ? 10 DC  B "H4'"  1 
ATOM   655  H "H3'"  . DC  B 2 10 ? -14.387 -4.087  2.533   1.00 0.30 ? 10 DC  B "H3'"  1 
ATOM   656  H "H2'"  . DC  B 2 10 ? -14.245 -1.680  2.229   1.00 0.32 ? 10 DC  B "H2'"  1 
ATOM   657  H "H2''" . DC  B 2 10 ? -14.190 -1.821  4.043   1.00 0.34 ? 10 DC  B "H2''" 1 
ATOM   658  H "H1'"  . DC  B 2 10 ? -11.764 -1.956  3.926   1.00 0.31 ? 10 DC  B "H1'"  1 
ATOM   659  H H41    . DC  B 2 10 ? -11.276 4.452   3.497   1.00 0.32 ? 10 DC  B H41    1 
ATOM   660  H H42    . DC  B 2 10 ? -12.133 4.512   1.959   1.00 0.35 ? 10 DC  B H42    1 
ATOM   661  H H5     . DC  B 2 10 ? -12.998 2.450   0.893   1.00 0.41 ? 10 DC  B H5     1 
ATOM   662  H H6     . DC  B 2 10 ? -13.209 -0.012  1.047   1.00 0.28 ? 10 DC  B H6     1 
ATOM   663  P P      . DG  B 2 11 ? -13.680 -4.297  5.497   1.00 0.32 ? 11 DG  B P      1 
ATOM   664  O OP1    . DG  B 2 11 ? -13.563 -5.664  6.054   1.00 0.44 ? 11 DG  B OP1    1 
ATOM   665  O OP2    . DG  B 2 11 ? -15.012 -3.654  5.417   1.00 0.39 ? 11 DG  B OP2    1 
ATOM   666  O "O5'"  . DG  B 2 11 ? -12.709 -3.319  6.333   1.00 0.29 ? 11 DG  B "O5'"  1 
ATOM   667  C "C5'"  . DG  B 2 11 ? -11.347 -3.673  6.632   1.00 0.31 ? 11 DG  B "C5'"  1 
ATOM   668  C "C4'"  . DG  B 2 11 ? -10.872 -3.094  7.970   1.00 0.36 ? 11 DG  B "C4'"  1 
ATOM   669  O "O4'"  . DG  B 2 11 ? -10.960 -1.659  7.994   1.00 0.30 ? 11 DG  B "O4'"  1 
ATOM   670  C "C3'"  . DG  B 2 11 ? -11.690 -3.568  9.174   1.00 0.45 ? 11 DG  B "C3'"  1 
ATOM   671  O "O3'"  . DG  B 2 11 ? -10.904 -3.511  10.373  1.00 0.57 ? 11 DG  B "O3'"  1 
ATOM   672  C "C2'"  . DG  B 2 11 ? -12.802 -2.534  9.152   1.00 0.41 ? 11 DG  B "C2'"  1 
ATOM   673  C "C1'"  . DG  B 2 11 ? -11.967 -1.279  8.950   1.00 0.32 ? 11 DG  B "C1'"  1 
ATOM   674  N N9     . DG  B 2 11 ? -12.704 -0.116  8.421   1.00 0.26 ? 11 DG  B N9     1 
ATOM   675  C C8     . DG  B 2 11 ? -13.648 -0.034  7.437   1.00 0.28 ? 11 DG  B C8     1 
ATOM   676  N N7     . DG  B 2 11 ? -14.103 1.157   7.179   1.00 0.32 ? 11 DG  B N7     1 
ATOM   677  C C5     . DG  B 2 11 ? -13.391 1.948   8.081   1.00 0.26 ? 11 DG  B C5     1 
ATOM   678  C C6     . DG  B 2 11 ? -13.435 3.349   8.295   1.00 0.28 ? 11 DG  B C6     1 
ATOM   679  O O6     . DG  B 2 11 ? -14.121 4.193   7.726   1.00 0.37 ? 11 DG  B O6     1 
ATOM   680  N N1     . DG  B 2 11 ? -12.563 3.748   9.293   1.00 0.24 ? 11 DG  B N1     1 
ATOM   681  C C2     . DG  B 2 11 ? -11.742 2.900   10.005  1.00 0.24 ? 11 DG  B C2     1 
ATOM   682  N N2     . DG  B 2 11 ? -10.899 3.477   10.989  1.00 0.30 ? 11 DG  B N2     1 
ATOM   683  N N3     . DG  B 2 11 ? -11.695 1.584   9.809   1.00 0.27 ? 11 DG  B N3     1 
ATOM   684  C C4     . DG  B 2 11 ? -12.541 1.179   8.837   1.00 0.24 ? 11 DG  B C4     1 
ATOM   685  H "H5'"  . DG  B 2 11 ? -10.706 -3.287  5.840   1.00 0.31 ? 11 DG  B "H5'"  1 
ATOM   686  H "H5''" . DG  B 2 11 ? -11.244 -4.758  6.669   1.00 0.41 ? 11 DG  B "H5''" 1 
ATOM   687  H "H4'"  . DG  B 2 11 ? -9.829  -3.374  8.121   1.00 0.47 ? 11 DG  B "H4'"  1 
ATOM   688  H "H3'"  . DG  B 2 11 ? -12.038 -4.592  9.029   1.00 0.53 ? 11 DG  B "H3'"  1 
ATOM   689  H "HO3'" . DG  B 2 11 ? -10.064 -3.934  10.184  1.00 0.72 ? 11 DG  B "HO3'" 1 
ATOM   690  H "H2'"  . DG  B 2 11 ? -13.423 -2.704  8.273   1.00 0.40 ? 11 DG  B "H2'"  1 
ATOM   691  H "H2''" . DG  B 2 11 ? -13.421 -2.463  10.047  1.00 0.53 ? 11 DG  B "H2''" 1 
ATOM   692  H "H1'"  . DG  B 2 11 ? -11.508 -1.027  9.906   1.00 0.47 ? 11 DG  B "H1'"  1 
ATOM   693  H H8     . DG  B 2 11 ? -14.006 -0.912  6.898   1.00 0.30 ? 11 DG  B H8     1 
ATOM   694  H H1     . DG  B 2 11 ? -12.564 4.742   9.477   1.00 0.27 ? 11 DG  B H1     1 
ATOM   695  H H21    . DG  B 2 11 ? -10.965 4.467   11.179  1.00 0.36 ? 11 DG  B H21    1 
ATOM   696  H H22    . DG  B 2 11 ? -10.237 2.899   11.488  1.00 0.44 ? 11 DG  B H22    1 
ATOM   697  O "O5'"  . DC  A 1 1  ? -10.058 -12.533 8.901   1.00 0.65 ? 1  DC  A "O5'"  2 
ATOM   698  C "C5'"  . DC  A 1 1  ? -9.721  -13.324 10.047  1.00 0.63 ? 1  DC  A "C5'"  2 
ATOM   699  C "C4'"  . DC  A 1 1  ? -8.222  -13.652 10.124  1.00 0.52 ? 1  DC  A "C4'"  2 
ATOM   700  O "O4'"  . DC  A 1 1  ? -7.776  -14.376 8.957   1.00 0.56 ? 1  DC  A "O4'"  2 
ATOM   701  C "C3'"  . DC  A 1 1  ? -7.318  -12.418 10.226  1.00 0.40 ? 1  DC  A "C3'"  2 
ATOM   702  O "O3'"  . DC  A 1 1  ? -6.133  -12.690 10.995  1.00 0.36 ? 1  DC  A "O3'"  2 
ATOM   703  C "C2'"  . DC  A 1 1  ? -7.036  -12.162 8.764   1.00 0.40 ? 1  DC  A "C2'"  2 
ATOM   704  C "C1'"  . DC  A 1 1  ? -6.768  -13.587 8.297   1.00 0.46 ? 1  DC  A "C1'"  2 
ATOM   705  N N1     . DC  A 1 1  ? -6.876  -13.714 6.819   1.00 0.50 ? 1  DC  A N1     2 
ATOM   706  C C2     . DC  A 1 1  ? -5.734  -14.006 6.079   1.00 0.45 ? 1  DC  A C2     2 
ATOM   707  O O2     . DC  A 1 1  ? -4.641  -14.163 6.617   1.00 0.40 ? 1  DC  A O2     2 
ATOM   708  N N3     . DC  A 1 1  ? -5.843  -14.120 4.730   1.00 0.46 ? 1  DC  A N3     2 
ATOM   709  C C4     . DC  A 1 1  ? -7.026  -13.954 4.122   1.00 0.55 ? 1  DC  A C4     2 
ATOM   710  N N4     . DC  A 1 1  ? -7.109  -14.080 2.703   1.00 0.58 ? 1  DC  A N4     2 
ATOM   711  C C5     . DC  A 1 1  ? -8.209  -13.654 4.867   1.00 0.62 ? 1  DC  A C5     2 
ATOM   712  C C6     . DC  A 1 1  ? -8.085  -13.545 6.204   1.00 0.58 ? 1  DC  A C6     2 
ATOM   713  H "H5'"  . DC  A 1 1  ? -10.277 -14.260 9.998   1.00 0.77 ? 1  DC  A "H5'"  2 
ATOM   714  H "H5''" . DC  A 1 1  ? -10.013 -12.785 10.949  1.00 0.58 ? 1  DC  A "H5''" 2 
ATOM   715  H "H4'"  . DC  A 1 1  ? -8.050  -14.274 11.002  1.00 0.55 ? 1  DC  A "H4'"  2 
ATOM   716  H "H3'"  . DC  A 1 1  ? -7.844  -11.593 10.704  1.00 0.43 ? 1  DC  A "H3'"  2 
ATOM   717  H "H2'"  . DC  A 1 1  ? -7.951  -11.807 8.290   1.00 0.50 ? 1  DC  A "H2'"  2 
ATOM   718  H "H2''" . DC  A 1 1  ? -6.187  -11.505 8.579   1.00 0.37 ? 1  DC  A "H2''" 2 
ATOM   719  H "H1'"  . DC  A 1 1  ? -5.780  -13.882 8.652   1.00 0.45 ? 1  DC  A "H1'"  2 
ATOM   720  H H41    . DC  A 1 1  ? -6.269  -14.290 2.184   1.00 0.57 ? 1  DC  A H41    2 
ATOM   721  H H42    . DC  A 1 1  ? -7.996  -13.960 2.234   1.00 0.66 ? 1  DC  A H42    2 
ATOM   722  H H5     . DC  A 1 1  ? -9.173  -13.519 4.377   1.00 0.72 ? 1  DC  A H5     2 
ATOM   723  H H6     . DC  A 1 1  ? -8.969  -13.321 6.801   1.00 0.64 ? 1  DC  A H6     2 
ATOM   724  H "HO5'" . DC  A 1 1  ? -10.994 -12.329 8.962   1.00 0.75 ? 1  DC  A "HO5'" 2 
ATOM   725  P P      . DG  A 1 2  ? -5.049  -11.541 11.350  1.00 0.27 ? 2  DG  A P      2 
ATOM   726  O OP1    . DG  A 1 2  ? -4.550  -11.803 12.720  1.00 0.31 ? 2  DG  A OP1    2 
ATOM   727  O OP2    . DG  A 1 2  ? -5.642  -10.221 11.033  1.00 0.28 ? 2  DG  A OP2    2 
ATOM   728  O "O5'"  . DG  A 1 2  ? -3.853  -11.815 10.299  1.00 0.26 ? 2  DG  A "O5'"  2 
ATOM   729  C "C5'"  . DG  A 1 2  ? -2.847  -12.813 10.548  1.00 0.24 ? 2  DG  A "C5'"  2 
ATOM   730  C "C4'"  . DG  A 1 2  ? -1.634  -12.697 9.616   1.00 0.20 ? 2  DG  A "C4'"  2 
ATOM   731  O "O4'"  . DG  A 1 2  ? -1.930  -12.936 8.225   1.00 0.23 ? 2  DG  A "O4'"  2 
ATOM   732  C "C3'"  . DG  A 1 2  ? -0.921  -11.338 9.677   1.00 0.16 ? 2  DG  A "C3'"  2 
ATOM   733  O "O3'"  . DG  A 1 2  ? 0.504   -11.533 9.696   1.00 0.18 ? 2  DG  A "O3'"  2 
ATOM   734  C "C2'"  . DG  A 1 2  ? -1.459  -10.679 8.419   1.00 0.15 ? 2  DG  A "C2'"  2 
ATOM   735  C "C1'"  . DG  A 1 2  ? -1.374  -11.854 7.461   1.00 0.17 ? 2  DG  A "C1'"  2 
ATOM   736  N N9     . DG  A 1 2  ? -2.188  -11.646 6.247   1.00 0.16 ? 2  DG  A N9     2 
ATOM   737  C C8     . DG  A 1 2  ? -3.497  -11.296 6.139   1.00 0.21 ? 2  DG  A C8     2 
ATOM   738  N N7     . DG  A 1 2  ? -3.974  -11.206 4.934   1.00 0.22 ? 2  DG  A N7     2 
ATOM   739  C C5     . DG  A 1 2  ? -2.861  -11.528 4.159   1.00 0.18 ? 2  DG  A C5     2 
ATOM   740  C C6     . DG  A 1 2  ? -2.731  -11.607 2.752   1.00 0.21 ? 2  DG  A C6     2 
ATOM   741  O O6     . DG  A 1 2  ? -3.583  -11.412 1.893   1.00 0.22 ? 2  DG  A O6     2 
ATOM   742  N N1     . DG  A 1 2  ? -1.451  -11.962 2.372   1.00 0.20 ? 2  DG  A N1     2 
ATOM   743  C C2     . DG  A 1 2  ? -0.410  -12.212 3.239   1.00 0.19 ? 2  DG  A C2     2 
ATOM   744  N N2     . DG  A 1 2  ? 0.847   -12.545 2.669   1.00 0.24 ? 2  DG  A N2     2 
ATOM   745  N N3     . DG  A 1 2  ? -0.526  -12.141 4.563   1.00 0.17 ? 2  DG  A N3     2 
ATOM   746  C C4     . DG  A 1 2  ? -1.771  -11.795 4.953   1.00 0.16 ? 2  DG  A C4     2 
ATOM   747  H "H5'"  . DG  A 1 2  ? -3.288  -13.801 10.421  1.00 0.28 ? 2  DG  A "H5'"  2 
ATOM   748  H "H5''" . DG  A 1 2  ? -2.498  -12.713 11.576  1.00 0.34 ? 2  DG  A "H5''" 2 
ATOM   749  H "H4'"  . DG  A 1 2  ? -0.905  -13.445 9.928   1.00 0.27 ? 2  DG  A "H4'"  2 
ATOM   750  H "H3'"  . DG  A 1 2  ? -1.193  -10.804 10.587  1.00 0.25 ? 2  DG  A "H3'"  2 
ATOM   751  H "H2'"  . DG  A 1 2  ? -2.517  -10.444 8.542   1.00 0.24 ? 2  DG  A "H2'"  2 
ATOM   752  H "H2''" . DG  A 1 2  ? -0.902  -9.807  8.076   1.00 0.27 ? 2  DG  A "H2''" 2 
ATOM   753  H "H1'"  . DG  A 1 2  ? -0.335  -12.068 7.210   1.00 0.24 ? 2  DG  A "H1'"  2 
ATOM   754  H H8     . DG  A 1 2  ? -4.099  -11.096 7.025   1.00 0.27 ? 2  DG  A H8     2 
ATOM   755  H H1     . DG  A 1 2  ? -1.319  -12.032 1.373   1.00 0.24 ? 2  DG  A H1     2 
ATOM   756  H H21    . DG  A 1 2  ? 0.921   -12.693 1.672   1.00 0.33 ? 2  DG  A H21    2 
ATOM   757  H H22    . DG  A 1 2  ? 1.642   -12.621 3.287   1.00 0.35 ? 2  DG  A H22    2 
ATOM   758  P P      . DT  A 1 3  ? 1.593   -10.344 9.565   1.00 0.20 ? 3  DT  A P      2 
ATOM   759  O OP1    . DT  A 1 3  ? 2.718   -10.651 10.478  1.00 0.26 ? 3  DT  A OP1    2 
ATOM   760  O OP2    . DT  A 1 3  ? 0.899   -9.040  9.671   1.00 0.25 ? 3  DT  A OP2    2 
ATOM   761  O "O5'"  . DT  A 1 3  ? 2.106   -10.508 8.045   1.00 0.20 ? 3  DT  A "O5'"  2 
ATOM   762  C "C5'"  . DT  A 1 3  ? 2.922   -11.621 7.642   1.00 0.17 ? 3  DT  A "C5'"  2 
ATOM   763  C "C4'"  . DT  A 1 3  ? 3.479   -11.462 6.223   1.00 0.16 ? 3  DT  A "C4'"  2 
ATOM   764  O "O4'"  . DT  A 1 3  ? 2.446   -11.368 5.221   1.00 0.18 ? 3  DT  A "O4'"  2 
ATOM   765  C "C3'"  . DT  A 1 3  ? 4.368   -10.225 6.038   1.00 0.19 ? 3  DT  A "C3'"  2 
ATOM   766  O "O3'"  . DT  A 1 3  ? 5.455   -10.509 5.140   1.00 0.22 ? 3  DT  A "O3'"  2 
ATOM   767  C "C2'"  . DT  A 1 3  ? 3.352   -9.226  5.518   1.00 0.18 ? 3  DT  A "C2'"  2 
ATOM   768  C "C1'"  . DT  A 1 3  ? 2.621   -10.122 4.525   1.00 0.16 ? 3  DT  A "C1'"  2 
ATOM   769  N N1     . DT  A 1 3  ? 1.305   -9.588  4.094   1.00 0.14 ? 3  DT  A N1     2 
ATOM   770  C C2     . DT  A 1 3  ? 1.040   -9.560  2.733   1.00 0.14 ? 3  DT  A C2     2 
ATOM   771  O O2     . DT  A 1 3  ? 1.833   -9.936  1.874   1.00 0.19 ? 3  DT  A O2     2 
ATOM   772  N N3     . DT  A 1 3  ? -0.192  -9.077  2.370   1.00 0.14 ? 3  DT  A N3     2 
ATOM   773  C C4     . DT  A 1 3  ? -1.177  -8.620  3.214   1.00 0.11 ? 3  DT  A C4     2 
ATOM   774  O O4     . DT  A 1 3  ? -2.238  -8.225  2.741   1.00 0.13 ? 3  DT  A O4     2 
ATOM   775  C C5     . DT  A 1 3  ? -0.829  -8.676  4.615   1.00 0.12 ? 3  DT  A C5     2 
ATOM   776  C C7     . DT  A 1 3  ? -1.832  -8.188  5.667   1.00 0.15 ? 3  DT  A C7     2 
ATOM   777  C C6     . DT  A 1 3  ? 0.372   -9.147  5.006   1.00 0.13 ? 3  DT  A C6     2 
ATOM   778  H "H5'"  . DT  A 1 3  ? 2.316   -12.528 7.675   1.00 0.18 ? 3  DT  A "H5'"  2 
ATOM   779  H "H5''" . DT  A 1 3  ? 3.756   -11.729 8.335   1.00 0.20 ? 3  DT  A "H5''" 2 
ATOM   780  H "H4'"  . DT  A 1 3  ? 4.084   -12.340 5.998   1.00 0.19 ? 3  DT  A "H4'"  2 
ATOM   781  H "H3'"  . DT  A 1 3  ? 4.801   -9.927  6.992   1.00 0.23 ? 3  DT  A "H3'"  2 
ATOM   782  H "H2'"  . DT  A 1 3  ? 2.673   -8.977  6.332   1.00 0.19 ? 3  DT  A "H2'"  2 
ATOM   783  H "H2''" . DT  A 1 3  ? 3.766   -8.332  5.055   1.00 0.23 ? 3  DT  A "H2''" 2 
ATOM   784  H "H1'"  . DT  A 1 3  ? 3.272   -10.290 3.665   1.00 0.20 ? 3  DT  A "H1'"  2 
ATOM   785  H H3     . DT  A 1 3  ? -0.385  -9.058  1.378   1.00 0.17 ? 3  DT  A H3     2 
ATOM   786  H H71    . DT  A 1 3  ? -2.082  -9.000  6.350   1.00 0.19 ? 3  DT  A H71    2 
ATOM   787  H H72    . DT  A 1 3  ? -1.395  -7.366  6.234   1.00 0.25 ? 3  DT  A H72    2 
ATOM   788  H H73    . DT  A 1 3  ? -2.744  -7.840  5.182   1.00 0.20 ? 3  DT  A H73    2 
ATOM   789  H H6     . DT  A 1 3  ? 0.594   -9.178  6.072   1.00 0.17 ? 3  DT  A H6     2 
ATOM   790  P P      . DA  A 1 4  ? 6.497   -9.381  4.640   1.00 0.26 ? 4  DA  A P      2 
ATOM   791  O OP1    . DA  A 1 4  ? 7.775   -10.057 4.314   1.00 0.36 ? 4  DA  A OP1    2 
ATOM   792  O OP2    . DA  A 1 4  ? 6.494   -8.265  5.614   1.00 0.31 ? 4  DA  A OP2    2 
ATOM   793  O "O5'"  . DA  A 1 4  ? 5.829   -8.845  3.269   1.00 0.22 ? 4  DA  A "O5'"  2 
ATOM   794  C "C5'"  . DA  A 1 4  ? 6.073   -9.481  2.002   1.00 0.23 ? 4  DA  A "C5'"  2 
ATOM   795  C "C4'"  . DA  A 1 4  ? 5.588   -8.645  0.811   1.00 0.18 ? 4  DA  A "C4'"  2 
ATOM   796  O "O4'"  . DA  A 1 4  ? 4.155   -8.467  0.745   1.00 0.18 ? 4  DA  A "O4'"  2 
ATOM   797  C "C3'"  . DA  A 1 4  ? 6.189   -7.232  0.777   1.00 0.16 ? 4  DA  A "C3'"  2 
ATOM   798  O "O3'"  . DA  A 1 4  ? 6.543   -6.866  -0.572  1.00 0.17 ? 4  DA  A "O3'"  2 
ATOM   799  C "C2'"  . DA  A 1 4  ? 5.046   -6.444  1.381   1.00 0.14 ? 4  DA  A "C2'"  2 
ATOM   800  C "C1'"  . DA  A 1 4  ? 3.899   -7.062  0.594   1.00 0.15 ? 4  DA  A "C1'"  2 
ATOM   801  N N9     . DA  A 1 4  ? 2.554   -6.711  1.096   1.00 0.14 ? 4  DA  A N9     2 
ATOM   802  C C8     . DA  A 1 4  ? 2.111   -6.573  2.378   1.00 0.14 ? 4  DA  A C8     2 
ATOM   803  N N7     . DA  A 1 4  ? 0.855   -6.271  2.520   1.00 0.14 ? 4  DA  A N7     2 
ATOM   804  C C5     . DA  A 1 4  ? 0.417   -6.196  1.197   1.00 0.14 ? 4  DA  A C5     2 
ATOM   805  C C6     . DA  A 1 4  ? -0.832  -5.911  0.629   1.00 0.17 ? 4  DA  A C6     2 
ATOM   806  N N6     . DA  A 1 4  ? -1.991  -5.619  1.411   1.00 0.20 ? 4  DA  A N6     2 
ATOM   807  N N1     . DA  A 1 4  ? -0.920  -5.920  -0.709  1.00 0.18 ? 4  DA  A N1     2 
ATOM   808  C C2     . DA  A 1 4  ? 0.154   -6.194  -1.441  1.00 0.19 ? 4  DA  A C2     2 
ATOM   809  N N3     . DA  A 1 4  ? 1.378   -6.477  -1.024  1.00 0.17 ? 4  DA  A N3     2 
ATOM   810  C C4     . DA  A 1 4  ? 1.442   -6.461  0.327   1.00 0.14 ? 4  DA  A C4     2 
ATOM   811  H "H5'"  . DA  A 1 4  ? 5.572   -10.449 1.979   1.00 0.26 ? 4  DA  A "H5'"  2 
ATOM   812  H "H5''" . DA  A 1 4  ? 7.146   -9.638  1.894   1.00 0.28 ? 4  DA  A "H5''" 2 
ATOM   813  H "H4'"  . DA  A 1 4  ? 5.901   -9.147  -0.104  1.00 0.24 ? 4  DA  A "H4'"  2 
ATOM   814  H "H3'"  . DA  A 1 4  ? 7.096   -7.185  1.380   1.00 0.19 ? 4  DA  A "H3'"  2 
ATOM   815  H "H2'"  . DA  A 1 4  ? 4.928   -6.720  2.429   1.00 0.18 ? 4  DA  A "H2'"  2 
ATOM   816  H "H2''" . DA  A 1 4  ? 5.154   -5.368  1.258   1.00 0.16 ? 4  DA  A "H2''" 2 
ATOM   817  H "H1'"  . DA  A 1 4  ? 3.989   -6.786  -0.455  1.00 0.18 ? 4  DA  A "H1'"  2 
ATOM   818  H H8     . DA  A 1 4  ? 2.772   -6.711  3.234   1.00 0.15 ? 4  DA  A H8     2 
ATOM   819  H H61    . DA  A 1 4  ? -2.879  -5.469  0.952   1.00 0.22 ? 4  DA  A H61    2 
ATOM   820  H H62    . DA  A 1 4  ? -1.913  -5.568  2.417   1.00 0.23 ? 4  DA  A H62    2 
ATOM   821  H H2     . DA  A 1 4  ? 0.011   -6.183  -2.521  1.00 0.23 ? 4  DA  A H2     2 
ATOM   822  P P      . DC  A 1 5  ? 6.844   -5.365  -1.103  1.00 0.14 ? 5  DC  A P      2 
ATOM   823  O OP1    . DC  A 1 5  ? 8.122   -5.394  -1.849  1.00 0.15 ? 5  DC  A OP1    2 
ATOM   824  O OP2    . DC  A 1 5  ? 6.671   -4.408  0.015   1.00 0.19 ? 5  DC  A OP2    2 
ATOM   825  O "O5'"  . DC  A 1 5  ? 5.640   -5.107  -2.153  1.00 0.16 ? 5  DC  A "O5'"  2 
ATOM   826  C "C5'"  . DC  A 1 5  ? 5.554   -5.854  -3.378  1.00 0.18 ? 5  DC  A "C5'"  2 
ATOM   827  C "C4'"  . DC  A 1 5  ? 4.801   -5.125  -4.502  1.00 0.18 ? 5  DC  A "C4'"  2 
ATOM   828  O "O4'"  . DC  A 1 5  ? 3.410   -4.873  -4.220  1.00 0.19 ? 5  DC  A "O4'"  2 
ATOM   829  C "C3'"  . DC  A 1 5  ? 5.408   -3.782  -4.904  1.00 0.17 ? 5  DC  A "C3'"  2 
ATOM   830  O "O3'"  . DC  A 1 5  ? 5.300   -3.570  -6.315  1.00 0.18 ? 5  DC  A "O3'"  2 
ATOM   831  C "C2'"  . DC  A 1 5  ? 4.606   -2.830  -4.036  1.00 0.16 ? 5  DC  A "C2'"  2 
ATOM   832  C "C1'"  . DC  A 1 5  ? 3.196   -3.459  -4.050  1.00 0.16 ? 5  DC  A "C1'"  2 
ATOM   833  N N1     . DC  A 1 5  ? 2.483   -3.346  -2.741  1.00 0.16 ? 5  DC  A N1     2 
ATOM   834  C C2     . DC  A 1 5  ? 1.117   -3.105  -2.772  1.00 0.16 ? 5  DC  A C2     2 
ATOM   835  O O2     . DC  A 1 5  ? 0.509   -2.991  -3.832  1.00 0.16 ? 5  DC  A O2     2 
ATOM   836  N N3     . DC  A 1 5  ? 0.445   -3.000  -1.598  1.00 0.15 ? 5  DC  A N3     2 
ATOM   837  C C4     . DC  A 1 5  ? 1.074   -3.123  -0.428  1.00 0.17 ? 5  DC  A C4     2 
ATOM   838  N N4     . DC  A 1 5  ? 0.334   -3.007  0.787   1.00 0.17 ? 5  DC  A N4     2 
ATOM   839  C C5     . DC  A 1 5  ? 2.473   -3.369  -0.368  1.00 0.18 ? 5  DC  A C5     2 
ATOM   840  C C6     . DC  A 1 5  ? 3.138   -3.475  -1.537  1.00 0.17 ? 5  DC  A C6     2 
ATOM   841  H "H5'"  . DC  A 1 5  ? 5.040   -6.793  -3.175  1.00 0.24 ? 5  DC  A "H5'"  2 
ATOM   842  H "H5''" . DC  A 1 5  ? 6.558   -6.078  -3.737  1.00 0.20 ? 5  DC  A "H5''" 2 
ATOM   843  H "H4'"  . DC  A 1 5  ? 4.836   -5.775  -5.377  1.00 0.21 ? 5  DC  A "H4'"  2 
ATOM   844  H "H3'"  . DC  A 1 5  ? 6.468   -3.771  -4.652  1.00 0.20 ? 5  DC  A "H3'"  2 
ATOM   845  H "H2'"  . DC  A 1 5  ? 5.031   -2.942  -3.039  1.00 0.18 ? 5  DC  A "H2'"  2 
ATOM   846  H "H2''" . DC  A 1 5  ? 4.614   -1.784  -4.346  1.00 0.20 ? 5  DC  A "H2''" 2 
ATOM   847  H "H1'"  . DC  A 1 5  ? 2.588   -3.029  -4.845  1.00 0.17 ? 5  DC  A "H1'"  2 
ATOM   848  H H41    . DC  A 1 5  ? -0.659  -2.826  0.741   1.00 0.17 ? 5  DC  A H41    2 
ATOM   849  H H42    . DC  A 1 5  ? 0.807   -3.107  1.674   1.00 0.22 ? 5  DC  A H42    2 
ATOM   850  H H5     . DC  A 1 5  ? 2.968   -3.457  0.599   1.00 0.21 ? 5  DC  A H5     2 
ATOM   851  H H6     . DC  A 1 5  ? 4.207   -3.677  -1.488  1.00 0.20 ? 5  DC  A H6     2 
HETATM 852  P P      . EDC A 1 6  ? 6.105   -2.392  -7.072  1.00 0.19 ? 6  EDC A P      2 
HETATM 853  N N1     . EDC A 1 6  ? 0.644   -0.193  -6.085  1.00 0.15 ? 6  EDC A N1     2 
HETATM 854  C C2     . EDC A 1 6  ? 1.354   -0.102  -4.883  1.00 0.15 ? 6  EDC A C2     2 
HETATM 855  O O2     . EDC A 1 6  ? 2.581   -0.174  -4.883  1.00 0.17 ? 6  EDC A O2     2 
HETATM 856  N N3     . EDC A 1 6  ? 0.550   0.066   -3.761  1.00 0.15 ? 6  EDC A N3     2 
HETATM 857  C C4     . EDC A 1 6  ? -0.789  0.142   -3.796  1.00 0.17 ? 6  EDC A C4     2 
HETATM 858  N N4     . EDC A 1 6  ? -1.330  0.300   -2.573  1.00 0.19 ? 6  EDC A N4     2 
HETATM 859  C C5     . EDC A 1 6  ? -1.485  0.048   -5.031  1.00 0.17 ? 6  EDC A C5     2 
HETATM 860  C C6     . EDC A 1 6  ? -0.721  -0.120  -6.125  1.00 0.15 ? 6  EDC A C6     2 
HETATM 861  C C7     . EDC A 1 6  ? -0.181  0.313   -1.747  1.00 0.17 ? 6  EDC A C7     2 
HETATM 862  C C8     . EDC A 1 6  ? 0.935   0.172   -2.489  1.00 0.15 ? 6  EDC A C8     2 
HETATM 863  C "C1'"  . EDC A 1 6  ? 1.333   -0.352  -7.396  1.00 0.16 ? 6  EDC A "C1'"  2 
HETATM 864  C "C2'"  . EDC A 1 6  ? 2.435   0.619   -7.711  1.00 0.17 ? 6  EDC A "C2'"  2 
HETATM 865  C "C3'"  . EDC A 1 6  ? 2.813   0.087   -9.086  1.00 0.17 ? 6  EDC A "C3'"  2 
HETATM 866  O "O3'"  . EDC A 1 6  ? 1.883   0.461   -10.118 1.00 0.19 ? 6  EDC A "O3'"  2 
HETATM 867  C "C4'"  . EDC A 1 6  ? 2.733   -1.432  -8.846  1.00 0.17 ? 6  EDC A "C4'"  2 
HETATM 868  O "O4'"  . EDC A 1 6  ? 1.920   -1.626  -7.664  1.00 0.15 ? 6  EDC A "O4'"  2 
HETATM 869  C "C5'"  . EDC A 1 6  ? 4.094   -2.100  -8.747  1.00 0.18 ? 6  EDC A "C5'"  2 
HETATM 870  O "O5'"  . EDC A 1 6  ? 4.888   -1.550  -7.689  1.00 0.17 ? 6  EDC A "O5'"  2 
HETATM 871  O OP1    . EDC A 1 6  ? 6.879   -2.994  -8.183  1.00 0.29 ? 6  EDC A OP1    2 
HETATM 872  O OP2    . EDC A 1 6  ? 6.794   -1.540  -6.074  1.00 0.22 ? 6  EDC A OP2    2 
HETATM 873  H H5     . EDC A 1 6  ? -2.568  0.122   -5.122  1.00 0.20 ? 6  EDC A H5     2 
HETATM 874  H H6     . EDC A 1 6  ? -1.187  -0.228  -7.105  1.00 0.16 ? 6  EDC A H6     2 
HETATM 875  H H7     . EDC A 1 6  ? -0.201  0.422   -0.664  1.00 0.19 ? 6  EDC A H7     2 
HETATM 876  H H8     . EDC A 1 6  ? 1.962   0.152   -2.123  1.00 0.17 ? 6  EDC A H8     2 
HETATM 877  H "H1'"  . EDC A 1 6  ? 0.602   -0.136  -8.174  1.00 0.20 ? 6  EDC A "H1'"  2 
HETATM 878  H "H2'"  . EDC A 1 6  ? 3.225   0.449   -6.978  1.00 0.23 ? 6  EDC A "H2'"  2 
HETATM 879  H "H2''" . EDC A 1 6  ? 2.044   1.635   -7.709  1.00 0.24 ? 6  EDC A "H2''" 2 
HETATM 880  H "H3'"  . EDC A 1 6  ? 3.814   0.386   -9.396  1.00 0.21 ? 6  EDC A "H3'"  2 
HETATM 881  H "H4'"  . EDC A 1 6  ? 2.201   -1.860  -9.695  1.00 0.22 ? 6  EDC A "H4'"  2 
HETATM 882  H "H5'"  . EDC A 1 6  ? 3.936   -3.165  -8.579  1.00 0.22 ? 6  EDC A "H5'"  2 
HETATM 883  H "H5''" . EDC A 1 6  ? 4.626   -1.966  -9.690  1.00 0.23 ? 6  EDC A "H5''" 2 
ATOM   884  P P      . DC  A 1 7  ? 1.605   1.988   -10.575 1.00 0.22 ? 7  DC  A P      2 
ATOM   885  O OP1    . DC  A 1 7  ? 1.078   1.959   -11.959 1.00 0.26 ? 7  DC  A OP1    2 
ATOM   886  O OP2    . DC  A 1 7  ? 2.803   2.802   -10.267 1.00 0.26 ? 7  DC  A OP2    2 
ATOM   887  O "O5'"  . DC  A 1 7  ? 0.417   2.455   -9.586  1.00 0.25 ? 7  DC  A "O5'"  2 
ATOM   888  C "C5'"  . DC  A 1 7  ? -0.943  2.023   -9.762  1.00 0.25 ? 7  DC  A "C5'"  2 
ATOM   889  C "C4'"  . DC  A 1 7  ? -1.911  2.708   -8.788  1.00 0.23 ? 7  DC  A "C4'"  2 
ATOM   890  O "O4'"  . DC  A 1 7  ? -1.574  2.438   -7.411  1.00 0.24 ? 7  DC  A "O4'"  2 
ATOM   891  C "C3'"  . DC  A 1 7  ? -1.954  4.240   -8.923  1.00 0.23 ? 7  DC  A "C3'"  2 
ATOM   892  O "O3'"  . DC  A 1 7  ? -3.271  4.765   -8.665  1.00 0.24 ? 7  DC  A "O3'"  2 
ATOM   893  C "C2'"  . DC  A 1 7  ? -0.921  4.624   -7.893  1.00 0.23 ? 7  DC  A "C2'"  2 
ATOM   894  C "C1'"  . DC  A 1 7  ? -1.357  3.698   -6.761  1.00 0.23 ? 7  DC  A "C1'"  2 
ATOM   895  N N1     . DC  A 1 7  ? -0.385  3.558   -5.644  1.00 0.22 ? 7  DC  A N1     2 
ATOM   896  C C2     . DC  A 1 7  ? -0.896  3.415   -4.359  1.00 0.24 ? 7  DC  A C2     2 
ATOM   897  O O2     . DC  A 1 7  ? -2.103  3.415   -4.138  1.00 0.26 ? 7  DC  A O2     2 
ATOM   898  N N3     . DC  A 1 7  ? -0.028  3.274   -3.327  1.00 0.25 ? 7  DC  A N3     2 
ATOM   899  C C4     . DC  A 1 7  ? 1.293   3.275   -3.532  1.00 0.24 ? 7  DC  A C4     2 
ATOM   900  N N4     . DC  A 1 7  ? 2.157   3.121   -2.406  1.00 0.27 ? 7  DC  A N4     2 
ATOM   901  C C5     . DC  A 1 7  ? 1.840   3.424   -4.847  1.00 0.23 ? 7  DC  A C5     2 
ATOM   902  C C6     . DC  A 1 7  ? 0.968   3.560   -5.863  1.00 0.22 ? 7  DC  A C6     2 
ATOM   903  H "H5'"  . DC  A 1 7  ? -0.995  0.946   -9.601  1.00 0.29 ? 7  DC  A "H5'"  2 
ATOM   904  H "H5''" . DC  A 1 7  ? -1.258  2.241   -10.782 1.00 0.26 ? 7  DC  A "H5''" 2 
ATOM   905  H "H4'"  . DC  A 1 7  ? -2.915  2.327   -8.976  1.00 0.25 ? 7  DC  A "H4'"  2 
ATOM   906  H "H3'"  . DC  A 1 7  ? -1.652  4.544   -9.927  1.00 0.25 ? 7  DC  A "H3'"  2 
ATOM   907  H "H2'"  . DC  A 1 7  ? 0.047   4.303   -8.277  1.00 0.25 ? 7  DC  A "H2'"  2 
ATOM   908  H "H2''" . DC  A 1 7  ? -0.927  5.679   -7.615  1.00 0.29 ? 7  DC  A "H2''" 2 
ATOM   909  H "H1'"  . DC  A 1 7  ? -2.317  4.050   -6.381  1.00 0.26 ? 7  DC  A "H1'"  2 
ATOM   910  H H41    . DC  A 1 7  ? 1.738   3.037   -1.490  1.00 0.27 ? 7  DC  A H41    2 
ATOM   911  H H42    . DC  A 1 7  ? 3.159   3.100   -2.530  1.00 0.30 ? 7  DC  A H42    2 
ATOM   912  H H5     . DC  A 1 7  ? 2.912   3.435   -5.041  1.00 0.25 ? 7  DC  A H5     2 
ATOM   913  H H6     . DC  A 1 7  ? 1.377   3.675   -6.867  1.00 0.24 ? 7  DC  A H6     2 
ATOM   914  P P      . DA  A 1 8  ? -3.640  6.342   -8.733  1.00 0.24 ? 8  DA  A P      2 
ATOM   915  O OP1    . DA  A 1 8  ? -4.704  6.515   -9.747  1.00 0.29 ? 8  DA  A OP1    2 
ATOM   916  O OP2    . DA  A 1 8  ? -2.387  7.121   -8.853  1.00 0.31 ? 8  DA  A OP2    2 
ATOM   917  O "O5'"  . DA  A 1 8  ? -4.265  6.655   -7.277  1.00 0.20 ? 8  DA  A "O5'"  2 
ATOM   918  C "C5'"  . DA  A 1 8  ? -5.606  6.275   -6.917  1.00 0.17 ? 8  DA  A "C5'"  2 
ATOM   919  C "C4'"  . DA  A 1 8  ? -6.074  6.911   -5.598  1.00 0.15 ? 8  DA  A "C4'"  2 
ATOM   920  O "O4'"  . DA  A 1 8  ? -5.252  6.541   -4.475  1.00 0.16 ? 8  DA  A "O4'"  2 
ATOM   921  C "C3'"  . DA  A 1 8  ? -6.113  8.443   -5.600  1.00 0.17 ? 8  DA  A "C3'"  2 
ATOM   922  O "O3'"  . DA  A 1 8  ? -7.194  8.928   -4.785  1.00 0.22 ? 8  DA  A "O3'"  2 
ATOM   923  C "C2'"  . DA  A 1 8  ? -4.717  8.748   -5.102  1.00 0.18 ? 8  DA  A "C2'"  2 
ATOM   924  C "C1'"  . DA  A 1 8  ? -4.576  7.713   -3.983  1.00 0.17 ? 8  DA  A "C1'"  2 
ATOM   925  N N9     . DA  A 1 8  ? -3.163  7.321   -3.782  1.00 0.13 ? 8  DA  A N9     2 
ATOM   926  C C8     . DA  A 1 8  ? -2.196  7.112   -4.721  1.00 0.14 ? 8  DA  A C8     2 
ATOM   927  N N7     . DA  A 1 8  ? -1.032  6.745   -4.281  1.00 0.15 ? 8  DA  A N7     2 
ATOM   928  C C5     . DA  A 1 8  ? -1.245  6.705   -2.906  1.00 0.14 ? 8  DA  A C5     2 
ATOM   929  C C6     . DA  A 1 8  ? -0.405  6.385   -1.838  1.00 0.16 ? 8  DA  A C6     2 
ATOM   930  N N6     . DA  A 1 8  ? 0.958   6.001   -2.022  1.00 0.20 ? 8  DA  A N6     2 
ATOM   931  N N1     . DA  A 1 8  ? -0.922  6.445   -0.603  1.00 0.16 ? 8  DA  A N1     2 
ATOM   932  C C2     . DA  A 1 8  ? -2.190  6.798   -0.433  1.00 0.16 ? 8  DA  A C2     2 
ATOM   933  N N3     . DA  A 1 8  ? -3.080  7.122   -1.360  1.00 0.16 ? 8  DA  A N3     2 
ATOM   934  C C4     . DA  A 1 8  ? -2.534  7.054   -2.592  1.00 0.13 ? 8  DA  A C4     2 
ATOM   935  H "H5'"  . DA  A 1 8  ? -5.639  5.192   -6.807  1.00 0.22 ? 8  DA  A "H5'"  2 
ATOM   936  H "H5''" . DA  A 1 8  ? -6.290  6.571   -7.712  1.00 0.20 ? 8  DA  A "H5''" 2 
ATOM   937  H "H4'"  . DA  A 1 8  ? -7.084  6.552   -5.403  1.00 0.19 ? 8  DA  A "H4'"  2 
ATOM   938  H "H3'"  . DA  A 1 8  ? -6.282  8.810   -6.613  1.00 0.19 ? 8  DA  A "H3'"  2 
ATOM   939  H "H2'"  . DA  A 1 8  ? -4.029  8.477   -5.903  1.00 0.21 ? 8  DA  A "H2'"  2 
ATOM   940  H "H2''" . DA  A 1 8  ? -4.541  9.774   -4.775  1.00 0.23 ? 8  DA  A "H2''" 2 
ATOM   941  H "H1'"  . DA  A 1 8  ? -5.042  8.062   -3.060  1.00 0.20 ? 8  DA  A "H1'"  2 
ATOM   942  H H8     . DA  A 1 8  ? -2.397  7.261   -5.782  1.00 0.18 ? 8  DA  A H8     2 
ATOM   943  H H61    . DA  A 1 8  ? 1.520   5.747   -1.222  1.00 0.23 ? 8  DA  A H61    2 
ATOM   944  H H62    . DA  A 1 8  ? 1.347   5.987   -2.954  1.00 0.23 ? 8  DA  A H62    2 
ATOM   945  H H2     . DA  A 1 8  ? -2.544  6.826   0.597   1.00 0.19 ? 8  DA  A H2     2 
ATOM   946  P P      . DT  A 1 9  ? -7.416  10.486  -4.428  1.00 0.27 ? 9  DT  A P      2 
ATOM   947  O OP1    . DT  A 1 9  ? -8.861  10.701  -4.191  1.00 0.38 ? 9  DT  A OP1    2 
ATOM   948  O OP2    . DT  A 1 9  ? -6.710  11.315  -5.435  1.00 0.36 ? 9  DT  A OP2    2 
ATOM   949  O "O5'"  . DT  A 1 9  ? -6.634  10.632  -3.025  1.00 0.20 ? 9  DT  A "O5'"  2 
ATOM   950  C "C5'"  . DT  A 1 9  ? -7.174  10.093  -1.808  1.00 0.19 ? 9  DT  A "C5'"  2 
ATOM   951  C "C4'"  . DT  A 1 9  ? -6.276  10.353  -0.597  1.00 0.19 ? 9  DT  A "C4'"  2 
ATOM   952  O "O4'"  . DT  A 1 9  ? -4.983  9.722   -0.717  1.00 0.22 ? 9  DT  A "O4'"  2 
ATOM   953  C "C3'"  . DT  A 1 9  ? -6.015  11.844  -0.324  1.00 0.16 ? 9  DT  A "C3'"  2 
ATOM   954  O "O3'"  . DT  A 1 9  ? -6.091  12.149  1.079   1.00 0.17 ? 9  DT  A "O3'"  2 
ATOM   955  C "C2'"  . DT  A 1 9  ? -4.636  12.002  -0.923  1.00 0.18 ? 9  DT  A "C2'"  2 
ATOM   956  C "C1'"  . DT  A 1 9  ? -3.991  10.712  -0.414  1.00 0.19 ? 9  DT  A "C1'"  2 
ATOM   957  N N1     . DT  A 1 9  ? -2.691  10.375  -1.055  1.00 0.17 ? 9  DT  A N1     2 
ATOM   958  C C2     . DT  A 1 9  ? -1.663  9.928   -0.236  1.00 0.18 ? 9  DT  A C2     2 
ATOM   959  O O2     . DT  A 1 9  ? -1.765  9.802   0.982   1.00 0.20 ? 9  DT  A O2     2 
ATOM   960  N N3     . DT  A 1 9  ? -0.478  9.620   -0.867  1.00 0.18 ? 9  DT  A N3     2 
ATOM   961  C C4     . DT  A 1 9  ? -0.222  9.712   -2.217  1.00 0.18 ? 9  DT  A C4     2 
ATOM   962  O O4     . DT  A 1 9  ? 0.882   9.396   -2.646  1.00 0.20 ? 9  DT  A O4     2 
ATOM   963  C C5     . DT  A 1 9  ? -1.340  10.185  -3.001  1.00 0.19 ? 9  DT  A C5     2 
ATOM   964  C C7     . DT  A 1 9  ? -1.200  10.344  -4.519  1.00 0.22 ? 9  DT  A C7     2 
ATOM   965  C C6     . DT  A 1 9  ? -2.511  10.492  -2.412  1.00 0.18 ? 9  DT  A C6     2 
ATOM   966  H "H5'"  . DT  A 1 9  ? -7.298  9.016   -1.920  1.00 0.23 ? 9  DT  A "H5'"  2 
ATOM   967  H "H5''" . DT  A 1 9  ? -8.151  10.543  -1.623  1.00 0.24 ? 9  DT  A "H5''" 2 
ATOM   968  H "H4'"  . DT  A 1 9  ? -6.767  9.946   0.287   1.00 0.27 ? 9  DT  A "H4'"  2 
ATOM   969  H "H3'"  . DT  A 1 9  ? -6.752  12.459  -0.842  1.00 0.17 ? 9  DT  A "H3'"  2 
ATOM   970  H "H2'"  . DT  A 1 9  ? -4.740  11.941  -2.005  1.00 0.23 ? 9  DT  A "H2'"  2 
ATOM   971  H "H2''" . DT  A 1 9  ? -4.112  12.906  -0.613  1.00 0.25 ? 9  DT  A "H2''" 2 
ATOM   972  H "H1'"  . DT  A 1 9  ? -3.882  10.769  0.670   1.00 0.25 ? 9  DT  A "H1'"  2 
ATOM   973  H H3     . DT  A 1 9  ? 0.278   9.296   -0.280  1.00 0.20 ? 9  DT  A H3     2 
ATOM   974  H H71    . DT  A 1 9  ? -1.335  11.393  -4.788  1.00 0.24 ? 9  DT  A H71    2 
ATOM   975  H H72    . DT  A 1 9  ? -0.211  10.018  -4.842  1.00 0.29 ? 9  DT  A H72    2 
ATOM   976  H H73    . DT  A 1 9  ? -1.957  9.750   -5.029  1.00 0.26 ? 9  DT  A H73    2 
ATOM   977  H H6     . DT  A 1 9  ? -3.330  10.843  -3.042  1.00 0.24 ? 9  DT  A H6     2 
ATOM   978  P P      . DG  A 1 10 ? -5.773  13.616  1.686   1.00 0.16 ? 10 DG  A P      2 
ATOM   979  O OP1    . DG  A 1 10 ? -6.686  13.841  2.832   1.00 0.21 ? 10 DG  A OP1    2 
ATOM   980  O OP2    . DG  A 1 10 ? -5.745  14.597  0.578   1.00 0.21 ? 10 DG  A OP2    2 
ATOM   981  O "O5'"  . DG  A 1 10 ? -4.268  13.462  2.249   1.00 0.19 ? 10 DG  A "O5'"  2 
ATOM   982  C "C5'"  . DG  A 1 10 ? -4.006  12.777  3.484   1.00 0.20 ? 10 DG  A "C5'"  2 
ATOM   983  C "C4'"  . DG  A 1 10 ? -2.540  12.847  3.925   1.00 0.16 ? 10 DG  A "C4'"  2 
ATOM   984  O "O4'"  . DG  A 1 10 ? -1.622  12.188  3.029   1.00 0.18 ? 10 DG  A "O4'"  2 
ATOM   985  C "C3'"  . DG  A 1 10 ? -1.992  14.265  4.135   1.00 0.16 ? 10 DG  A "C3'"  2 
ATOM   986  O "O3'"  . DG  A 1 10 ? -1.258  14.310  5.371   1.00 0.19 ? 10 DG  A "O3'"  2 
ATOM   987  C "C2'"  . DG  A 1 10 ? -1.156  14.444  2.876   1.00 0.17 ? 10 DG  A "C2'"  2 
ATOM   988  C "C1'"  . DG  A 1 10 ? -0.512  13.071  2.808   1.00 0.16 ? 10 DG  A "C1'"  2 
ATOM   989  N N9     . DG  A 1 10 ? 0.118   12.757  1.509   1.00 0.18 ? 10 DG  A N9     2 
ATOM   990  C C8     . DG  A 1 10 ? -0.372  12.876  0.242   1.00 0.19 ? 10 DG  A C8     2 
ATOM   991  N N7     . DG  A 1 10 ? 0.415   12.492  -0.719  1.00 0.19 ? 10 DG  A N7     2 
ATOM   992  C C5     . DG  A 1 10 ? 1.547   12.075  -0.020  1.00 0.18 ? 10 DG  A C5     2 
ATOM   993  C C6     . DG  A 1 10 ? 2.770   11.543  -0.503  1.00 0.20 ? 10 DG  A C6     2 
ATOM   994  O O6     . DG  A 1 10 ? 3.108   11.319  -1.662  1.00 0.24 ? 10 DG  A O6     2 
ATOM   995  N N1     . DG  A 1 10 ? 3.646   11.253  0.525   1.00 0.20 ? 10 DG  A N1     2 
ATOM   996  C C2     . DG  A 1 10 ? 3.387   11.450  1.862   1.00 0.18 ? 10 DG  A C2     2 
ATOM   997  N N2     . DG  A 1 10 ? 4.408   11.111  2.792   1.00 0.20 ? 10 DG  A N2     2 
ATOM   998  N N3     . DG  A 1 10 ? 2.243   11.946  2.323   1.00 0.17 ? 10 DG  A N3     2 
ATOM   999  C C4     . DG  A 1 10 ? 1.372   12.235  1.333   1.00 0.17 ? 10 DG  A C4     2 
ATOM   1000 H "H5'"  . DG  A 1 10 ? -4.278  11.728  3.370   1.00 0.24 ? 10 DG  A "H5'"  2 
ATOM   1001 H "H5''" . DG  A 1 10 ? -4.622  13.215  4.268   1.00 0.24 ? 10 DG  A "H5''" 2 
ATOM   1002 H "H4'"  . DG  A 1 10 ? -2.464  12.344  4.889   1.00 0.20 ? 10 DG  A "H4'"  2 
ATOM   1003 H "H3'"  . DG  A 1 10 ? -2.806  14.986  4.213   1.00 0.19 ? 10 DG  A "H3'"  2 
ATOM   1004 H "H2'"  . DG  A 1 10 ? -1.805  14.546  2.007   1.00 0.20 ? 10 DG  A "H2'"  2 
ATOM   1005 H "H2''" . DG  A 1 10 ? -0.424  15.250  2.938   1.00 0.19 ? 10 DG  A "H2''" 2 
ATOM   1006 H "H1'"  . DG  A 1 10 ? 0.215   12.980  3.615   1.00 0.21 ? 10 DG  A "H1'"  2 
ATOM   1007 H H8     . DG  A 1 10 ? -1.366  13.276  0.043   1.00 0.22 ? 10 DG  A H8     2 
ATOM   1008 H H1     . DG  A 1 10 ? 4.531   10.868  0.223   1.00 0.23 ? 10 DG  A H1     2 
ATOM   1009 H H21    . DG  A 1 10 ? 5.250   10.653  2.474   1.00 0.22 ? 10 DG  A H21    2 
ATOM   1010 H H22    . DG  A 1 10 ? 4.251   11.350  3.761   1.00 0.28 ? 10 DG  A H22    2 
ATOM   1011 P P      . DC  A 1 11 ? -0.245  15.485  5.821   1.00 0.20 ? 11 DC  A P      2 
ATOM   1012 O OP1    . DC  A 1 11 ? -0.420  15.722  7.273   1.00 0.28 ? 11 DC  A OP1    2 
ATOM   1013 O OP2    . DC  A 1 11 ? -0.356  16.618  4.875   1.00 0.26 ? 11 DC  A OP2    2 
ATOM   1014 O "O5'"  . DC  A 1 11 ? 1.193   14.794  5.593   1.00 0.25 ? 11 DC  A "O5'"  2 
ATOM   1015 C "C5'"  . DC  A 1 11 ? 1.624   13.677  6.389   1.00 0.27 ? 11 DC  A "C5'"  2 
ATOM   1016 C "C4'"  . DC  A 1 11 ? 3.117   13.373  6.215   1.00 0.29 ? 11 DC  A "C4'"  2 
ATOM   1017 O "O4'"  . DC  A 1 11 ? 3.447   13.064  4.846   1.00 0.26 ? 11 DC  A "O4'"  2 
ATOM   1018 C "C3'"  . DC  A 1 11 ? 4.030   14.545  6.596   1.00 0.30 ? 11 DC  A "C3'"  2 
ATOM   1019 O "O3'"  . DC  A 1 11 ? 5.317   14.079  7.019   1.00 0.38 ? 11 DC  A "O3'"  2 
ATOM   1020 C "C2'"  . DC  A 1 11 ? 4.072   15.291  5.283   1.00 0.27 ? 11 DC  A "C2'"  2 
ATOM   1021 C "C1'"  . DC  A 1 11 ? 4.296   14.110  4.340   1.00 0.25 ? 11 DC  A "C1'"  2 
ATOM   1022 N N1     . DC  A 1 11 ? 3.993   14.407  2.914   1.00 0.23 ? 11 DC  A N1     2 
ATOM   1023 C C2     . DC  A 1 11 ? 4.951   14.054  1.969   1.00 0.23 ? 11 DC  A C2     2 
ATOM   1024 O O2     . DC  A 1 11 ? 6.010   13.524  2.292   1.00 0.24 ? 11 DC  A O2     2 
ATOM   1025 N N3     . DC  A 1 11 ? 4.701   14.307  0.662   1.00 0.22 ? 11 DC  A N3     2 
ATOM   1026 C C4     . DC  A 1 11 ? 3.557   14.883  0.281   1.00 0.22 ? 11 DC  A C4     2 
ATOM   1027 N N4     . DC  A 1 11 ? 3.338   15.126  -1.109  1.00 0.26 ? 11 DC  A N4     2 
ATOM   1028 C C5     . DC  A 1 11 ? 2.557   15.255  1.232   1.00 0.21 ? 11 DC  A C5     2 
ATOM   1029 C C6     . DC  A 1 11 ? 2.813   15.000  2.533   1.00 0.22 ? 11 DC  A C6     2 
ATOM   1030 H "H5'"  . DC  A 1 11 ? 1.056   12.795  6.096   1.00 0.36 ? 11 DC  A "H5'"  2 
ATOM   1031 H "H5''" . DC  A 1 11 ? 1.431   13.887  7.440   1.00 0.35 ? 11 DC  A "H5''" 2 
ATOM   1032 H "H4'"  . DC  A 1 11 ? 3.365   12.513  6.836   1.00 0.41 ? 11 DC  A "H4'"  2 
ATOM   1033 H "H3'"  . DC  A 1 11 ? 3.590   15.139  7.399   1.00 0.37 ? 11 DC  A "H3'"  2 
ATOM   1034 H "HO3'" . DC  A 1 11 ? 5.634   13.469  6.348   1.00 0.72 ? 11 DC  A "HO3'" 2 
ATOM   1035 H "H2'"  . DC  A 1 11 ? 3.079   15.701  5.106   1.00 0.29 ? 11 DC  A "H2'"  2 
ATOM   1036 H "H2''" . DC  A 1 11 ? 4.848   16.053  5.206   1.00 0.37 ? 11 DC  A "H2''" 2 
ATOM   1037 H "H1'"  . DC  A 1 11 ? 5.334   13.794  4.442   1.00 0.35 ? 11 DC  A "H1'"  2 
ATOM   1038 H H41    . DC  A 1 11 ? 4.058   14.852  -1.764  1.00 0.24 ? 11 DC  A H41    2 
ATOM   1039 H H42    . DC  A 1 11 ? 2.481   15.560  -1.420  1.00 0.33 ? 11 DC  A H42    2 
ATOM   1040 H H5     . DC  A 1 11 ? 1.635   15.729  0.896   1.00 0.27 ? 11 DC  A H5     2 
ATOM   1041 H H6     . DC  A 1 11 ? 2.065   15.268  3.281   1.00 0.28 ? 11 DC  A H6     2 
ATOM   1042 O "O5'"  . DG  B 2 1  ? 12.148  11.883  -6.910  1.00 0.38 ? 1  DG  B "O5'"  2 
ATOM   1043 C "C5'"  . DG  B 2 1  ? 13.322  12.070  -6.111  1.00 0.35 ? 1  DG  B "C5'"  2 
ATOM   1044 C "C4'"  . DG  B 2 1  ? 13.101  11.731  -4.630  1.00 0.31 ? 1  DG  B "C4'"  2 
ATOM   1045 O "O4'"  . DG  B 2 1  ? 12.085  12.559  -4.024  1.00 0.30 ? 1  DG  B "O4'"  2 
ATOM   1046 C "C3'"  . DG  B 2 1  ? 12.672  10.282  -4.369  1.00 0.30 ? 1  DG  B "C3'"  2 
ATOM   1047 O "O3'"  . DG  B 2 1  ? 13.247  9.817   -3.136  1.00 0.30 ? 1  DG  B "O3'"  2 
ATOM   1048 C "C2'"  . DG  B 2 1  ? 11.161  10.447  -4.330  1.00 0.28 ? 1  DG  B "C2'"  2 
ATOM   1049 C "C1'"  . DG  B 2 1  ? 11.073  11.699  -3.473  1.00 0.27 ? 1  DG  B "C1'"  2 
ATOM   1050 N N9     . DG  B 2 1  ? 9.742   12.336  -3.569  1.00 0.26 ? 1  DG  B N9     2 
ATOM   1051 C C8     . DG  B 2 1  ? 9.064   12.772  -4.670  1.00 0.27 ? 1  DG  B C8     2 
ATOM   1052 N N7     . DG  B 2 1  ? 7.897   13.303  -4.454  1.00 0.27 ? 1  DG  B N7     2 
ATOM   1053 C C5     . DG  B 2 1  ? 7.785   13.213  -3.067  1.00 0.25 ? 1  DG  B C5     2 
ATOM   1054 C C6     . DG  B 2 1  ? 6.732   13.626  -2.209  1.00 0.24 ? 1  DG  B C6     2 
ATOM   1055 O O6     . DG  B 2 1  ? 5.667   14.160  -2.499  1.00 0.25 ? 1  DG  B O6     2 
ATOM   1056 N N1     . DG  B 2 1  ? 7.011   13.356  -0.883  1.00 0.23 ? 1  DG  B N1     2 
ATOM   1057 C C2     . DG  B 2 1  ? 8.167   12.759  -0.427  1.00 0.23 ? 1  DG  B C2     2 
ATOM   1058 N N2     . DG  B 2 1  ? 8.291   12.536  0.971   1.00 0.25 ? 1  DG  B N2     2 
ATOM   1059 N N3     . DG  B 2 1  ? 9.159   12.371  -1.224  1.00 0.24 ? 1  DG  B N3     2 
ATOM   1060 C C4     . DG  B 2 1  ? 8.904   12.626  -2.524  1.00 0.24 ? 1  DG  B C4     2 
ATOM   1061 H "H5'"  . DG  B 2 1  ? 13.632  13.112  -6.186  1.00 0.43 ? 1  DG  B "H5'"  2 
ATOM   1062 H "H5''" . DG  B 2 1  ? 14.118  11.438  -6.506  1.00 0.40 ? 1  DG  B "H5''" 2 
ATOM   1063 H "H4'"  . DG  B 2 1  ? 14.038  11.899  -4.099  1.00 0.38 ? 1  DG  B "H4'"  2 
ATOM   1064 H "H3'"  . DG  B 2 1  ? 13.028  9.622   -5.161  1.00 0.37 ? 1  DG  B "H3'"  2 
ATOM   1065 H "H2'"  . DG  B 2 1  ? 10.782  10.708  -5.319  1.00 0.37 ? 1  DG  B "H2'"  2 
ATOM   1066 H "H2''" . DG  B 2 1  ? 10.617  9.604   -3.908  1.00 0.36 ? 1  DG  B "H2''" 2 
ATOM   1067 H "H1'"  . DG  B 2 1  ? 11.313  11.452  -2.438  1.00 0.33 ? 1  DG  B "H1'"  2 
ATOM   1068 H H8     . DG  B 2 1  ? 9.481   12.678  -5.672  1.00 0.33 ? 1  DG  B H8     2 
ATOM   1069 H H1     . DG  B 2 1  ? 6.282   13.635  -0.240  1.00 0.26 ? 1  DG  B H1     2 
ATOM   1070 H H21    . DG  B 2 1  ? 7.605   12.916  1.605   1.00 0.26 ? 1  DG  B H21    2 
ATOM   1071 H H22    . DG  B 2 1  ? 9.080   11.985  1.277   1.00 0.32 ? 1  DG  B H22    2 
ATOM   1072 H "HO5'" . DG  B 2 1  ? 11.935  10.947  -6.884  1.00 0.85 ? 1  DG  B "HO5'" 2 
ATOM   1073 P P      . DC  B 2 2  ? 12.882  8.408   -2.427  1.00 0.29 ? 2  DC  B P      2 
ATOM   1074 O OP1    . DC  B 2 2  ? 14.139  7.815   -1.917  1.00 0.31 ? 2  DC  B OP1    2 
ATOM   1075 O OP2    . DC  B 2 2  ? 12.024  7.624   -3.347  1.00 0.32 ? 2  DC  B OP2    2 
ATOM   1076 O "O5'"  . DC  B 2 2  ? 11.977  8.862   -1.171  1.00 0.29 ? 2  DC  B "O5'"  2 
ATOM   1077 C "C5'"  . DC  B 2 2  ? 12.528  9.588   -0.058  1.00 0.29 ? 2  DC  B "C5'"  2 
ATOM   1078 C "C4'"  . DC  B 2 2  ? 11.559  9.675   1.130   1.00 0.28 ? 2  DC  B "C4'"  2 
ATOM   1079 O "O4'"  . DC  B 2 2  ? 10.318  10.327  0.796   1.00 0.27 ? 2  DC  B "O4'"  2 
ATOM   1080 C "C3'"  . DC  B 2 2  ? 11.170  8.318   1.726   1.00 0.27 ? 2  DC  B "C3'"  2 
ATOM   1081 O "O3'"  . DC  B 2 2  ? 10.954  8.426   3.144   1.00 0.29 ? 2  DC  B "O3'"  2 
ATOM   1082 C "C2'"  . DC  B 2 2  ? 9.936   8.005   0.907   1.00 0.28 ? 2  DC  B "C2'"  2 
ATOM   1083 C "C1'"  . DC  B 2 2  ? 9.257   9.365   0.946   1.00 0.25 ? 2  DC  B "C1'"  2 
ATOM   1084 N N1     . DC  B 2 2  ? 8.243   9.538   -0.130  1.00 0.25 ? 2  DC  B N1     2 
ATOM   1085 C C2     . DC  B 2 2  ? 6.963   9.938   0.235   1.00 0.24 ? 2  DC  B C2     2 
ATOM   1086 O O2     . DC  B 2 2  ? 6.658   10.142  1.407   1.00 0.24 ? 2  DC  B O2     2 
ATOM   1087 N N3     . DC  B 2 2  ? 6.035   10.107  -0.737  1.00 0.26 ? 2  DC  B N3     2 
ATOM   1088 C C4     . DC  B 2 2  ? 6.333   9.893   -2.021  1.00 0.27 ? 2  DC  B C4     2 
ATOM   1089 N N4     . DC  B 2 2  ? 5.317   10.089  -3.007  1.00 0.30 ? 2  DC  B N4     2 
ATOM   1090 C C5     . DC  B 2 2  ? 7.640   9.481   -2.420  1.00 0.28 ? 2  DC  B C5     2 
ATOM   1091 C C6     . DC  B 2 2  ? 8.560   9.317   -1.448  1.00 0.28 ? 2  DC  B C6     2 
ATOM   1092 H "H5'"  . DC  B 2 2  ? 12.758  10.603  -0.386  1.00 0.30 ? 2  DC  B "H5'"  2 
ATOM   1093 H "H5''" . DC  B 2 2  ? 13.447  9.107   0.272   1.00 0.31 ? 2  DC  B "H5''" 2 
ATOM   1094 H "H4'"  . DC  B 2 2  ? 12.045  10.257  1.914   1.00 0.32 ? 2  DC  B "H4'"  2 
ATOM   1095 H "H3'"  . DC  B 2 2  ? 11.973  7.596   1.575   1.00 0.26 ? 2  DC  B "H3'"  2 
ATOM   1096 H "H2'"  . DC  B 2 2  ? 10.249  7.797   -0.118  1.00 0.36 ? 2  DC  B "H2'"  2 
ATOM   1097 H "H2''" . DC  B 2 2  ? 9.291   7.224   1.308   1.00 0.29 ? 2  DC  B "H2''" 2 
ATOM   1098 H "H1'"  . DC  B 2 2  ? 8.805   9.467   1.933   1.00 0.27 ? 2  DC  B "H1'"  2 
ATOM   1099 H H41    . DC  B 2 2  ? 4.409   10.410  -2.705  1.00 0.31 ? 2  DC  B H41    2 
ATOM   1100 H H42    . DC  B 2 2  ? 5.514   9.912   -3.981  1.00 0.37 ? 2  DC  B H42    2 
ATOM   1101 H H5     . DC  B 2 2  ? 7.883   9.302   -3.468  1.00 0.35 ? 2  DC  B H5     2 
ATOM   1102 H H6     . DC  B 2 2  ? 9.562   9.007   -1.742  1.00 0.34 ? 2  DC  B H6     2 
ATOM   1103 P P      . DA  B 2 3  ? 10.396  7.213   4.060   1.00 0.31 ? 3  DA  B P      2 
ATOM   1104 O OP1    . DA  B 2 3  ? 11.114  7.259   5.354   1.00 0.38 ? 3  DA  B OP1    2 
ATOM   1105 O OP2    . DA  B 2 3  ? 10.408  5.964   3.264   1.00 0.40 ? 3  DA  B OP2    2 
ATOM   1106 O "O5'"  . DA  B 2 3  ? 8.853   7.627   4.309   1.00 0.25 ? 3  DA  B "O5'"  2 
ATOM   1107 C "C5'"  . DA  B 2 3  ? 8.490   8.607   5.296   1.00 0.21 ? 3  DA  B "C5'"  2 
ATOM   1108 C "C4'"  . DA  B 2 3  ? 6.995   8.594   5.638   1.00 0.17 ? 3  DA  B "C4'"  2 
ATOM   1109 O "O4'"  . DA  B 2 3  ? 6.139   8.951   4.533   1.00 0.22 ? 3  DA  B "O4'"  2 
ATOM   1110 C "C3'"  . DA  B 2 3  ? 6.487   7.246   6.165   1.00 0.16 ? 3  DA  B "C3'"  2 
ATOM   1111 O "O3'"  . DA  B 2 3  ? 5.596   7.444   7.275   1.00 0.18 ? 3  DA  B "O3'"  2 
ATOM   1112 C "C2'"  . DA  B 2 3  ? 5.850   6.672   4.911   1.00 0.15 ? 3  DA  B "C2'"  2 
ATOM   1113 C "C1'"  . DA  B 2 3  ? 5.160   7.912   4.360   1.00 0.16 ? 3  DA  B "C1'"  2 
ATOM   1114 N N9     . DA  B 2 3  ? 4.873   7.804   2.914   1.00 0.14 ? 3  DA  B N9     2 
ATOM   1115 C C8     . DA  B 2 3  ? 5.689   7.373   1.909   1.00 0.18 ? 3  DA  B C8     2 
ATOM   1116 N N7     . DA  B 2 3  ? 5.191   7.406   0.710   1.00 0.18 ? 3  DA  B N7     2 
ATOM   1117 C C5     . DA  B 2 3  ? 3.912   7.910   0.938   1.00 0.15 ? 3  DA  B C5     2 
ATOM   1118 C C6     . DA  B 2 3  ? 2.848   8.198   0.078   1.00 0.17 ? 3  DA  B C6     2 
ATOM   1119 N N6     . DA  B 2 3  ? 2.926   8.003   -1.335  1.00 0.20 ? 3  DA  B N6     2 
ATOM   1120 N N1     . DA  B 2 3  ? 1.723   8.683   0.622   1.00 0.18 ? 3  DA  B N1     2 
ATOM   1121 C C2     . DA  B 2 3  ? 1.654   8.874   1.935   1.00 0.16 ? 3  DA  B C2     2 
ATOM   1122 N N3     . DA  B 2 3  ? 2.587   8.642   2.847   1.00 0.13 ? 3  DA  B N3     2 
ATOM   1123 C C4     . DA  B 2 3  ? 3.710   8.154   2.272   1.00 0.13 ? 3  DA  B C4     2 
ATOM   1124 H "H5'"  . DA  B 2 3  ? 8.751   9.598   4.924   1.00 0.26 ? 3  DA  B "H5'"  2 
ATOM   1125 H "H5''" . DA  B 2 3  ? 9.051   8.416   6.210   1.00 0.29 ? 3  DA  B "H5''" 2 
ATOM   1126 H "H4'"  . DA  B 2 3  ? 6.830   9.325   6.428   1.00 0.26 ? 3  DA  B "H4'"  2 
ATOM   1127 H "H3'"  . DA  B 2 3  ? 7.321   6.643   6.526   1.00 0.22 ? 3  DA  B "H3'"  2 
ATOM   1128 H "H2'"  . DA  B 2 3  ? 6.639   6.404   4.209   1.00 0.28 ? 3  DA  B "H2'"  2 
ATOM   1129 H "H2''" . DA  B 2 3  ? 5.161   5.843   5.078   1.00 0.22 ? 3  DA  B "H2''" 2 
ATOM   1130 H "H1'"  . DA  B 2 3  ? 4.262   8.132   4.936   1.00 0.19 ? 3  DA  B "H1'"  2 
ATOM   1131 H H8     . DA  B 2 3  ? 6.700   7.018   2.103   1.00 0.33 ? 3  DA  B H8     2 
ATOM   1132 H H61    . DA  B 2 3  ? 2.148   8.276   -1.918  1.00 0.22 ? 3  DA  B H61    2 
ATOM   1133 H H62    . DA  B 2 3  ? 3.759   7.594   -1.736  1.00 0.36 ? 3  DA  B H62    2 
ATOM   1134 H H2     . DA  B 2 3  ? 0.712   9.272   2.312   1.00 0.27 ? 3  DA  B H2     2 
ATOM   1135 P P      . DT  B 2 4  ? 4.848   6.241   8.055   1.00 0.22 ? 4  DT  B P      2 
ATOM   1136 O OP1    . DT  B 2 4  ? 4.888   6.540   9.504   1.00 0.28 ? 4  DT  B OP1    2 
ATOM   1137 O OP2    . DT  B 2 4  ? 5.366   4.946   7.559   1.00 0.29 ? 4  DT  B OP2    2 
ATOM   1138 O "O5'"  . DT  B 2 4  ? 3.329   6.394   7.541   1.00 0.21 ? 4  DT  B "O5'"  2 
ATOM   1139 C "C5'"  . DT  B 2 4  ? 2.515   7.501   7.958   1.00 0.15 ? 4  DT  B "C5'"  2 
ATOM   1140 C "C4'"  . DT  B 2 4  ? 1.129   7.483   7.316   1.00 0.15 ? 4  DT  B "C4'"  2 
ATOM   1141 O "O4'"  . DT  B 2 4  ? 1.199   7.561   5.878   1.00 0.19 ? 4  DT  B "O4'"  2 
ATOM   1142 C "C3'"  . DT  B 2 4  ? 0.292   6.239   7.650   1.00 0.18 ? 4  DT  B "C3'"  2 
ATOM   1143 O "O3'"  . DT  B 2 4  ? -1.075  6.589   7.925   1.00 0.22 ? 4  DT  B "O3'"  2 
ATOM   1144 C "C2'"  . DT  B 2 4  ? 0.496   5.406   6.408   1.00 0.20 ? 4  DT  B "C2'"  2 
ATOM   1145 C "C1'"  . DT  B 2 4  ? 0.397   6.498   5.345   1.00 0.16 ? 4  DT  B "C1'"  2 
ATOM   1146 N N1     . DT  B 2 4  ? 0.913   6.079   4.015   1.00 0.13 ? 4  DT  B N1     2 
ATOM   1147 C C2     . DT  B 2 4  ? 0.117   6.331   2.909   1.00 0.15 ? 4  DT  B C2     2 
ATOM   1148 O O2     . DT  B 2 4  ? -0.982  6.875   2.966   1.00 0.18 ? 4  DT  B O2     2 
ATOM   1149 N N3     . DT  B 2 4  ? 0.629   5.932   1.696   1.00 0.16 ? 4  DT  B N3     2 
ATOM   1150 C C4     . DT  B 2 4  ? 1.841   5.316   1.482   1.00 0.17 ? 4  DT  B C4     2 
ATOM   1151 O O4     . DT  B 2 4  ? 2.174   5.023   0.337   1.00 0.20 ? 4  DT  B O4     2 
ATOM   1152 C C5     . DT  B 2 4  ? 2.611   5.086   2.680   1.00 0.14 ? 4  DT  B C5     2 
ATOM   1153 C C7     . DT  B 2 4  ? 3.978   4.397   2.586   1.00 0.18 ? 4  DT  B C7     2 
ATOM   1154 C C6     . DT  B 2 4  ? 2.138   5.464   3.883   1.00 0.12 ? 4  DT  B C6     2 
ATOM   1155 H "H5'"  . DT  B 2 4  ? 3.011   8.430   7.672   1.00 0.19 ? 4  DT  B "H5'"  2 
ATOM   1156 H "H5''" . DT  B 2 4  ? 2.405   7.480   9.041   1.00 0.18 ? 4  DT  B "H5''" 2 
ATOM   1157 H "H4'"  . DT  B 2 4  ? 0.575   8.352   7.672   1.00 0.20 ? 4  DT  B "H4'"  2 
ATOM   1158 H "H3'"  . DT  B 2 4  ? 0.699   5.732   8.525   1.00 0.19 ? 4  DT  B "H3'"  2 
ATOM   1159 H "H2'"  . DT  B 2 4  ? 1.523   5.040   6.449   1.00 0.27 ? 4  DT  B "H2'"  2 
ATOM   1160 H "H2''" . DT  B 2 4  ? -0.217  4.593   6.275   1.00 0.26 ? 4  DT  B "H2''" 2 
ATOM   1161 H "H1'"  . DT  B 2 4  ? -0.631  6.854   5.270   1.00 0.21 ? 4  DT  B "H1'"  2 
ATOM   1162 H H3     . DT  B 2 4  ? 0.051   6.114   0.889   1.00 0.19 ? 4  DT  B H3     2 
ATOM   1163 H H71    . DT  B 2 4  ? 3.957   3.470   3.160   1.00 0.22 ? 4  DT  B H71    2 
ATOM   1164 H H72    . DT  B 2 4  ? 4.210   4.166   1.546   1.00 0.23 ? 4  DT  B H72    2 
ATOM   1165 H H73    . DT  B 2 4  ? 4.752   5.047   2.988   1.00 0.20 ? 4  DT  B H73    2 
ATOM   1166 H H6     . DT  B 2 4  ? 2.755   5.278   4.761   1.00 0.17 ? 4  DT  B H6     2 
ATOM   1167 P P      . DG  B 2 5  ? -2.229  5.496   8.218   1.00 0.28 ? 5  DG  B P      2 
ATOM   1168 O OP1    . DG  B 2 5  ? -3.162  6.077   9.213   1.00 0.36 ? 5  DG  B OP1    2 
ATOM   1169 O OP2    . DG  B 2 5  ? -1.592  4.188   8.498   1.00 0.31 ? 5  DG  B OP2    2 
ATOM   1170 O "O5'"  . DG  B 2 5  ? -2.986  5.387   6.798   1.00 0.24 ? 5  DG  B "O5'"  2 
ATOM   1171 C "C5'"  . DG  B 2 5  ? -3.912  6.398   6.369   1.00 0.25 ? 5  DG  B "C5'"  2 
ATOM   1172 C "C4'"  . DG  B 2 5  ? -4.715  5.994   5.129   1.00 0.24 ? 5  DG  B "C4'"  2 
ATOM   1173 O "O4'"  . DG  B 2 5  ? -3.910  5.817   3.946   1.00 0.22 ? 5  DG  B "O4'"  2 
ATOM   1174 C "C3'"  . DG  B 2 5  ? -5.513  4.698   5.302   1.00 0.24 ? 5  DG  B "C3'"  2 
ATOM   1175 O "O3'"  . DG  B 2 5  ? -6.798  4.823   4.676   1.00 0.26 ? 5  DG  B "O3'"  2 
ATOM   1176 C "C2'"  . DG  B 2 5  ? -4.577  3.703   4.637   1.00 0.22 ? 5  DG  B "C2'"  2 
ATOM   1177 C "C1'"  . DG  B 2 5  ? -4.152  4.504   3.414   1.00 0.21 ? 5  DG  B "C1'"  2 
ATOM   1178 N N9     . DG  B 2 5  ? -2.887  4.027   2.815   1.00 0.20 ? 5  DG  B N9     2 
ATOM   1179 C C8     . DG  B 2 5  ? -1.719  3.695   3.435   1.00 0.21 ? 5  DG  B C8     2 
ATOM   1180 N N7     . DG  B 2 5  ? -0.736  3.342   2.662   1.00 0.22 ? 5  DG  B N7     2 
ATOM   1181 C C5     . DG  B 2 5  ? -1.306  3.448   1.396   1.00 0.21 ? 5  DG  B C5     2 
ATOM   1182 C C6     . DG  B 2 5  ? -0.736  3.196   0.122   1.00 0.23 ? 5  DG  B C6     2 
ATOM   1183 O O6     . DG  B 2 5  ? 0.405   2.836   -0.151  1.00 0.25 ? 5  DG  B O6     2 
ATOM   1184 N N1     . DG  B 2 5  ? -1.636  3.418   -0.901  1.00 0.22 ? 5  DG  B N1     2 
ATOM   1185 C C2     . DG  B 2 5  ? -2.939  3.834   -0.730  1.00 0.21 ? 5  DG  B C2     2 
ATOM   1186 N N2     . DG  B 2 5  ? -3.725  4.000   -1.904  1.00 0.23 ? 5  DG  B N2     2 
ATOM   1187 N N3     . DG  B 2 5  ? -3.484  4.074   0.462   1.00 0.20 ? 5  DG  B N3     2 
ATOM   1188 C C4     . DG  B 2 5  ? -2.616  3.862   1.479   1.00 0.20 ? 5  DG  B C4     2 
ATOM   1189 H "H5'"  . DG  B 2 5  ? -3.362  7.312   6.143   1.00 0.28 ? 5  DG  B "H5'"  2 
ATOM   1190 H "H5''" . DG  B 2 5  ? -4.611  6.600   7.178   1.00 0.31 ? 5  DG  B "H5''" 2 
ATOM   1191 H "H4'"  . DG  B 2 5  ? -5.433  6.789   4.922   1.00 0.30 ? 5  DG  B "H4'"  2 
ATOM   1192 H "H3'"  . DG  B 2 5  ? -5.677  4.489   6.359   1.00 0.26 ? 5  DG  B "H3'"  2 
ATOM   1193 H "H2'"  . DG  B 2 5  ? -3.692  3.567   5.259   1.00 0.25 ? 5  DG  B "H2'"  2 
ATOM   1194 H "H2''" . DG  B 2 5  ? -5.038  2.749   4.380   1.00 0.26 ? 5  DG  B "H2''" 2 
ATOM   1195 H "H1'"  . DG  B 2 5  ? -4.959  4.536   2.680   1.00 0.24 ? 5  DG  B "H1'"  2 
ATOM   1196 H H8     . DG  B 2 5  ? -1.630  3.723   4.522   1.00 0.25 ? 5  DG  B H8     2 
ATOM   1197 H H1     . DG  B 2 5  ? -1.259  3.262   -1.825  1.00 0.22 ? 5  DG  B H1     2 
ATOM   1198 H H21    . DG  B 2 5  ? -3.295  3.859   -2.808  1.00 0.25 ? 5  DG  B H21    2 
ATOM   1199 H H22    . DG  B 2 5  ? -4.698  4.256   -1.808  1.00 0.26 ? 5  DG  B H22    2 
ATOM   1200 P P      . DT  B 2 6  ? -7.882  3.631   4.580   1.00 0.28 ? 6  DT  B P      2 
ATOM   1201 O OP1    . DT  B 2 6  ? -9.201  4.173   4.979   1.00 0.35 ? 6  DT  B OP1    2 
ATOM   1202 O OP2    . DT  B 2 6  ? -7.347  2.427   5.260   1.00 0.32 ? 6  DT  B OP2    2 
ATOM   1203 O "O5'"  . DT  B 2 6  ? -7.902  3.339   2.999   1.00 0.32 ? 6  DT  B "O5'"  2 
ATOM   1204 C "C5'"  . DT  B 2 6  ? -8.417  4.300   2.063   1.00 0.32 ? 6  DT  B "C5'"  2 
ATOM   1205 C "C4'"  . DT  B 2 6  ? -8.429  3.761   0.632   1.00 0.33 ? 6  DT  B "C4'"  2 
ATOM   1206 O "O4'"  . DT  B 2 6  ? -7.103  3.430   0.169   1.00 0.33 ? 6  DT  B "O4'"  2 
ATOM   1207 C "C3'"  . DT  B 2 6  ? -9.282  2.493   0.478   1.00 0.36 ? 6  DT  B "C3'"  2 
ATOM   1208 O "O3'"  . DT  B 2 6  ? -9.965  2.445   -0.785  1.00 0.43 ? 6  DT  B "O3'"  2 
ATOM   1209 C "C2'"  . DT  B 2 6  ? -8.221  1.430   0.671   1.00 0.36 ? 6  DT  B "C2'"  2 
ATOM   1210 C "C1'"  . DT  B 2 6  ? -7.070  2.028   -0.147  1.00 0.31 ? 6  DT  B "C1'"  2 
ATOM   1211 N N1     . DT  B 2 6  ? -5.711  1.480   0.147   1.00 0.25 ? 6  DT  B N1     2 
ATOM   1212 C C2     . DT  B 2 6  ? -4.877  1.204   -0.933  1.00 0.22 ? 6  DT  B C2     2 
ATOM   1213 O O2     . DT  B 2 6  ? -5.200  1.378   -2.105  1.00 0.24 ? 6  DT  B O2     2 
ATOM   1214 N N3     . DT  B 2 6  ? -3.625  0.706   -0.624  1.00 0.20 ? 6  DT  B N3     2 
ATOM   1215 C C4     . DT  B 2 6  ? -3.135  0.459   0.639   1.00 0.21 ? 6  DT  B C4     2 
ATOM   1216 O O4     . DT  B 2 6  ? -2.000  0.012   0.783   1.00 0.25 ? 6  DT  B O4     2 
ATOM   1217 C C5     . DT  B 2 6  ? -4.055  0.767   1.704   1.00 0.25 ? 6  DT  B C5     2 
ATOM   1218 C C7     . DT  B 2 6  ? -3.625  0.526   3.155   1.00 0.29 ? 6  DT  B C7     2 
ATOM   1219 C C6     . DT  B 2 6  ? -5.282  1.256   1.438   1.00 0.28 ? 6  DT  B C6     2 
ATOM   1220 H "H5'"  . DT  B 2 6  ? -7.795  5.193   2.090   1.00 0.34 ? 6  DT  B "H5'"  2 
ATOM   1221 H "H5''" . DT  B 2 6  ? -9.435  4.569   2.348   1.00 0.45 ? 6  DT  B "H5''" 2 
ATOM   1222 H "H4'"  . DT  B 2 6  ? -8.840  4.529   -0.022  1.00 0.38 ? 6  DT  B "H4'"  2 
ATOM   1223 H "H3'"  . DT  B 2 6  ? -10.045 2.465   1.256   1.00 0.39 ? 6  DT  B "H3'"  2 
ATOM   1224 H "H2'"  . DT  B 2 6  ? -7.955  1.447   1.728   1.00 0.41 ? 6  DT  B "H2'"  2 
ATOM   1225 H "H2''" . DT  B 2 6  ? -8.518  0.435   0.343   1.00 0.44 ? 6  DT  B "H2''" 2 
ATOM   1226 H "H1'"  . DT  B 2 6  ? -7.311  1.902   -1.202  1.00 0.39 ? 6  DT  B "H1'"  2 
ATOM   1227 H H3     . DT  B 2 6  ? -2.995  0.507   -1.386  1.00 0.28 ? 6  DT  B H3     2 
ATOM   1228 H H71    . DT  B 2 6  ? -4.354  -0.113  3.653   1.00 0.43 ? 6  DT  B H71    2 
ATOM   1229 H H72    . DT  B 2 6  ? -2.650  0.038   3.179   1.00 0.39 ? 6  DT  B H72    2 
ATOM   1230 H H73    . DT  B 2 6  ? -3.550  1.476   3.684   1.00 0.43 ? 6  DT  B H73    2 
ATOM   1231 H H6     . DT  B 2 6  ? -5.926  1.477   2.290   1.00 0.39 ? 6  DT  B H6     2 
ATOM   1232 P P      . DG  B 2 7  ? -11.067 1.311   -1.132  1.00 0.47 ? 7  DG  B P      2 
ATOM   1233 O OP1    . DG  B 2 7  ? -12.124 1.936   -1.959  1.00 0.54 ? 7  DG  B OP1    2 
ATOM   1234 O OP2    . DG  B 2 7  ? -11.442 0.602   0.113   1.00 0.58 ? 7  DG  B OP2    2 
ATOM   1235 O "O5'"  . DG  B 2 7  ? -10.232 0.283   -2.054  1.00 0.35 ? 7  DG  B "O5'"  2 
ATOM   1236 C "C5'"  . DG  B 2 7  ? -9.894  0.635   -3.402  1.00 0.28 ? 7  DG  B "C5'"  2 
ATOM   1237 C "C4'"  . DG  B 2 7  ? -8.930  -0.348  -4.062  1.00 0.19 ? 7  DG  B "C4'"  2 
ATOM   1238 O "O4'"  . DG  B 2 7  ? -7.656  -0.418  -3.392  1.00 0.20 ? 7  DG  B "O4'"  2 
ATOM   1239 C "C3'"  . DG  B 2 7  ? -9.437  -1.792  -4.193  1.00 0.21 ? 7  DG  B "C3'"  2 
ATOM   1240 O "O3'"  . DG  B 2 7  ? -9.205  -2.229  -5.543  1.00 0.21 ? 7  DG  B "O3'"  2 
ATOM   1241 C "C2'"  . DG  B 2 7  ? -8.604  -2.511  -3.134  1.00 0.21 ? 7  DG  B "C2'"  2 
ATOM   1242 C "C1'"  . DG  B 2 7  ? -7.276  -1.798  -3.322  1.00 0.17 ? 7  DG  B "C1'"  2 
ATOM   1243 N N9     . DG  B 2 7  ? -6.327  -1.992  -2.205  1.00 0.15 ? 7  DG  B N9     2 
ATOM   1244 C C8     . DG  B 2 7  ? -6.527  -1.967  -0.854  1.00 0.16 ? 7  DG  B C8     2 
ATOM   1245 N N7     . DG  B 2 7  ? -5.477  -2.160  -0.112  1.00 0.15 ? 7  DG  B N7     2 
ATOM   1246 C C5     . DG  B 2 7  ? -4.477  -2.332  -1.064  1.00 0.12 ? 7  DG  B C5     2 
ATOM   1247 C C6     . DG  B 2 7  ? -3.094  -2.580  -0.893  1.00 0.11 ? 7  DG  B C6     2 
ATOM   1248 O O6     . DG  B 2 7  ? -2.458  -2.698  0.148   1.00 0.13 ? 7  DG  B O6     2 
ATOM   1249 N N1     . DG  B 2 7  ? -2.435  -2.693  -2.101  1.00 0.10 ? 7  DG  B N1     2 
ATOM   1250 C C2     . DG  B 2 7  ? -3.034  -2.577  -3.338  1.00 0.11 ? 7  DG  B C2     2 
ATOM   1251 N N2     . DG  B 2 7  ? -2.228  -2.737  -4.498  1.00 0.13 ? 7  DG  B N2     2 
ATOM   1252 N N3     . DG  B 2 7  ? -4.331  -2.341  -3.506  1.00 0.13 ? 7  DG  B N3     2 
ATOM   1253 C C4     . DG  B 2 7  ? -4.988  -2.231  -2.335  1.00 0.12 ? 7  DG  B C4     2 
ATOM   1254 H "H5'"  . DG  B 2 7  ? -9.421  1.616   -3.405  1.00 0.30 ? 7  DG  B "H5'"  2 
ATOM   1255 H "H5''" . DG  B 2 7  ? -10.806 0.682   -3.998  1.00 0.33 ? 7  DG  B "H5''" 2 
ATOM   1256 H "H4'"  . DG  B 2 7  ? -8.742  0.003   -5.077  1.00 0.21 ? 7  DG  B "H4'"  2 
ATOM   1257 H "H3'"  . DG  B 2 7  ? -10.512 -1.841  -4.019  1.00 0.27 ? 7  DG  B "H3'"  2 
ATOM   1258 H "H2'"  . DG  B 2 7  ? -8.961  -2.249  -2.138  1.00 0.24 ? 7  DG  B "H2'"  2 
ATOM   1259 H "H2''" . DG  B 2 7  ? -8.498  -3.587  -3.274  1.00 0.25 ? 7  DG  B "H2''" 2 
ATOM   1260 H "H1'"  . DG  B 2 7  ? -6.824  -2.097  -4.268  1.00 0.18 ? 7  DG  B "H1'"  2 
ATOM   1261 H H8     . DG  B 2 7  ? -7.510  -1.802  -0.412  1.00 0.20 ? 7  DG  B H8     2 
ATOM   1262 H H1     . DG  B 2 7  ? -1.448  -2.879  -2.006  1.00 0.11 ? 7  DG  B H1     2 
ATOM   1263 H H21    . DG  B 2 7  ? -1.225  -2.809  -4.415  1.00 0.13 ? 7  DG  B H21    2 
ATOM   1264 H H22    . DG  B 2 7  ? -2.694  -2.775  -5.395  1.00 0.22 ? 7  DG  B H22    2 
ATOM   1265 P P      . DT  B 2 8  ? -9.319  -3.751  -6.065  1.00 0.24 ? 8  DT  B P      2 
ATOM   1266 O OP1    . DT  B 2 8  ? -9.973  -3.739  -7.393  1.00 0.26 ? 8  DT  B OP1    2 
ATOM   1267 O OP2    . DT  B 2 8  ? -9.866  -4.602  -4.982  1.00 0.30 ? 8  DT  B OP2    2 
ATOM   1268 O "O5'"  . DT  B 2 8  ? -7.765  -4.124  -6.256  1.00 0.27 ? 8  DT  B "O5'"  2 
ATOM   1269 C "C5'"  . DT  B 2 8  ? -6.943  -3.441  -7.216  1.00 0.25 ? 8  DT  B "C5'"  2 
ATOM   1270 C "C4'"  . DT  B 2 8  ? -5.535  -4.036  -7.291  1.00 0.22 ? 8  DT  B "C4'"  2 
ATOM   1271 O "O4'"  . DT  B 2 8  ? -4.837  -3.960  -6.031  1.00 0.22 ? 8  DT  B "O4'"  2 
ATOM   1272 C "C3'"  . DT  B 2 8  ? -5.534  -5.513  -7.698  1.00 0.25 ? 8  DT  B "C3'"  2 
ATOM   1273 O "O3'"  . DT  B 2 8  ? -4.395  -5.828  -8.517  1.00 0.26 ? 8  DT  B "O3'"  2 
ATOM   1274 C "C2'"  . DT  B 2 8  ? -5.548  -6.170  -6.333  1.00 0.24 ? 8  DT  B "C2'"  2 
ATOM   1275 C "C1'"  . DT  B 2 8  ? -4.508  -5.301  -5.628  1.00 0.20 ? 8  DT  B "C1'"  2 
ATOM   1276 N N1     . DT  B 2 8  ? -4.519  -5.425  -4.145  1.00 0.17 ? 8  DT  B N1     2 
ATOM   1277 C C2     . DT  B 2 8  ? -3.299  -5.636  -3.513  1.00 0.17 ? 8  DT  B C2     2 
ATOM   1278 O O2     . DT  B 2 8  ? -2.230  -5.731  -4.108  1.00 0.19 ? 8  DT  B O2     2 
ATOM   1279 N N3     . DT  B 2 8  ? -3.336  -5.738  -2.142  1.00 0.17 ? 8  DT  B N3     2 
ATOM   1280 C C4     . DT  B 2 8  ? -4.456  -5.653  -1.346  1.00 0.19 ? 8  DT  B C4     2 
ATOM   1281 O O4     . DT  B 2 8  ? -4.339  -5.755  -0.129  1.00 0.24 ? 8  DT  B O4     2 
ATOM   1282 C C5     . DT  B 2 8  ? -5.689  -5.436  -2.073  1.00 0.19 ? 8  DT  B C5     2 
ATOM   1283 C C7     . DT  B 2 8  ? -7.011  -5.335  -1.305  1.00 0.24 ? 8  DT  B C7     2 
ATOM   1284 C C6     . DT  B 2 8  ? -5.686  -5.327  -3.417  1.00 0.18 ? 8  DT  B C6     2 
ATOM   1285 H "H5'"  . DT  B 2 8  ? -6.859  -2.392  -6.929  1.00 0.27 ? 8  DT  B "H5'"  2 
ATOM   1286 H "H5''" . DT  B 2 8  ? -7.406  -3.503  -8.200  1.00 0.28 ? 8  DT  B "H5''" 2 
ATOM   1287 H "H4'"  . DT  B 2 8  ? -4.966  -3.478  -8.034  1.00 0.25 ? 8  DT  B "H4'"  2 
ATOM   1288 H "H3'"  . DT  B 2 8  ? -6.426  -5.738  -8.283  1.00 0.30 ? 8  DT  B "H3'"  2 
ATOM   1289 H "H2'"  . DT  B 2 8  ? -6.521  -5.983  -5.880  1.00 0.26 ? 8  DT  B "H2'"  2 
ATOM   1290 H "H2''" . DT  B 2 8  ? -5.308  -7.232  -6.331  1.00 0.28 ? 8  DT  B "H2''" 2 
ATOM   1291 H "H1'"  . DT  B 2 8  ? -3.524  -5.546  -6.028  1.00 0.22 ? 8  DT  B "H1'"  2 
ATOM   1292 H H3     . DT  B 2 8  ? -2.453  -5.886  -1.675  1.00 0.18 ? 8  DT  B H3     2 
ATOM   1293 H H71    . DT  B 2 8  ? -6.832  -5.447  -0.235  1.00 0.31 ? 8  DT  B H71    2 
ATOM   1294 H H72    . DT  B 2 8  ? -7.478  -4.366  -1.484  1.00 0.27 ? 8  DT  B H72    2 
ATOM   1295 H H73    . DT  B 2 8  ? -7.687  -6.123  -1.637  1.00 0.28 ? 8  DT  B H73    2 
ATOM   1296 H H6     . DT  B 2 8  ? -6.640  -5.155  -3.914  1.00 0.21 ? 8  DT  B H6     2 
ATOM   1297 P P      . DA  B 2 9  ? -4.102  -7.315  -9.086  1.00 0.30 ? 9  DA  B P      2 
ATOM   1298 O OP1    . DA  B 2 9  ? -3.601  -7.178  -10.473 1.00 0.40 ? 9  DA  B OP1    2 
ATOM   1299 O OP2    . DA  B 2 9  ? -5.281  -8.172  -8.819  1.00 0.37 ? 9  DA  B OP2    2 
ATOM   1300 O "O5'"  . DA  B 2 9  ? -2.894  -7.836  -8.148  1.00 0.24 ? 9  DA  B "O5'"  2 
ATOM   1301 C "C5'"  . DA  B 2 9  ? -1.528  -7.470  -8.411  1.00 0.26 ? 9  DA  B "C5'"  2 
ATOM   1302 C "C4'"  . DA  B 2 9  ? -0.521  -8.282  -7.587  1.00 0.21 ? 9  DA  B "C4'"  2 
ATOM   1303 O "O4'"  . DA  B 2 9  ? -0.618  -8.057  -6.166  1.00 0.21 ? 9  DA  B "O4'"  2 
ATOM   1304 C "C3'"  . DA  B 2 9  ? -0.620  -9.798  -7.798  1.00 0.18 ? 9  DA  B "C3'"  2 
ATOM   1305 O "O3'"  . DA  B 2 9  ? 0.690   -10.377 -7.917  1.00 0.19 ? 9  DA  B "O3'"  2 
ATOM   1306 C "C2'"  . DA  B 2 9  ? -1.398  -10.204 -6.559  1.00 0.16 ? 9  DA  B "C2'"  2 
ATOM   1307 C "C1'"  . DA  B 2 9  ? -0.720  -9.331  -5.510  1.00 0.16 ? 9  DA  B "C1'"  2 
ATOM   1308 N N9     . DA  B 2 9  ? -1.552  -9.161  -4.298  1.00 0.15 ? 9  DA  B N9     2 
ATOM   1309 C C8     . DA  B 2 9  ? -2.893  -8.937  -4.210  1.00 0.18 ? 9  DA  B C8     2 
ATOM   1310 N N7     . DA  B 2 9  ? -3.378  -8.802  -3.012  1.00 0.18 ? 9  DA  B N7     2 
ATOM   1311 C C5     . DA  B 2 9  ? -2.243  -8.951  -2.220  1.00 0.14 ? 9  DA  B C5     2 
ATOM   1312 C C6     . DA  B 2 9  ? -2.051  -8.919  -0.835  1.00 0.13 ? 9  DA  B C6     2 
ATOM   1313 N N6     . DA  B 2 9  ? -3.117  -8.693  0.092   1.00 0.18 ? 9  DA  B N6     2 
ATOM   1314 N N1     . DA  B 2 9  ? -0.805  -9.104  -0.383  1.00 0.13 ? 9  DA  B N1     2 
ATOM   1315 C C2     . DA  B 2 9  ? 0.191   -9.309  -1.236  1.00 0.14 ? 9  DA  B C2     2 
ATOM   1316 N N3     . DA  B 2 9  ? 0.136   -9.360  -2.557  1.00 0.14 ? 9  DA  B N3     2 
ATOM   1317 C C4     . DA  B 2 9  ? -1.128  -9.170  -2.991  1.00 0.13 ? 9  DA  B C4     2 
ATOM   1318 H "H5'"  . DA  B 2 9  ? -1.391  -6.413  -8.182  1.00 0.31 ? 9  DA  B "H5'"  2 
ATOM   1319 H "H5''" . DA  B 2 9  ? -1.316  -7.634  -9.468  1.00 0.32 ? 9  DA  B "H5''" 2 
ATOM   1320 H "H4'"  . DA  B 2 9  ? 0.480   -7.983  -7.898  1.00 0.28 ? 9  DA  B "H4'"  2 
ATOM   1321 H "H3'"  . DA  B 2 9  ? -1.154  -10.016 -8.723  1.00 0.25 ? 9  DA  B "H3'"  2 
ATOM   1322 H "H2'"  . DA  B 2 9  ? -2.426  -9.852  -6.655  1.00 0.22 ? 9  DA  B "H2'"  2 
ATOM   1323 H "H2''" . DA  B 2 9  ? -1.369  -11.267 -6.318  1.00 0.21 ? 9  DA  B "H2''" 2 
ATOM   1324 H "H1'"  . DA  B 2 9  ? 0.271   -9.714  -5.271  1.00 0.18 ? 9  DA  B "H1'"  2 
ATOM   1325 H H8     . DA  B 2 9  ? -3.515  -8.881  -5.102  1.00 0.24 ? 9  DA  B H8     2 
ATOM   1326 H H61    . DA  B 2 9  ? -2.919  -8.630  1.080   1.00 0.19 ? 9  DA  B H61    2 
ATOM   1327 H H62    . DA  B 2 9  ? -4.063  -8.599  -0.250  1.00 0.26 ? 9  DA  B H62    2 
ATOM   1328 H H2     . DA  B 2 9  ? 1.177   -9.453  -0.794  1.00 0.18 ? 9  DA  B H2     2 
ATOM   1329 P P      . DC  B 2 10 ? 0.975   -11.968 -7.978  1.00 0.17 ? 10 DC  B P      2 
ATOM   1330 O OP1    . DC  B 2 10 ? 2.153   -12.191 -8.848  1.00 0.23 ? 10 DC  B OP1    2 
ATOM   1331 O OP2    . DC  B 2 10 ? -0.293  -12.676 -8.267  1.00 0.22 ? 10 DC  B OP2    2 
ATOM   1332 O "O5'"  . DC  B 2 10 ? 1.391   -12.292 -6.456  1.00 0.21 ? 10 DC  B "O5'"  2 
ATOM   1333 C "C5'"  . DC  B 2 10 ? 2.617   -11.788 -5.905  1.00 0.23 ? 10 DC  B "C5'"  2 
ATOM   1334 C "C4'"  . DC  B 2 10 ? 2.825   -12.198 -4.448  1.00 0.24 ? 10 DC  B "C4'"  2 
ATOM   1335 O "O4'"  . DC  B 2 10 ? 1.788   -11.698 -3.577  1.00 0.26 ? 10 DC  B "O4'"  2 
ATOM   1336 C "C3'"  . DC  B 2 10 ? 2.893   -13.717 -4.222  1.00 0.22 ? 10 DC  B "C3'"  2 
ATOM   1337 O "O3'"  . DC  B 2 10 ? 3.954   -14.051 -3.311  1.00 0.33 ? 10 DC  B "O3'"  2 
ATOM   1338 C "C2'"  . DC  B 2 10 ? 1.498   -13.997 -3.700  1.00 0.21 ? 10 DC  B "C2'"  2 
ATOM   1339 C "C1'"  . DC  B 2 10 ? 1.327   -12.796 -2.781  1.00 0.23 ? 10 DC  B "C1'"  2 
ATOM   1340 N N1     . DC  B 2 10 ? -0.074  -12.578 -2.329  1.00 0.17 ? 10 DC  B N1     2 
ATOM   1341 C C2     . DC  B 2 10 ? -0.307  -12.479 -0.960  1.00 0.17 ? 10 DC  B C2     2 
ATOM   1342 O O2     . DC  B 2 10 ? 0.596   -12.574 -0.136  1.00 0.23 ? 10 DC  B O2     2 
ATOM   1343 N N3     . DC  B 2 10 ? -1.578  -12.271 -0.536  1.00 0.17 ? 10 DC  B N3     2 
ATOM   1344 C C4     . DC  B 2 10 ? -2.589  -12.167 -1.402  1.00 0.18 ? 10 DC  B C4     2 
ATOM   1345 N N4     . DC  B 2 10 ? -3.908  -11.944 -0.904  1.00 0.23 ? 10 DC  B N4     2 
ATOM   1346 C C5     . DC  B 2 10 ? -2.375  -12.268 -2.809  1.00 0.19 ? 10 DC  B C5     2 
ATOM   1347 C C6     . DC  B 2 10 ? -1.107  -12.472 -3.228  1.00 0.21 ? 10 DC  B C6     2 
ATOM   1348 H "H5'"  . DC  B 2 10 ? 2.601   -10.699 -5.953  1.00 0.40 ? 10 DC  B "H5'"  2 
ATOM   1349 H "H5''" . DC  B 2 10 ? 3.455   -12.156 -6.499  1.00 0.33 ? 10 DC  B "H5''" 2 
ATOM   1350 H "H4'"  . DC  B 2 10 ? 3.774   -11.781 -4.110  1.00 0.35 ? 10 DC  B "H4'"  2 
ATOM   1351 H "H3'"  . DC  B 2 10 ? 3.093   -14.231 -5.162  1.00 0.33 ? 10 DC  B "H3'"  2 
ATOM   1352 H "H2'"  . DC  B 2 10 ? 0.800   -13.909 -4.534  1.00 0.32 ? 10 DC  B "H2'"  2 
ATOM   1353 H "H2''" . DC  B 2 10 ? 1.400   -14.935 -3.153  1.00 0.36 ? 10 DC  B "H2''" 2 
ATOM   1354 H "H1'"  . DC  B 2 10 ? 1.996   -12.921 -1.931  1.00 0.37 ? 10 DC  B "H1'"  2 
ATOM   1355 H H41    . DC  B 2 10 ? -4.027  -11.813 0.091   1.00 0.33 ? 10 DC  B H41    2 
ATOM   1356 H H42    . DC  B 2 10 ? -4.692  -11.917 -1.541  1.00 0.39 ? 10 DC  B H42    2 
ATOM   1357 H H5     . DC  B 2 10 ? -3.218  -12.183 -3.495  1.00 0.33 ? 10 DC  B H5     2 
ATOM   1358 H H6     . DC  B 2 10 ? -0.920  -12.547 -4.299  1.00 0.38 ? 10 DC  B H6     2 
ATOM   1359 P P      . DG  B 2 11 ? 4.187   -15.539 -2.722  1.00 0.35 ? 11 DG  B P      2 
ATOM   1360 O OP1    . DG  B 2 11 ? 5.643   -15.745 -2.548  1.00 0.41 ? 11 DG  B OP1    2 
ATOM   1361 O OP2    . DG  B 2 11 ? 3.406   -16.509 -3.525  1.00 0.35 ? 11 DG  B OP2    2 
ATOM   1362 O "O5'"  . DG  B 2 11 ? 3.506   -15.446 -1.261  1.00 0.40 ? 11 DG  B "O5'"  2 
ATOM   1363 C "C5'"  . DG  B 2 11 ? 4.190   -14.826 -0.159  1.00 0.43 ? 11 DG  B "C5'"  2 
ATOM   1364 C "C4'"  . DG  B 2 11 ? 3.587   -15.198 1.198   1.00 0.45 ? 11 DG  B "C4'"  2 
ATOM   1365 O "O4'"  . DG  B 2 11 ? 2.245   -14.707 1.392   1.00 0.39 ? 11 DG  B "O4'"  2 
ATOM   1366 C "C3'"  . DG  B 2 11 ? 3.523   -16.717 1.426   1.00 0.53 ? 11 DG  B "C3'"  2 
ATOM   1367 O "O3'"  . DG  B 2 11 ? 3.806   -17.045 2.793   1.00 0.65 ? 11 DG  B "O3'"  2 
ATOM   1368 C "C2'"  . DG  B 2 11 ? 2.075   -16.986 1.053   1.00 0.49 ? 11 DG  B "C2'"  2 
ATOM   1369 C "C1'"  . DG  B 2 11 ? 1.422   -15.819 1.771   1.00 0.41 ? 11 DG  B "C1'"  2 
ATOM   1370 N N9     . DG  B 2 11 ? 0.009   -15.591 1.415   1.00 0.37 ? 11 DG  B N9     2 
ATOM   1371 C C8     . DG  B 2 11 ? -0.602  -15.596 0.197   1.00 0.36 ? 11 DG  B C8     2 
ATOM   1372 N N7     . DG  B 2 11 ? -1.879  -15.346 0.195   1.00 0.36 ? 11 DG  B N7     2 
ATOM   1373 C C5     . DG  B 2 11 ? -2.144  -15.157 1.551   1.00 0.35 ? 11 DG  B C5     2 
ATOM   1374 C C6     . DG  B 2 11 ? -3.364  -14.853 2.203   1.00 0.39 ? 11 DG  B C6     2 
ATOM   1375 O O6     . DG  B 2 11 ? -4.473  -14.686 1.709   1.00 0.46 ? 11 DG  B O6     2 
ATOM   1376 N N1     . DG  B 2 11 ? -3.211  -14.746 3.576   1.00 0.37 ? 11 DG  B N1     2 
ATOM   1377 C C2     . DG  B 2 11 ? -2.017  -14.912 4.248   1.00 0.35 ? 11 DG  B C2     2 
ATOM   1378 N N2     . DG  B 2 11 ? -2.038  -14.760 5.665   1.00 0.35 ? 11 DG  B N2     2 
ATOM   1379 N N3     . DG  B 2 11 ? -0.866  -15.198 3.640   1.00 0.36 ? 11 DG  B N3     2 
ATOM   1380 C C4     . DG  B 2 11 ? -1.002  -15.306 2.298   1.00 0.34 ? 11 DG  B C4     2 
ATOM   1381 H "H5'"  . DG  B 2 11 ? 4.161   -13.743 -0.274  1.00 0.43 ? 11 DG  B "H5'"  2 
ATOM   1382 H "H5''" . DG  B 2 11 ? 5.230   -15.152 -0.167  1.00 0.50 ? 11 DG  B "H5''" 2 
ATOM   1383 H "H4'"  . DG  B 2 11 ? 4.218   -14.771 1.978   1.00 0.53 ? 11 DG  B "H4'"  2 
ATOM   1384 H "H3'"  . DG  B 2 11 ? 4.238   -17.236 0.788   1.00 0.60 ? 11 DG  B "H3'"  2 
ATOM   1385 H "HO3'" . DG  B 2 11 ? 3.818   -18.001 2.860   1.00 0.76 ? 11 DG  B "HO3'" 2 
ATOM   1386 H "H2'"  . DG  B 2 11 ? 1.939   -16.856 -0.021  1.00 0.47 ? 11 DG  B "H2'"  2 
ATOM   1387 H "H2''" . DG  B 2 11 ? 1.661   -17.937 1.388   1.00 0.59 ? 11 DG  B "H2''" 2 
ATOM   1388 H "H1'"  . DG  B 2 11 ? 1.496   -16.006 2.842   1.00 0.48 ? 11 DG  B "H1'"  2 
ATOM   1389 H H8     . DG  B 2 11 ? -0.052  -15.802 -0.721  1.00 0.39 ? 11 DG  B H8     2 
ATOM   1390 H H1     . DG  B 2 11 ? -4.061  -14.529 4.077   1.00 0.40 ? 11 DG  B H1     2 
ATOM   1391 H H21    . DG  B 2 11 ? -2.913  -14.552 6.126   1.00 0.38 ? 11 DG  B H21    2 
ATOM   1392 H H22    . DG  B 2 11 ? -1.182  -14.857 6.192   1.00 0.40 ? 11 DG  B H22    2 
# 
